data_8YYK
#
_entry.id   8YYK
#
_cell.length_a   65.304
_cell.length_b   133.380
_cell.length_c   117.751
_cell.angle_alpha   90.000
_cell.angle_beta   92.019
_cell.angle_gamma   90.000
#
_symmetry.space_group_name_H-M   'P 1 21 1'
#
loop_
_entity.id
_entity.type
_entity.pdbx_description
1 polymer 'Ribonuclease J 2'
2 non-polymer 'MANGANESE (II) ION'
#
_entity_poly.entity_id   1
_entity_poly.type   'polypeptide(L)'
_entity_poly.pdbx_seq_one_letter_code
;MGSSHHHHHHSQDPMSLIKKKNKDIRIIPLGGVGEIAKNMYIVEVDDEMFMLDAGLMFPEDEMLGVDIVIPDIQYVIENK
ERLKGIFLTHGHEHAIGAVSYVLEQIDAPVYGSKLTIALVKEAMKARNIKKKVRYYTVNHDSIMRFKNVNVSFFNTTHSI
PDSLGVCIHTSYGSIVYTGEFKFDQSLHGHYAPDLKRMAEIGDEGVFALISDSTEAEKPGYNTPENIIEHHMYDAFAKVK
GRLIVSCYASNFVRIQQVLNIASQLNRKVSFLGRSLESSFNIARKMGYFDIPKDLLIPINEVENYPKNEVIIIATGMQGE
PVEALSQMARKKHKIMNIEEGDSIFLAITASANMEVIIADTLNELVRAGAHIIPNNKKIHASSHGCMEELKMMLNIMKPE
YFVPVQGEFKMQIAHAKLAAETGVAPEKIFLVEKGDVISYNGKDMILNEKVQSGNILIDGIGVGDVGNIVLRDRHLLAED
GIFIAVVTLDPKNRRIAAGPEIQSRGFVYVRESEELLKEAEEKVRKIVEEGLQEKRIEWSEIKQNMRDQISKLLFESTKR
RPMIIPVISEI
;
_entity_poly.pdbx_strand_id   A,B,C,D
#
loop_
_chem_comp.id
_chem_comp.type
_chem_comp.name
_chem_comp.formula
MN non-polymer 'MANGANESE (II) ION' 'Mn 2'
#
# COMPACT_ATOMS: atom_id res chain seq x y z
N LEU A 17 -28.05 -0.37 34.08
CA LEU A 17 -29.31 0.40 34.35
C LEU A 17 -28.97 1.80 34.90
N ILE A 18 -29.98 2.69 34.88
CA ILE A 18 -29.79 4.12 35.12
C ILE A 18 -29.99 4.43 36.60
N LYS A 19 -29.28 5.46 37.10
CA LYS A 19 -29.42 5.91 38.48
C LYS A 19 -30.44 7.06 38.59
N LYS A 20 -30.15 8.21 37.96
CA LYS A 20 -30.92 9.43 38.18
C LYS A 20 -31.19 10.12 36.85
N LYS A 21 -32.03 11.17 36.88
CA LYS A 21 -32.30 12.00 35.70
C LYS A 21 -31.10 12.92 35.47
N ASN A 22 -30.44 12.78 34.31
CA ASN A 22 -29.25 13.57 33.98
C ASN A 22 -29.64 14.78 33.14
N LYS A 23 -28.79 15.84 33.16
CA LYS A 23 -29.03 17.05 32.38
C LYS A 23 -28.00 17.19 31.27
N ASP A 24 -26.70 17.18 31.61
CA ASP A 24 -25.65 17.56 30.67
C ASP A 24 -24.75 16.37 30.34
N ILE A 25 -24.52 16.19 29.03
CA ILE A 25 -23.50 15.29 28.50
C ILE A 25 -22.49 16.10 27.70
N ARG A 26 -21.20 15.85 27.94
CA ARG A 26 -20.13 16.44 27.16
C ARG A 26 -19.14 15.37 26.71
N ILE A 27 -18.73 15.45 25.44
CA ILE A 27 -17.84 14.47 24.82
C ILE A 27 -16.67 15.22 24.18
N ILE A 28 -15.46 14.99 24.71
CA ILE A 28 -14.28 15.71 24.26
C ILE A 28 -13.14 14.74 23.94
N PRO A 29 -12.71 14.66 22.66
CA PRO A 29 -11.51 13.92 22.28
C PRO A 29 -10.22 14.75 22.46
N LEU A 30 -9.27 14.21 23.26
CA LEU A 30 -7.97 14.84 23.44
C LEU A 30 -6.89 14.08 22.68
N GLY A 31 -7.31 12.97 22.07
CA GLY A 31 -6.45 12.14 21.24
C GLY A 31 -7.24 11.10 20.43
N GLY A 32 -6.70 10.73 19.26
CA GLY A 32 -7.24 9.63 18.47
C GLY A 32 -8.18 10.09 17.36
N VAL A 33 -8.31 11.42 17.17
CA VAL A 33 -9.05 11.98 16.05
C VAL A 33 -8.08 12.80 15.22
N GLY A 34 -8.28 12.74 13.90
CA GLY A 34 -7.34 13.34 12.95
C GLY A 34 -5.96 12.71 13.04
N GLU A 35 -5.88 11.48 13.55
CA GLU A 35 -4.63 10.75 13.66
C GLU A 35 -4.97 9.29 13.98
N ILE A 36 -4.02 8.39 13.74
CA ILE A 36 -4.29 6.98 13.94
C ILE A 36 -3.49 6.48 15.14
N ALA A 37 -3.93 6.82 16.37
CA ALA A 37 -3.37 6.33 17.65
C ALA A 37 -3.66 7.36 18.75
N LYS A 38 -3.00 7.20 19.92
CA LYS A 38 -3.18 8.11 21.04
C LYS A 38 -4.67 8.22 21.34
N ASN A 39 -5.27 7.13 21.82
CA ASN A 39 -6.68 7.16 22.16
C ASN A 39 -6.87 7.88 23.49
N MET A 40 -7.74 8.89 23.50
CA MET A 40 -8.17 9.50 24.74
C MET A 40 -9.45 10.29 24.50
N TYR A 41 -10.54 9.82 25.12
CA TYR A 41 -11.85 10.43 24.96
C TYR A 41 -12.42 10.76 26.34
N ILE A 42 -12.77 12.05 26.55
CA ILE A 42 -13.37 12.51 27.79
C ILE A 42 -14.87 12.50 27.61
N VAL A 43 -15.56 11.89 28.59
CA VAL A 43 -17.01 11.95 28.67
C VAL A 43 -17.41 12.52 30.03
N GLU A 44 -18.28 13.53 30.00
CA GLU A 44 -18.85 14.14 31.20
C GLU A 44 -20.36 13.93 31.23
N VAL A 45 -20.85 13.45 32.38
CA VAL A 45 -22.28 13.44 32.64
C VAL A 45 -22.50 14.30 33.89
N ASP A 46 -23.09 15.49 33.68
CA ASP A 46 -23.20 16.51 34.72
C ASP A 46 -21.80 16.84 35.24
N ASP A 47 -21.62 16.71 36.57
CA ASP A 47 -20.41 17.14 37.28
C ASP A 47 -19.37 16.02 37.37
N GLU A 48 -19.53 14.95 36.59
CA GLU A 48 -18.62 13.82 36.67
C GLU A 48 -17.95 13.62 35.32
N MET A 49 -16.68 13.23 35.40
CA MET A 49 -15.81 13.16 34.23
C MET A 49 -15.16 11.77 34.19
N PHE A 50 -15.11 11.21 32.99
CA PHE A 50 -14.55 9.88 32.76
C PHE A 50 -13.61 9.93 31.58
N MET A 51 -12.47 9.27 31.72
CA MET A 51 -11.50 9.22 30.64
C MET A 51 -11.50 7.82 30.05
N LEU A 52 -11.77 7.71 28.75
CA LEU A 52 -11.83 6.42 28.07
C LEU A 52 -10.54 6.24 27.24
N ASP A 53 -9.58 5.49 27.81
CA ASP A 53 -8.29 5.18 27.21
C ASP A 53 -7.30 6.34 27.37
N ALA A 54 -6.01 6.01 27.22
CA ALA A 54 -4.93 6.96 27.40
C ALA A 54 -3.69 6.47 26.64
N GLY A 55 -3.81 6.49 25.30
CA GLY A 55 -2.81 5.92 24.42
C GLY A 55 -1.65 6.89 24.13
N LEU A 56 -0.55 6.32 23.64
CA LEU A 56 0.53 7.12 23.07
C LEU A 56 0.52 6.95 21.55
N MET A 57 1.34 7.78 20.89
CA MET A 57 1.56 7.67 19.46
C MET A 57 3.07 7.68 19.22
N PHE A 58 3.52 6.72 18.42
CA PHE A 58 4.92 6.65 18.07
C PHE A 58 5.10 7.68 16.97
N PRO A 59 5.74 8.83 17.28
CA PRO A 59 5.91 9.89 16.31
C PRO A 59 6.41 9.24 15.04
N GLU A 60 5.63 9.33 13.97
CA GLU A 60 6.03 8.82 12.67
C GLU A 60 6.50 10.03 11.90
N ASP A 61 6.56 9.90 10.58
CA ASP A 61 7.02 10.97 9.70
C ASP A 61 8.52 11.19 9.92
N ASP A 67 11.08 9.03 20.62
CA ASP A 67 10.45 8.15 21.63
C ASP A 67 8.93 8.14 21.38
N ILE A 68 8.16 8.95 22.12
CA ILE A 68 6.71 8.81 22.14
C ILE A 68 6.05 10.19 22.19
N VAL A 69 4.75 10.19 21.86
CA VAL A 69 3.89 11.36 21.95
C VAL A 69 2.66 11.02 22.78
N ILE A 70 2.28 11.93 23.70
CA ILE A 70 1.10 11.73 24.54
C ILE A 70 0.18 12.93 24.44
N PRO A 71 -1.12 12.78 24.80
CA PRO A 71 -2.09 13.88 24.71
C PRO A 71 -1.87 15.00 25.72
N ASP A 72 -2.41 16.19 25.42
CA ASP A 72 -2.39 17.29 26.39
C ASP A 72 -3.65 17.23 27.26
N ILE A 73 -3.43 17.04 28.57
CA ILE A 73 -4.50 16.80 29.54
C ILE A 73 -4.69 18.02 30.44
N GLN A 74 -4.38 19.21 29.92
CA GLN A 74 -4.49 20.43 30.70
C GLN A 74 -5.95 20.65 31.09
N TYR A 75 -6.86 20.25 30.19
CA TYR A 75 -8.30 20.36 30.45
C TYR A 75 -8.67 19.49 31.64
N VAL A 76 -8.05 18.32 31.74
CA VAL A 76 -8.39 17.36 32.77
C VAL A 76 -7.86 17.87 34.11
N ILE A 77 -6.65 18.46 34.09
CA ILE A 77 -6.00 18.92 35.31
C ILE A 77 -6.79 20.06 35.95
N GLU A 78 -7.25 21.02 35.14
CA GLU A 78 -8.05 22.13 35.64
C GLU A 78 -9.38 21.65 36.24
N ASN A 79 -9.81 20.43 35.88
CA ASN A 79 -11.06 19.87 36.35
C ASN A 79 -10.80 18.52 37.03
N LYS A 80 -9.61 18.39 37.66
CA LYS A 80 -9.13 17.17 38.28
C LYS A 80 -10.07 16.67 39.38
N GLU A 81 -10.78 17.61 40.01
CA GLU A 81 -11.65 17.32 41.14
C GLU A 81 -12.79 16.41 40.69
N ARG A 82 -13.08 16.41 39.38
CA ARG A 82 -14.32 15.83 38.89
C ARG A 82 -14.05 14.55 38.12
N LEU A 83 -12.77 14.15 38.02
CA LEU A 83 -12.41 12.94 37.30
C LEU A 83 -12.66 11.71 38.18
N LYS A 84 -13.69 10.92 37.84
CA LYS A 84 -14.12 9.83 38.68
C LYS A 84 -13.35 8.55 38.36
N GLY A 85 -12.90 8.37 37.11
CA GLY A 85 -12.22 7.12 36.78
C GLY A 85 -11.56 7.13 35.40
N ILE A 86 -10.61 6.21 35.21
CA ILE A 86 -9.98 5.98 33.91
C ILE A 86 -10.31 4.57 33.44
N PHE A 87 -10.89 4.45 32.24
CA PHE A 87 -11.34 3.16 31.74
C PHE A 87 -10.51 2.74 30.54
N LEU A 88 -9.94 1.53 30.62
CA LEU A 88 -8.97 1.05 29.65
C LEU A 88 -9.53 -0.20 28.94
N THR A 89 -9.67 -0.07 27.62
CA THR A 89 -10.29 -1.09 26.78
C THR A 89 -9.37 -2.32 26.58
N HIS A 90 -8.08 -2.11 26.31
CA HIS A 90 -7.21 -3.23 25.98
C HIS A 90 -5.73 -2.90 26.23
N GLY A 91 -4.87 -3.93 26.14
CA GLY A 91 -3.49 -3.86 26.59
C GLY A 91 -2.50 -3.18 25.64
N HIS A 92 -2.94 -2.67 24.48
CA HIS A 92 -2.03 -2.09 23.50
C HIS A 92 -1.60 -0.69 23.93
N GLU A 93 -0.50 -0.23 23.31
CA GLU A 93 0.14 1.01 23.69
C GLU A 93 -0.67 2.20 23.16
N HIS A 94 -1.59 1.92 22.24
CA HIS A 94 -2.48 2.92 21.70
C HIS A 94 -3.66 3.13 22.67
N ALA A 95 -3.73 2.31 23.73
CA ALA A 95 -4.80 2.45 24.70
C ALA A 95 -4.28 2.86 26.07
N ILE A 96 -3.12 2.31 26.49
CA ILE A 96 -2.64 2.45 27.87
C ILE A 96 -1.22 3.03 27.93
N GLY A 97 -0.72 3.55 26.79
CA GLY A 97 0.67 3.98 26.68
C GLY A 97 0.98 5.26 27.50
N ALA A 98 -0.04 6.08 27.75
CA ALA A 98 0.15 7.36 28.42
C ALA A 98 -0.32 7.31 29.86
N VAL A 99 -0.67 6.13 30.38
CA VAL A 99 -1.38 6.09 31.66
C VAL A 99 -0.45 6.53 32.79
N SER A 100 0.80 6.06 32.75
CA SER A 100 1.79 6.39 33.77
C SER A 100 1.95 7.89 33.88
N TYR A 101 2.02 8.57 32.73
CA TYR A 101 2.26 10.00 32.72
C TYR A 101 1.02 10.74 33.23
N VAL A 102 -0.17 10.18 33.00
CA VAL A 102 -1.40 10.77 33.50
C VAL A 102 -1.41 10.67 35.02
N LEU A 103 -1.01 9.50 35.52
CA LEU A 103 -1.10 9.20 36.94
C LEU A 103 -0.08 10.01 37.74
N GLU A 104 1.00 10.50 37.09
CA GLU A 104 1.98 11.37 37.73
C GLU A 104 1.33 12.70 38.11
N GLN A 105 0.49 13.24 37.22
CA GLN A 105 -0.08 14.57 37.42
C GLN A 105 -1.42 14.52 38.14
N ILE A 106 -2.13 13.36 38.08
CA ILE A 106 -3.46 13.21 38.67
C ILE A 106 -3.58 11.85 39.36
N ASP A 107 -4.36 11.79 40.45
CA ASP A 107 -4.71 10.54 41.12
C ASP A 107 -6.17 10.22 40.81
N ALA A 108 -6.41 9.17 40.02
CA ALA A 108 -7.75 8.63 39.82
C ALA A 108 -7.71 7.11 39.78
N PRO A 109 -8.82 6.39 40.09
CA PRO A 109 -8.86 4.92 39.98
C PRO A 109 -8.80 4.45 38.53
N VAL A 110 -8.10 3.31 38.34
CA VAL A 110 -7.89 2.73 37.02
C VAL A 110 -8.76 1.48 36.89
N TYR A 111 -9.65 1.47 35.88
CA TYR A 111 -10.50 0.33 35.59
C TYR A 111 -10.05 -0.35 34.29
N GLY A 112 -9.93 -1.68 34.33
CA GLY A 112 -9.57 -2.45 33.15
C GLY A 112 -9.74 -3.95 33.36
N SER A 113 -9.54 -4.72 32.28
CA SER A 113 -9.59 -6.18 32.35
C SER A 113 -8.36 -6.71 33.11
N LYS A 114 -8.39 -8.01 33.42
CA LYS A 114 -7.34 -8.70 34.15
C LYS A 114 -5.97 -8.47 33.52
N LEU A 115 -5.90 -8.60 32.17
CA LEU A 115 -4.66 -8.48 31.42
C LEU A 115 -4.23 -7.01 31.32
N THR A 116 -5.20 -6.11 31.15
CA THR A 116 -4.91 -4.71 30.90
C THR A 116 -4.26 -4.10 32.15
N ILE A 117 -4.82 -4.40 33.33
CA ILE A 117 -4.27 -3.93 34.60
C ILE A 117 -2.84 -4.45 34.76
N ALA A 118 -2.61 -5.73 34.42
CA ALA A 118 -1.30 -6.33 34.54
C ALA A 118 -0.26 -5.52 33.78
N LEU A 119 -0.62 -5.15 32.54
CA LEU A 119 0.31 -4.49 31.63
C LEU A 119 0.55 -3.05 32.05
N VAL A 120 -0.45 -2.41 32.68
CA VAL A 120 -0.35 -1.05 33.19
C VAL A 120 0.60 -1.03 34.39
N LYS A 121 0.40 -1.97 35.31
CA LYS A 121 1.24 -2.10 36.48
C LYS A 121 2.70 -2.30 36.08
N GLU A 122 2.93 -3.10 35.03
CA GLU A 122 4.28 -3.37 34.55
C GLU A 122 4.91 -2.08 34.01
N ALA A 123 4.10 -1.25 33.35
CA ALA A 123 4.57 0.02 32.82
C ALA A 123 4.99 0.94 33.95
N MET A 124 4.26 0.89 35.08
CA MET A 124 4.54 1.69 36.26
C MET A 124 5.81 1.20 36.96
N LYS A 125 5.99 -0.13 37.02
CA LYS A 125 7.17 -0.75 37.61
C LYS A 125 8.39 -0.42 36.75
N ALA A 126 8.20 -0.43 35.43
CA ALA A 126 9.27 -0.20 34.48
C ALA A 126 9.76 1.24 34.53
N ARG A 127 8.88 2.18 34.92
CA ARG A 127 9.23 3.59 35.02
C ARG A 127 9.63 3.94 36.47
N ASN A 128 9.72 2.92 37.33
CA ASN A 128 10.10 3.05 38.74
C ASN A 128 9.24 4.12 39.43
N ILE A 129 7.92 4.09 39.17
CA ILE A 129 6.98 5.04 39.77
C ILE A 129 6.41 4.42 41.04
N LYS A 130 6.68 5.08 42.18
CA LYS A 130 6.32 4.57 43.49
C LYS A 130 4.92 5.03 43.93
N LYS A 131 4.24 5.88 43.13
CA LYS A 131 2.92 6.40 43.49
C LYS A 131 1.92 5.26 43.73
N LYS A 132 1.12 5.37 44.81
CA LYS A 132 0.11 4.37 45.13
C LYS A 132 -1.09 4.58 44.20
N VAL A 133 -1.54 3.49 43.54
CA VAL A 133 -2.61 3.58 42.55
C VAL A 133 -3.72 2.60 42.92
N ARG A 134 -4.98 3.06 42.84
CA ARG A 134 -6.14 2.20 43.05
C ARG A 134 -6.54 1.55 41.71
N TYR A 135 -6.25 0.25 41.60
CA TYR A 135 -6.56 -0.55 40.42
C TYR A 135 -7.83 -1.34 40.65
N TYR A 136 -8.80 -1.26 39.72
CA TYR A 136 -9.99 -2.11 39.79
C TYR A 136 -10.05 -3.00 38.55
N THR A 137 -9.91 -4.31 38.77
CA THR A 137 -10.08 -5.29 37.71
C THR A 137 -11.57 -5.47 37.43
N VAL A 138 -11.98 -5.32 36.16
CA VAL A 138 -13.37 -5.48 35.76
C VAL A 138 -13.48 -6.62 34.76
N ASN A 139 -14.73 -7.09 34.60
CA ASN A 139 -15.08 -8.04 33.55
C ASN A 139 -16.44 -7.63 33.00
N HIS A 140 -16.96 -8.39 32.03
CA HIS A 140 -18.24 -8.11 31.38
C HIS A 140 -19.41 -8.25 32.34
N ASP A 141 -19.17 -8.79 33.55
CA ASP A 141 -20.20 -8.89 34.58
C ASP A 141 -20.08 -7.74 35.59
N SER A 142 -19.01 -6.93 35.51
CA SER A 142 -18.82 -5.85 36.47
C SER A 142 -19.73 -4.67 36.12
N ILE A 143 -20.23 -4.00 37.17
CA ILE A 143 -21.10 -2.83 37.04
C ILE A 143 -20.69 -1.77 38.07
N MET A 144 -19.87 -0.82 37.64
CA MET A 144 -19.23 0.15 38.52
C MET A 144 -20.17 1.33 38.74
N ARG A 145 -20.36 1.74 40.00
CA ARG A 145 -21.38 2.72 40.34
C ARG A 145 -20.74 4.07 40.68
N PHE A 146 -21.40 5.15 40.26
CA PHE A 146 -20.94 6.52 40.49
C PHE A 146 -22.12 7.39 40.89
N LYS A 147 -21.86 8.69 41.08
CA LYS A 147 -22.86 9.61 41.59
C LYS A 147 -23.99 9.82 40.58
N ASN A 148 -23.64 9.96 39.29
CA ASN A 148 -24.63 10.29 38.28
C ASN A 148 -24.97 9.10 37.38
N VAL A 149 -24.06 8.14 37.27
CA VAL A 149 -24.19 7.07 36.29
C VAL A 149 -23.60 5.75 36.80
N ASN A 150 -24.05 4.66 36.15
CA ASN A 150 -23.44 3.36 36.31
C ASN A 150 -22.70 2.99 35.02
N VAL A 151 -21.57 2.29 35.15
CA VAL A 151 -20.75 1.93 34.01
C VAL A 151 -20.72 0.40 33.90
N SER A 152 -21.00 -0.15 32.72
CA SER A 152 -20.86 -1.59 32.47
C SER A 152 -19.86 -1.85 31.32
N PHE A 153 -19.54 -3.13 31.09
CA PHE A 153 -18.55 -3.51 30.08
C PHE A 153 -19.03 -4.70 29.25
N PHE A 154 -18.43 -4.87 28.07
CA PHE A 154 -18.71 -6.01 27.21
C PHE A 154 -17.45 -6.41 26.43
N ASN A 155 -17.29 -7.71 26.17
CA ASN A 155 -16.11 -8.20 25.49
C ASN A 155 -16.18 -7.89 23.99
N THR A 156 -15.02 -7.56 23.39
CA THR A 156 -14.88 -7.32 21.97
C THR A 156 -13.83 -8.29 21.39
N THR A 157 -13.79 -8.40 20.06
CA THR A 157 -12.73 -9.11 19.35
C THR A 157 -11.62 -8.15 18.89
N HIS A 158 -10.35 -8.41 19.26
CA HIS A 158 -9.20 -7.60 18.82
C HIS A 158 -8.00 -8.54 18.65
N SER A 159 -6.82 -7.98 18.38
CA SER A 159 -5.60 -8.76 18.25
C SER A 159 -5.06 -9.17 19.61
N ILE A 160 -5.63 -8.62 20.69
CA ILE A 160 -5.20 -8.94 22.05
C ILE A 160 -6.43 -9.40 22.86
N PRO A 161 -6.29 -10.47 23.70
CA PRO A 161 -7.42 -10.95 24.52
C PRO A 161 -7.84 -9.99 25.64
N ASP A 162 -9.05 -10.22 26.15
CA ASP A 162 -9.65 -9.43 27.21
C ASP A 162 -9.72 -7.94 26.85
N SER A 163 -10.18 -7.66 25.63
CA SER A 163 -10.53 -6.30 25.22
C SER A 163 -12.00 -6.04 25.56
N LEU A 164 -12.28 -4.83 26.07
CA LEU A 164 -13.61 -4.49 26.55
C LEU A 164 -14.11 -3.24 25.84
N GLY A 165 -15.43 -3.19 25.69
CA GLY A 165 -16.17 -1.98 25.37
C GLY A 165 -16.75 -1.39 26.65
N VAL A 166 -16.92 -0.07 26.66
CA VAL A 166 -17.40 0.60 27.86
C VAL A 166 -18.78 1.13 27.59
N CYS A 167 -19.68 0.91 28.54
CA CYS A 167 -21.07 1.35 28.42
C CYS A 167 -21.41 2.27 29.58
N ILE A 168 -21.52 3.58 29.32
CA ILE A 168 -21.91 4.55 30.35
C ILE A 168 -23.43 4.78 30.30
N HIS A 169 -24.12 4.44 31.39
CA HIS A 169 -25.57 4.46 31.40
C HIS A 169 -26.09 5.80 31.90
N THR A 170 -26.76 6.54 30.99
CA THR A 170 -27.37 7.82 31.34
C THR A 170 -28.88 7.74 31.14
N SER A 171 -29.61 8.74 31.65
CA SER A 171 -31.06 8.80 31.50
C SER A 171 -31.42 8.99 30.03
N TYR A 172 -30.51 9.57 29.24
CA TYR A 172 -30.72 9.81 27.82
C TYR A 172 -30.54 8.53 27.01
N GLY A 173 -29.93 7.49 27.62
CA GLY A 173 -29.53 6.28 26.92
C GLY A 173 -28.05 5.97 27.17
N SER A 174 -27.53 4.90 26.55
CA SER A 174 -26.16 4.48 26.81
C SER A 174 -25.18 5.29 25.95
N ILE A 175 -24.05 5.66 26.55
CA ILE A 175 -22.91 6.14 25.80
C ILE A 175 -21.93 4.97 25.67
N VAL A 176 -21.76 4.50 24.44
CA VAL A 176 -20.93 3.32 24.18
C VAL A 176 -19.64 3.72 23.48
N TYR A 177 -18.53 3.27 24.06
CA TYR A 177 -17.24 3.36 23.41
C TYR A 177 -16.72 1.95 23.13
N THR A 178 -16.56 1.62 21.85
CA THR A 178 -16.25 0.29 21.36
C THR A 178 -14.82 -0.12 21.72
N GLY A 179 -13.96 0.88 21.91
CA GLY A 179 -12.52 0.65 21.78
C GLY A 179 -12.21 0.17 20.37
N GLU A 180 -11.06 -0.52 20.22
CA GLU A 180 -10.72 -1.12 18.94
C GLU A 180 -11.28 -2.54 18.92
N PHE A 181 -11.89 -2.90 17.78
CA PHE A 181 -12.69 -4.11 17.66
C PHE A 181 -12.71 -4.64 16.22
N LYS A 182 -13.17 -5.89 16.15
CA LYS A 182 -13.32 -6.61 14.89
C LYS A 182 -14.45 -7.63 15.07
N PHE A 183 -14.85 -8.29 13.96
CA PHE A 183 -15.80 -9.38 14.02
C PHE A 183 -15.31 -10.53 13.15
N ASP A 184 -14.75 -11.54 13.83
CA ASP A 184 -14.10 -12.67 13.19
C ASP A 184 -14.80 -13.93 13.69
N GLN A 185 -15.23 -14.79 12.76
CA GLN A 185 -16.04 -15.95 13.14
C GLN A 185 -15.16 -17.13 13.53
N SER A 186 -13.82 -16.93 13.53
CA SER A 186 -12.88 -17.99 13.88
C SER A 186 -12.32 -17.77 15.29
N LEU A 187 -12.38 -16.53 15.81
CA LEU A 187 -11.87 -16.23 17.14
C LEU A 187 -12.97 -16.48 18.18
N HIS A 188 -12.62 -17.30 19.18
CA HIS A 188 -13.62 -18.00 19.96
C HIS A 188 -13.13 -18.28 21.38
N GLY A 189 -12.24 -17.45 21.94
CA GLY A 189 -11.76 -17.61 23.30
C GLY A 189 -12.08 -16.41 24.18
N HIS A 190 -11.04 -15.83 24.81
CA HIS A 190 -11.06 -14.48 25.35
C HIS A 190 -11.03 -13.44 24.22
N TYR A 191 -11.09 -13.94 22.97
CA TYR A 191 -11.16 -13.11 21.78
C TYR A 191 -12.61 -12.98 21.31
N ALA A 192 -13.49 -13.77 21.92
CA ALA A 192 -14.87 -13.86 21.47
C ALA A 192 -15.63 -12.62 21.93
N PRO A 193 -16.55 -12.09 21.09
CA PRO A 193 -17.39 -10.93 21.45
C PRO A 193 -18.66 -11.31 22.20
N ASP A 194 -19.25 -10.34 22.90
CA ASP A 194 -20.50 -10.56 23.62
C ASP A 194 -21.63 -10.03 22.76
N LEU A 195 -22.02 -10.82 21.74
CA LEU A 195 -23.06 -10.42 20.78
C LEU A 195 -24.42 -10.26 21.48
N LYS A 196 -24.73 -11.08 22.51
CA LYS A 196 -25.99 -10.93 23.24
C LYS A 196 -26.00 -9.69 24.14
N ARG A 197 -24.91 -9.47 24.90
CA ARG A 197 -24.81 -8.28 25.74
C ARG A 197 -24.82 -7.02 24.84
N MET A 198 -24.23 -7.09 23.63
CA MET A 198 -24.23 -5.99 22.69
C MET A 198 -25.64 -5.75 22.14
N ALA A 199 -26.37 -6.83 21.84
CA ALA A 199 -27.73 -6.70 21.32
C ALA A 199 -28.67 -6.14 22.38
N GLU A 200 -28.43 -6.51 23.64
CA GLU A 200 -29.24 -6.00 24.73
C GLU A 200 -28.98 -4.51 24.97
N ILE A 201 -27.71 -4.08 24.91
CA ILE A 201 -27.37 -2.67 25.04
C ILE A 201 -28.05 -1.86 23.94
N GLY A 202 -28.13 -2.45 22.75
CA GLY A 202 -28.75 -1.85 21.58
C GLY A 202 -30.24 -1.59 21.75
N ASP A 203 -30.98 -2.56 22.31
CA ASP A 203 -32.42 -2.44 22.46
C ASP A 203 -32.81 -1.60 23.67
N GLU A 204 -31.97 -1.58 24.72
CA GLU A 204 -32.23 -0.71 25.85
C GLU A 204 -32.11 0.74 25.38
N GLY A 205 -31.34 0.96 24.31
CA GLY A 205 -31.25 2.24 23.66
C GLY A 205 -29.87 2.87 23.87
N VAL A 206 -29.16 3.11 22.76
CA VAL A 206 -27.85 3.75 22.81
C VAL A 206 -28.03 5.22 22.42
N PHE A 207 -27.68 6.12 23.34
CA PHE A 207 -27.74 7.55 23.08
C PHE A 207 -26.62 7.92 22.09
N ALA A 208 -25.39 7.49 22.40
CA ALA A 208 -24.19 7.91 21.68
C ALA A 208 -23.25 6.73 21.50
N LEU A 209 -22.75 6.55 20.27
CA LEU A 209 -21.77 5.52 19.96
C LEU A 209 -20.46 6.18 19.50
N ILE A 210 -19.36 5.76 20.14
CA ILE A 210 -18.04 6.24 19.79
C ILE A 210 -17.26 5.04 19.28
N SER A 211 -16.96 5.00 17.97
CA SER A 211 -16.47 3.78 17.35
C SER A 211 -15.19 3.99 16.52
N ASP A 212 -14.43 2.89 16.41
CA ASP A 212 -13.17 2.77 15.70
C ASP A 212 -13.37 2.92 14.19
N SER A 213 -12.63 3.89 13.59
CA SER A 213 -12.73 4.16 12.16
C SER A 213 -11.49 3.73 11.37
N THR A 214 -10.65 2.83 11.93
CA THR A 214 -9.30 2.64 11.41
C THR A 214 -9.33 2.07 9.99
N GLU A 215 -10.22 1.11 9.71
CA GLU A 215 -10.29 0.52 8.37
C GLU A 215 -11.64 0.83 7.72
N ALA A 216 -12.16 2.05 7.93
CA ALA A 216 -13.48 2.42 7.45
C ALA A 216 -13.48 2.60 5.92
N GLU A 217 -12.29 2.71 5.31
CA GLU A 217 -12.19 2.93 3.89
C GLU A 217 -12.22 1.61 3.12
N LYS A 218 -11.92 0.51 3.83
CA LYS A 218 -11.68 -0.78 3.20
C LYS A 218 -13.01 -1.54 3.11
N PRO A 219 -13.53 -1.78 1.89
CA PRO A 219 -14.81 -2.45 1.69
C PRO A 219 -14.76 -3.91 2.12
N GLY A 220 -15.93 -4.47 2.43
CA GLY A 220 -16.04 -5.88 2.77
C GLY A 220 -15.60 -6.17 4.21
N TYR A 221 -14.90 -7.31 4.38
CA TYR A 221 -14.54 -7.81 5.69
C TYR A 221 -13.03 -8.07 5.74
N ASN A 222 -12.54 -8.30 6.96
CA ASN A 222 -11.23 -8.87 7.17
C ASN A 222 -11.22 -10.31 6.64
N THR A 223 -10.06 -10.76 6.18
CA THR A 223 -9.83 -12.18 6.02
C THR A 223 -9.89 -12.85 7.39
N PRO A 224 -10.70 -13.91 7.59
CA PRO A 224 -10.73 -14.61 8.88
C PRO A 224 -9.37 -15.15 9.31
N GLU A 225 -9.10 -15.14 10.64
CA GLU A 225 -7.76 -15.43 11.16
C GLU A 225 -7.33 -16.86 10.84
N ASN A 226 -8.28 -17.80 10.87
CA ASN A 226 -7.99 -19.19 10.58
C ASN A 226 -7.51 -19.37 9.14
N ILE A 227 -7.99 -18.51 8.23
CA ILE A 227 -7.60 -18.56 6.83
C ILE A 227 -6.15 -18.10 6.71
N ILE A 228 -5.80 -17.06 7.49
CA ILE A 228 -4.46 -16.54 7.50
C ILE A 228 -3.50 -17.61 8.04
N GLU A 229 -3.91 -18.25 9.14
CA GLU A 229 -3.09 -19.27 9.79
C GLU A 229 -2.85 -20.42 8.82
N HIS A 230 -3.87 -20.81 8.06
CA HIS A 230 -3.77 -21.92 7.13
C HIS A 230 -2.72 -21.61 6.07
N HIS A 231 -2.74 -20.38 5.54
CA HIS A 231 -1.82 -20.00 4.48
C HIS A 231 -0.39 -19.88 5.01
N MET A 232 -0.25 -19.47 6.27
CA MET A 232 1.06 -19.44 6.90
C MET A 232 1.61 -20.86 7.06
N TYR A 233 0.73 -21.78 7.48
CA TYR A 233 1.10 -23.18 7.64
C TYR A 233 1.63 -23.77 6.34
N ASP A 234 0.89 -23.58 5.24
CA ASP A 234 1.27 -24.13 3.95
C ASP A 234 2.63 -23.59 3.52
N ALA A 235 2.89 -22.32 3.86
CA ALA A 235 4.12 -21.65 3.47
C ALA A 235 5.28 -22.21 4.29
N PHE A 236 5.08 -22.34 5.61
CA PHE A 236 6.13 -22.72 6.54
C PHE A 236 6.49 -24.19 6.36
N ALA A 237 5.51 -24.98 5.93
CA ALA A 237 5.70 -26.42 5.74
C ALA A 237 6.61 -26.71 4.55
N LYS A 238 6.87 -25.72 3.68
CA LYS A 238 7.73 -25.91 2.52
C LYS A 238 9.17 -25.55 2.85
N VAL A 239 9.39 -24.95 4.03
CA VAL A 239 10.71 -24.40 4.35
C VAL A 239 11.65 -25.55 4.73
N LYS A 240 12.79 -25.63 4.01
CA LYS A 240 13.77 -26.68 4.22
C LYS A 240 14.84 -26.21 5.20
N GLY A 241 15.01 -24.90 5.36
CA GLY A 241 16.07 -24.38 6.21
C GLY A 241 15.54 -23.70 7.47
N ARG A 242 16.24 -22.65 7.91
CA ARG A 242 15.78 -21.87 9.04
C ARG A 242 14.66 -20.92 8.60
N LEU A 243 13.70 -20.72 9.51
CA LEU A 243 12.59 -19.77 9.32
C LEU A 243 12.65 -18.64 10.36
N ILE A 244 12.55 -17.39 9.88
CA ILE A 244 12.47 -16.22 10.76
C ILE A 244 11.19 -15.46 10.41
N VAL A 245 10.34 -15.25 11.43
CA VAL A 245 9.08 -14.55 11.25
C VAL A 245 9.17 -13.22 12.00
N SER A 246 8.76 -12.13 11.32
CA SER A 246 8.71 -10.81 11.94
C SER A 246 7.26 -10.45 12.26
N CYS A 247 6.99 -10.08 13.53
CA CYS A 247 5.65 -9.82 14.03
C CYS A 247 5.63 -8.55 14.86
N TYR A 248 4.43 -8.03 15.08
CA TYR A 248 4.21 -7.02 16.09
C TYR A 248 3.97 -7.74 17.42
N ALA A 249 4.56 -7.22 18.50
CA ALA A 249 4.39 -7.81 19.82
C ALA A 249 2.93 -7.67 20.24
N SER A 250 2.26 -6.65 19.68
CA SER A 250 0.88 -6.31 19.99
C SER A 250 -0.08 -7.39 19.52
N ASN A 251 0.31 -8.15 18.48
CA ASN A 251 -0.59 -9.05 17.80
C ASN A 251 -0.46 -10.45 18.40
N PHE A 252 -1.22 -10.66 19.49
CA PHE A 252 -1.15 -11.89 20.25
C PHE A 252 -1.62 -13.05 19.39
N VAL A 253 -2.59 -12.78 18.51
CA VAL A 253 -3.16 -13.82 17.68
C VAL A 253 -2.11 -14.37 16.72
N ARG A 254 -1.34 -13.48 16.07
CA ARG A 254 -0.36 -13.88 15.09
C ARG A 254 0.77 -14.65 15.78
N ILE A 255 1.10 -14.25 17.01
CA ILE A 255 2.09 -14.99 17.78
C ILE A 255 1.55 -16.37 18.16
N GLN A 256 0.28 -16.43 18.59
CA GLN A 256 -0.33 -17.71 18.91
C GLN A 256 -0.34 -18.60 17.68
N GLN A 257 -0.41 -17.99 16.48
CA GLN A 257 -0.56 -18.74 15.24
C GLN A 257 0.74 -19.44 14.91
N VAL A 258 1.89 -18.78 15.08
CA VAL A 258 3.18 -19.40 14.78
C VAL A 258 3.54 -20.46 15.82
N LEU A 259 3.11 -20.28 17.08
CA LEU A 259 3.28 -21.31 18.10
C LEU A 259 2.51 -22.56 17.71
N ASN A 260 1.27 -22.44 17.22
CA ASN A 260 0.52 -23.61 16.78
C ASN A 260 1.24 -24.31 15.63
N ILE A 261 1.71 -23.52 14.66
CA ILE A 261 2.28 -24.05 13.43
C ILE A 261 3.62 -24.74 13.76
N ALA A 262 4.44 -24.11 14.61
CA ALA A 262 5.73 -24.66 15.01
C ALA A 262 5.55 -26.03 15.65
N SER A 263 4.48 -26.18 16.43
CA SER A 263 4.18 -27.40 17.13
C SER A 263 3.79 -28.51 16.16
N GLN A 264 2.99 -28.17 15.15
CA GLN A 264 2.52 -29.15 14.17
C GLN A 264 3.63 -29.55 13.20
N LEU A 265 4.65 -28.69 13.04
CA LEU A 265 5.75 -28.97 12.14
C LEU A 265 6.94 -29.51 12.92
N ASN A 266 6.75 -29.82 14.21
CA ASN A 266 7.81 -30.33 15.06
C ASN A 266 9.04 -29.40 15.01
N ARG A 267 8.80 -28.09 14.95
CA ARG A 267 9.84 -27.10 15.11
C ARG A 267 9.69 -26.49 16.50
N LYS A 268 10.72 -25.77 16.93
CA LYS A 268 10.68 -25.11 18.23
C LYS A 268 10.83 -23.62 17.97
N VAL A 269 10.47 -22.81 18.96
CA VAL A 269 10.33 -21.38 18.75
C VAL A 269 11.32 -20.63 19.64
N SER A 270 11.95 -19.60 19.07
CA SER A 270 12.80 -18.70 19.82
C SER A 270 12.51 -17.25 19.45
N PHE A 271 12.28 -16.40 20.45
CA PHE A 271 12.16 -14.97 20.27
C PHE A 271 13.55 -14.33 20.27
N LEU A 272 13.65 -13.08 19.81
CA LEU A 272 14.93 -12.38 19.88
C LEU A 272 15.29 -12.13 21.35
N GLY A 273 16.61 -12.19 21.64
CA GLY A 273 17.11 -12.42 23.00
C GLY A 273 17.37 -11.12 23.77
N ARG A 274 17.88 -11.25 25.01
CA ARG A 274 18.23 -12.51 25.66
C ARG A 274 17.22 -12.90 26.75
N SER A 275 16.09 -12.18 26.83
CA SER A 275 14.92 -12.58 27.61
C SER A 275 13.66 -12.43 26.76
N LEU A 276 12.49 -12.68 27.36
CA LEU A 276 11.24 -12.68 26.62
C LEU A 276 10.48 -11.36 26.85
N GLU A 277 9.79 -10.91 25.79
CA GLU A 277 9.13 -9.62 25.73
C GLU A 277 8.09 -9.53 26.85
N SER A 278 8.08 -8.41 27.59
CA SER A 278 7.34 -8.30 28.84
C SER A 278 5.84 -8.56 28.64
N SER A 279 5.22 -7.94 27.63
CA SER A 279 3.79 -8.10 27.36
C SER A 279 3.44 -9.57 27.12
N PHE A 280 4.23 -10.20 26.26
CA PHE A 280 4.08 -11.61 25.92
C PHE A 280 4.23 -12.48 27.16
N ASN A 281 5.20 -12.12 28.00
CA ASN A 281 5.65 -12.99 29.06
C ASN A 281 4.71 -12.93 30.27
N ILE A 282 4.09 -11.77 30.49
CA ILE A 282 3.07 -11.58 31.51
C ILE A 282 1.81 -12.35 31.10
N ALA A 283 1.39 -12.22 29.84
CA ALA A 283 0.19 -12.86 29.34
C ALA A 283 0.36 -14.37 29.33
N ARG A 284 1.60 -14.82 29.06
CA ARG A 284 1.93 -16.23 29.03
C ARG A 284 1.80 -16.80 30.44
N LYS A 285 2.29 -16.05 31.45
CA LYS A 285 2.30 -16.48 32.84
C LYS A 285 0.89 -16.42 33.43
N MET A 286 -0.04 -15.71 32.78
CA MET A 286 -1.43 -15.64 33.22
C MET A 286 -2.29 -16.66 32.47
N GLY A 287 -1.67 -17.44 31.58
CA GLY A 287 -2.32 -18.55 30.91
C GLY A 287 -3.08 -18.16 29.64
N TYR A 288 -2.73 -17.00 29.05
CA TYR A 288 -3.44 -16.53 27.87
C TYR A 288 -2.99 -17.24 26.60
N PHE A 289 -1.76 -17.78 26.59
CA PHE A 289 -1.25 -18.48 25.42
C PHE A 289 -1.40 -19.98 25.63
N ASP A 290 -1.60 -20.69 24.52
CA ASP A 290 -1.66 -22.13 24.56
C ASP A 290 -0.33 -22.70 24.07
N ILE A 291 0.57 -23.04 25.01
CA ILE A 291 1.92 -23.43 24.64
C ILE A 291 2.25 -24.83 25.18
N PRO A 292 2.49 -25.83 24.31
CA PRO A 292 2.96 -27.15 24.74
C PRO A 292 4.35 -27.07 25.41
N LYS A 293 4.75 -28.19 26.02
CA LYS A 293 5.92 -28.26 26.90
C LYS A 293 7.20 -28.37 26.06
N ASP A 294 8.19 -27.55 26.43
CA ASP A 294 9.47 -27.55 25.75
C ASP A 294 9.28 -27.16 24.28
N LEU A 295 8.57 -26.06 24.03
CA LEU A 295 8.40 -25.54 22.67
C LEU A 295 9.30 -24.35 22.44
N LEU A 296 9.40 -23.49 23.45
CA LEU A 296 10.29 -22.33 23.41
C LEU A 296 11.69 -22.77 23.78
N ILE A 297 12.68 -22.42 22.97
CA ILE A 297 14.08 -22.54 23.34
C ILE A 297 14.65 -21.12 23.43
N PRO A 298 15.46 -20.78 24.46
CA PRO A 298 16.07 -19.45 24.54
C PRO A 298 17.01 -19.25 23.36
N ILE A 299 17.30 -18.00 23.01
CA ILE A 299 18.09 -17.72 21.83
C ILE A 299 19.50 -18.27 22.01
N ASN A 300 19.93 -18.45 23.28
CA ASN A 300 21.24 -18.99 23.62
C ASN A 300 21.33 -20.48 23.26
N GLU A 301 20.20 -21.18 23.16
CA GLU A 301 20.20 -22.61 22.89
C GLU A 301 19.98 -22.90 21.40
N VAL A 302 19.95 -21.87 20.52
CA VAL A 302 19.46 -22.01 19.15
C VAL A 302 20.45 -22.82 18.31
N GLU A 303 21.75 -22.52 18.47
CA GLU A 303 22.79 -23.03 17.59
C GLU A 303 22.80 -24.56 17.63
N ASN A 304 22.37 -25.14 18.77
CA ASN A 304 22.45 -26.58 19.02
C ASN A 304 21.53 -27.37 18.10
N TYR A 305 20.44 -26.76 17.63
CA TYR A 305 19.43 -27.47 16.86
C TYR A 305 19.70 -27.30 15.37
N PRO A 306 19.34 -28.30 14.53
CA PRO A 306 19.46 -28.18 13.08
C PRO A 306 18.61 -27.01 12.55
N LYS A 307 19.04 -26.43 11.43
CA LYS A 307 18.46 -25.20 10.92
C LYS A 307 16.95 -25.38 10.71
N ASN A 308 16.52 -26.59 10.34
CA ASN A 308 15.14 -26.84 9.94
C ASN A 308 14.24 -27.17 11.13
N GLU A 309 14.76 -27.03 12.36
CA GLU A 309 13.96 -27.34 13.54
C GLU A 309 13.71 -26.09 14.39
N VAL A 310 13.96 -24.90 13.84
CA VAL A 310 13.75 -23.68 14.61
C VAL A 310 12.96 -22.67 13.81
N ILE A 311 12.06 -21.98 14.53
CA ILE A 311 11.45 -20.75 14.05
C ILE A 311 11.86 -19.63 14.98
N ILE A 312 12.50 -18.59 14.41
CA ILE A 312 12.89 -17.42 15.18
C ILE A 312 11.86 -16.33 14.94
N ILE A 313 11.32 -15.73 16.01
CA ILE A 313 10.36 -14.67 15.88
C ILE A 313 10.97 -13.35 16.30
N ALA A 314 11.01 -12.40 15.37
CA ALA A 314 11.41 -11.04 15.69
C ALA A 314 10.19 -10.16 15.91
N THR A 315 9.95 -9.81 17.17
CA THR A 315 8.85 -8.92 17.47
C THR A 315 9.40 -7.56 17.82
N GLY A 316 8.51 -6.57 17.77
CA GLY A 316 8.85 -5.21 18.14
C GLY A 316 7.59 -4.37 18.22
N MET A 317 7.75 -3.05 18.12
CA MET A 317 6.64 -2.14 18.29
C MET A 317 6.65 -1.09 17.18
N GLN A 318 7.70 -0.26 17.15
CA GLN A 318 7.71 0.94 16.33
C GLN A 318 7.68 0.56 14.85
N GLY A 319 8.31 -0.56 14.51
CA GLY A 319 8.82 -0.80 13.18
C GLY A 319 10.25 -1.35 13.20
N GLU A 320 10.76 -1.64 14.41
CA GLU A 320 11.98 -2.39 14.61
C GLU A 320 11.89 -3.77 13.95
N PRO A 321 10.75 -4.51 14.04
CA PRO A 321 10.65 -5.82 13.42
C PRO A 321 11.31 -5.81 12.04
N VAL A 322 11.11 -4.71 11.29
CA VAL A 322 11.72 -4.53 9.98
C VAL A 322 13.20 -4.19 10.14
N GLU A 323 13.51 -3.25 11.05
CA GLU A 323 14.87 -2.79 11.30
C GLU A 323 15.78 -3.96 11.67
N ALA A 324 15.27 -4.89 12.49
CA ALA A 324 16.03 -6.02 13.00
C ALA A 324 16.53 -6.91 11.86
N LEU A 325 15.70 -7.10 10.82
CA LEU A 325 16.03 -7.98 9.71
C LEU A 325 17.08 -7.32 8.82
N SER A 326 17.03 -5.98 8.73
CA SER A 326 18.06 -5.22 8.02
C SER A 326 19.42 -5.36 8.70
N GLN A 327 19.41 -5.38 10.04
CA GLN A 327 20.61 -5.54 10.85
C GLN A 327 21.06 -7.00 10.89
N MET A 328 20.19 -7.92 10.50
CA MET A 328 20.53 -9.33 10.56
C MET A 328 21.10 -9.74 9.21
N ALA A 329 20.66 -8.99 8.20
CA ALA A 329 21.10 -9.18 6.83
C ALA A 329 22.47 -8.52 6.65
N ARG A 330 22.58 -7.27 7.09
CA ARG A 330 23.83 -6.53 6.98
C ARG A 330 24.87 -7.05 7.97
N LYS A 331 25.07 -8.39 8.04
CA LYS A 331 25.66 -8.97 9.23
C LYS A 331 25.14 -7.91 10.22
N LYS A 332 25.91 -7.43 11.22
CA LYS A 332 25.60 -6.31 12.15
C LYS A 332 24.47 -6.47 13.20
N HIS A 333 23.98 -7.68 13.56
CA HIS A 333 23.06 -7.80 14.69
C HIS A 333 23.84 -8.20 15.94
N LYS A 334 23.49 -7.57 17.07
CA LYS A 334 24.11 -7.82 18.36
C LYS A 334 24.03 -9.30 18.76
N ILE A 335 22.94 -10.01 18.43
CA ILE A 335 22.70 -11.37 18.93
C ILE A 335 22.93 -12.39 17.81
N MET A 336 22.15 -12.28 16.73
CA MET A 336 22.10 -13.32 15.72
C MET A 336 21.89 -12.69 14.34
N ASN A 337 22.54 -13.32 13.35
CA ASN A 337 22.62 -12.80 12.00
C ASN A 337 22.09 -13.82 11.01
N ILE A 338 21.71 -13.36 9.82
CA ILE A 338 21.11 -14.22 8.81
C ILE A 338 22.22 -15.01 8.09
N GLU A 339 21.92 -16.27 7.80
CA GLU A 339 22.77 -17.11 6.98
C GLU A 339 22.07 -17.41 5.66
N GLU A 340 22.85 -17.73 4.63
CA GLU A 340 22.33 -18.11 3.32
C GLU A 340 21.44 -19.34 3.46
N GLY A 341 20.30 -19.34 2.74
CA GLY A 341 19.31 -20.41 2.79
C GLY A 341 18.19 -20.17 3.82
N ASP A 342 18.24 -19.04 4.54
CA ASP A 342 17.25 -18.68 5.54
C ASP A 342 15.99 -18.19 4.84
N SER A 343 14.85 -18.49 5.46
CA SER A 343 13.54 -18.09 4.95
C SER A 343 13.00 -16.98 5.83
N ILE A 344 12.44 -15.93 5.19
CA ILE A 344 11.91 -14.78 5.90
C ILE A 344 10.42 -14.67 5.61
N PHE A 345 9.64 -14.38 6.66
CA PHE A 345 8.22 -14.13 6.49
C PHE A 345 7.81 -12.89 7.28
N LEU A 346 7.13 -11.95 6.63
CA LEU A 346 6.66 -10.74 7.29
C LEU A 346 5.20 -10.90 7.69
N ALA A 347 4.96 -11.25 8.96
CA ALA A 347 3.60 -11.40 9.48
C ALA A 347 3.12 -10.08 10.07
N ILE A 348 3.26 -8.98 9.29
CA ILE A 348 2.82 -7.65 9.69
C ILE A 348 2.00 -7.02 8.57
N THR A 349 1.39 -5.86 8.86
CA THR A 349 0.65 -5.09 7.88
C THR A 349 1.30 -3.70 7.78
N ALA A 350 1.70 -3.33 6.55
CA ALA A 350 2.60 -2.21 6.34
C ALA A 350 1.85 -0.89 6.23
N SER A 351 2.22 0.08 7.08
CA SER A 351 1.81 1.47 6.90
C SER A 351 2.57 2.08 5.73
N ALA A 352 1.94 3.00 4.99
CA ALA A 352 2.56 3.61 3.82
C ALA A 352 3.89 4.26 4.20
N ASN A 353 4.04 4.65 5.48
CA ASN A 353 5.27 5.23 6.01
C ASN A 353 6.38 4.18 6.08
N MET A 354 6.00 2.90 6.02
CA MET A 354 6.95 1.82 6.24
C MET A 354 7.13 1.00 4.96
N GLU A 355 6.50 1.39 3.84
CA GLU A 355 6.52 0.62 2.60
C GLU A 355 7.91 0.66 1.96
N VAL A 356 8.63 1.77 2.14
CA VAL A 356 9.93 1.94 1.52
C VAL A 356 11.00 1.19 2.29
N ILE A 357 10.95 1.20 3.63
CA ILE A 357 12.00 0.60 4.43
C ILE A 357 11.86 -0.92 4.35
N ILE A 358 10.66 -1.40 4.01
CA ILE A 358 10.47 -2.82 3.77
C ILE A 358 11.19 -3.19 2.47
N ALA A 359 11.04 -2.35 1.44
CA ALA A 359 11.66 -2.61 0.15
C ALA A 359 13.18 -2.57 0.24
N ASP A 360 13.75 -1.69 1.08
CA ASP A 360 15.18 -1.69 1.30
C ASP A 360 15.62 -2.99 1.96
N THR A 361 14.87 -3.37 3.00
CA THR A 361 15.20 -4.54 3.79
C THR A 361 15.15 -5.80 2.93
N LEU A 362 14.12 -5.90 2.08
CA LEU A 362 13.94 -7.03 1.18
C LEU A 362 15.18 -7.22 0.30
N ASN A 363 15.66 -6.09 -0.26
CA ASN A 363 16.84 -6.06 -1.12
C ASN A 363 18.06 -6.63 -0.39
N GLU A 364 18.28 -6.15 0.85
CA GLU A 364 19.40 -6.60 1.65
C GLU A 364 19.22 -8.07 2.03
N LEU A 365 17.98 -8.48 2.25
CA LEU A 365 17.68 -9.87 2.55
C LEU A 365 18.07 -10.76 1.37
N VAL A 366 17.77 -10.30 0.15
CA VAL A 366 18.06 -11.03 -1.07
C VAL A 366 19.56 -11.12 -1.27
N ARG A 367 20.29 -10.01 -1.04
CA ARG A 367 21.76 -9.98 -1.18
C ARG A 367 22.42 -11.00 -0.25
N ALA A 368 21.94 -11.06 1.00
CA ALA A 368 22.45 -11.98 2.02
C ALA A 368 22.04 -13.40 1.70
N GLY A 369 21.19 -13.54 0.67
CA GLY A 369 20.84 -14.83 0.12
C GLY A 369 19.80 -15.53 1.00
N ALA A 370 18.70 -14.81 1.27
CA ALA A 370 17.63 -15.33 2.09
C ALA A 370 16.41 -15.47 1.20
N HIS A 371 15.61 -16.51 1.46
CA HIS A 371 14.41 -16.76 0.69
C HIS A 371 13.25 -15.97 1.29
N ILE A 372 12.61 -15.13 0.46
CA ILE A 372 11.50 -14.31 0.91
C ILE A 372 10.19 -15.05 0.68
N ILE A 373 9.50 -15.45 1.76
CA ILE A 373 8.19 -16.08 1.63
C ILE A 373 7.19 -14.99 1.28
N PRO A 374 6.57 -15.04 0.08
CA PRO A 374 5.75 -13.93 -0.42
C PRO A 374 4.39 -13.86 0.27
N ASN A 375 3.94 -12.64 0.56
CA ASN A 375 2.64 -12.44 1.19
C ASN A 375 1.54 -12.59 0.15
N ASN A 376 0.49 -13.32 0.53
CA ASN A 376 -0.71 -13.46 -0.28
C ASN A 376 -1.42 -12.11 -0.34
N LYS A 377 -1.57 -11.60 -1.57
CA LYS A 377 -2.11 -10.27 -1.80
C LYS A 377 -3.63 -10.28 -1.65
N LYS A 378 -4.23 -11.48 -1.71
CA LYS A 378 -5.67 -11.65 -1.58
C LYS A 378 -6.07 -11.63 -0.10
N ILE A 379 -5.08 -11.67 0.81
CA ILE A 379 -5.37 -11.65 2.24
C ILE A 379 -5.37 -10.21 2.75
N HIS A 380 -6.37 -9.87 3.57
CA HIS A 380 -6.39 -8.60 4.26
C HIS A 380 -6.38 -8.84 5.77
N ALA A 381 -5.24 -8.51 6.40
CA ALA A 381 -5.04 -8.71 7.83
C ALA A 381 -5.10 -7.37 8.56
N SER A 382 -6.00 -7.28 9.56
CA SER A 382 -6.14 -6.09 10.38
C SER A 382 -6.69 -6.44 11.76
N SER A 383 -6.38 -5.61 12.77
CA SER A 383 -6.98 -5.74 14.08
C SER A 383 -8.34 -5.06 14.09
N HIS A 384 -8.59 -4.23 13.08
CA HIS A 384 -9.77 -3.39 13.03
C HIS A 384 -10.73 -3.86 11.93
N GLY A 385 -12.02 -3.69 12.24
CA GLY A 385 -13.07 -4.07 11.33
C GLY A 385 -13.08 -3.18 10.09
N CYS A 386 -13.33 -3.81 8.94
CA CYS A 386 -13.61 -3.13 7.69
C CYS A 386 -15.07 -2.68 7.66
N MET A 387 -15.48 -2.17 6.50
CA MET A 387 -16.74 -1.44 6.38
C MET A 387 -17.89 -2.25 6.97
N GLU A 388 -17.94 -3.55 6.63
CA GLU A 388 -19.10 -4.37 6.93
C GLU A 388 -19.13 -4.73 8.42
N GLU A 389 -17.93 -4.95 8.97
CA GLU A 389 -17.73 -5.18 10.40
C GLU A 389 -18.18 -3.96 11.21
N LEU A 390 -17.86 -2.76 10.70
CA LEU A 390 -18.21 -1.55 11.41
C LEU A 390 -19.73 -1.37 11.36
N LYS A 391 -20.34 -1.70 10.20
CA LYS A 391 -21.79 -1.57 10.00
C LYS A 391 -22.48 -2.56 10.91
N MET A 392 -21.82 -3.68 11.16
CA MET A 392 -22.33 -4.69 12.06
C MET A 392 -22.54 -4.10 13.45
N MET A 393 -21.53 -3.38 13.97
CA MET A 393 -21.61 -2.75 15.29
C MET A 393 -22.68 -1.66 15.28
N LEU A 394 -22.82 -0.97 14.15
CA LEU A 394 -23.80 0.12 14.03
C LEU A 394 -25.22 -0.44 13.98
N ASN A 395 -25.40 -1.55 13.28
CA ASN A 395 -26.71 -2.17 13.20
C ASN A 395 -27.11 -2.69 14.58
N ILE A 396 -26.14 -3.23 15.34
CA ILE A 396 -26.44 -3.84 16.62
C ILE A 396 -26.84 -2.77 17.62
N MET A 397 -26.09 -1.64 17.60
CA MET A 397 -26.19 -0.59 18.61
C MET A 397 -27.39 0.32 18.36
N LYS A 398 -27.60 0.68 17.09
CA LYS A 398 -28.64 1.63 16.70
C LYS A 398 -28.54 2.91 17.55
N PRO A 399 -27.43 3.68 17.45
CA PRO A 399 -27.27 4.87 18.29
C PRO A 399 -28.09 6.02 17.74
N GLU A 400 -28.57 6.90 18.62
CA GLU A 400 -29.14 8.15 18.18
C GLU A 400 -28.05 9.04 17.59
N TYR A 401 -26.95 9.22 18.32
CA TYR A 401 -25.85 10.07 17.87
C TYR A 401 -24.61 9.23 17.62
N PHE A 402 -23.77 9.65 16.66
CA PHE A 402 -22.58 8.89 16.31
C PHE A 402 -21.39 9.83 16.25
N VAL A 403 -20.28 9.36 16.82
CA VAL A 403 -19.02 10.10 16.80
C VAL A 403 -17.94 9.14 16.32
N PRO A 404 -17.61 9.12 15.03
CA PRO A 404 -16.52 8.27 14.54
C PRO A 404 -15.16 8.80 15.03
N VAL A 405 -14.35 7.93 15.63
CA VAL A 405 -13.02 8.27 16.13
C VAL A 405 -12.00 7.24 15.65
N GLN A 406 -10.74 7.35 16.14
CA GLN A 406 -9.65 6.44 15.86
C GLN A 406 -9.38 6.39 14.35
N GLY A 407 -9.21 7.58 13.77
CA GLY A 407 -8.92 7.70 12.35
C GLY A 407 -8.60 9.15 12.00
N GLU A 408 -8.00 9.36 10.81
CA GLU A 408 -7.84 10.68 10.21
C GLU A 408 -9.18 11.14 9.65
N PHE A 409 -9.18 12.35 9.10
CA PHE A 409 -10.39 12.98 8.66
C PHE A 409 -11.08 12.16 7.57
N LYS A 410 -10.32 11.64 6.61
CA LYS A 410 -10.88 10.83 5.53
C LYS A 410 -11.50 9.55 6.10
N MET A 411 -10.93 9.04 7.20
CA MET A 411 -11.40 7.80 7.80
C MET A 411 -12.69 8.05 8.55
N GLN A 412 -12.77 9.21 9.23
CA GLN A 412 -13.95 9.59 9.99
C GLN A 412 -15.14 9.74 9.06
N ILE A 413 -14.90 10.38 7.90
CA ILE A 413 -15.92 10.60 6.87
C ILE A 413 -16.43 9.24 6.37
N ALA A 414 -15.49 8.33 6.09
CA ALA A 414 -15.84 7.01 5.61
C ALA A 414 -16.80 6.34 6.59
N HIS A 415 -16.50 6.47 7.91
CA HIS A 415 -17.26 5.78 8.93
C HIS A 415 -18.63 6.44 9.06
N ALA A 416 -18.66 7.75 8.86
CA ALA A 416 -19.89 8.50 8.90
C ALA A 416 -20.83 8.06 7.77
N LYS A 417 -20.30 7.77 6.57
CA LYS A 417 -21.16 7.37 5.47
C LYS A 417 -21.76 5.99 5.73
N LEU A 418 -20.99 5.15 6.45
CA LEU A 418 -21.46 3.83 6.84
C LEU A 418 -22.62 3.99 7.81
N ALA A 419 -22.50 4.97 8.72
CA ALA A 419 -23.50 5.18 9.76
C ALA A 419 -24.80 5.71 9.14
N ALA A 420 -24.65 6.57 8.13
CA ALA A 420 -25.81 7.15 7.46
C ALA A 420 -26.57 6.05 6.72
N GLU A 421 -25.82 5.10 6.13
CA GLU A 421 -26.40 3.92 5.48
C GLU A 421 -27.19 3.05 6.45
N THR A 422 -26.75 2.93 7.72
CA THR A 422 -27.42 2.08 8.68
C THR A 422 -28.64 2.78 9.24
N GLY A 423 -28.78 4.09 8.98
CA GLY A 423 -30.00 4.82 9.29
C GLY A 423 -29.82 5.86 10.39
N VAL A 424 -28.58 6.15 10.80
CA VAL A 424 -28.32 7.24 11.75
C VAL A 424 -28.53 8.56 11.02
N ALA A 425 -29.25 9.50 11.65
CA ALA A 425 -29.54 10.78 11.02
C ALA A 425 -28.26 11.57 10.81
N PRO A 426 -28.01 12.09 9.59
CA PRO A 426 -26.76 12.80 9.29
C PRO A 426 -26.58 14.06 10.14
N GLU A 427 -27.69 14.72 10.47
CA GLU A 427 -27.71 15.83 11.40
C GLU A 427 -27.18 15.41 12.78
N LYS A 428 -27.16 14.11 13.08
CA LYS A 428 -26.77 13.62 14.39
C LYS A 428 -25.39 12.95 14.38
N ILE A 429 -24.67 13.03 13.25
CA ILE A 429 -23.32 12.49 13.13
C ILE A 429 -22.32 13.64 13.25
N PHE A 430 -21.35 13.52 14.16
CA PHE A 430 -20.40 14.60 14.41
C PHE A 430 -18.97 14.15 14.08
N LEU A 431 -18.35 14.91 13.16
CA LEU A 431 -16.93 14.78 12.87
C LEU A 431 -16.19 15.86 13.67
N VAL A 432 -15.27 15.45 14.55
CA VAL A 432 -14.63 16.37 15.48
C VAL A 432 -13.11 16.30 15.36
N GLU A 433 -12.44 17.39 15.78
CA GLU A 433 -10.99 17.48 15.89
C GLU A 433 -10.64 17.52 17.38
N LYS A 434 -9.35 17.43 17.69
CA LYS A 434 -8.92 17.41 19.09
C LYS A 434 -9.37 18.71 19.76
N GLY A 435 -9.92 18.58 20.96
CA GLY A 435 -10.32 19.73 21.75
C GLY A 435 -11.76 20.13 21.47
N ASP A 436 -12.38 19.57 20.43
CA ASP A 436 -13.77 19.84 20.14
C ASP A 436 -14.66 19.35 21.29
N VAL A 437 -15.78 20.05 21.50
CA VAL A 437 -16.65 19.74 22.61
C VAL A 437 -18.04 19.54 22.08
N ILE A 438 -18.58 18.33 22.28
CA ILE A 438 -19.95 18.03 21.94
C ILE A 438 -20.77 18.06 23.23
N SER A 439 -21.82 18.90 23.25
CA SER A 439 -22.66 19.07 24.43
C SER A 439 -24.09 18.67 24.12
N TYR A 440 -24.79 18.16 25.12
CA TYR A 440 -26.21 17.86 24.98
C TYR A 440 -26.96 18.49 26.14
N ASN A 441 -27.80 19.49 25.81
CA ASN A 441 -28.62 20.24 26.76
C ASN A 441 -29.75 19.34 27.26
N GLY A 442 -30.31 18.57 26.32
CA GLY A 442 -31.51 17.80 26.54
C GLY A 442 -32.47 18.03 25.38
N LYS A 443 -32.18 19.10 24.61
CA LYS A 443 -32.92 19.45 23.42
C LYS A 443 -32.01 19.28 22.20
N ASP A 444 -30.85 19.95 22.19
CA ASP A 444 -30.01 19.97 21.01
C ASP A 444 -28.61 19.49 21.35
N MET A 445 -28.01 18.72 20.42
CA MET A 445 -26.61 18.37 20.53
C MET A 445 -25.80 19.31 19.66
N ILE A 446 -24.88 20.03 20.28
CA ILE A 446 -24.20 21.14 19.61
C ILE A 446 -22.70 21.04 19.84
N LEU A 447 -21.97 21.52 18.84
CA LEU A 447 -20.54 21.72 18.97
C LEU A 447 -20.33 23.19 19.26
N ASN A 448 -20.27 23.55 20.54
CA ASN A 448 -20.41 24.92 20.98
C ASN A 448 -19.15 25.45 21.66
N GLU A 449 -18.18 24.57 21.96
CA GLU A 449 -17.00 24.98 22.70
C GLU A 449 -15.79 24.30 22.06
N LYS A 450 -14.60 24.78 22.43
CA LYS A 450 -13.34 24.12 22.11
C LYS A 450 -12.37 24.30 23.29
N VAL A 451 -11.72 23.22 23.74
CA VAL A 451 -10.85 23.25 24.91
C VAL A 451 -9.40 23.00 24.47
N GLN A 452 -8.47 23.10 25.43
CA GLN A 452 -7.05 22.96 25.17
C GLN A 452 -6.70 21.50 24.92
N SER A 453 -5.99 21.25 23.81
CA SER A 453 -5.57 19.94 23.35
C SER A 453 -4.21 20.07 22.67
N GLY A 454 -3.48 18.97 22.50
CA GLY A 454 -2.24 19.04 21.74
C GLY A 454 -1.36 17.81 21.89
N ASN A 455 -0.14 17.88 21.33
CA ASN A 455 0.81 16.78 21.31
C ASN A 455 2.04 17.08 22.19
N ILE A 456 2.30 16.20 23.16
CA ILE A 456 3.44 16.33 24.05
C ILE A 456 4.42 15.19 23.75
N LEU A 457 5.54 15.58 23.13
CA LEU A 457 6.58 14.63 22.78
C LEU A 457 7.48 14.41 23.99
N ILE A 458 7.95 13.17 24.13
CA ILE A 458 8.76 12.76 25.25
C ILE A 458 9.99 11.98 24.75
N LEU B 17 -40.40 -21.00 26.11
CA LEU B 17 -40.26 -21.68 27.44
C LEU B 17 -40.68 -23.15 27.30
N ILE B 18 -40.27 -24.00 28.25
CA ILE B 18 -40.52 -25.43 28.17
C ILE B 18 -41.84 -25.77 28.85
N LYS B 19 -42.61 -26.70 28.26
CA LYS B 19 -43.94 -27.06 28.76
C LYS B 19 -43.86 -28.28 29.70
N LYS B 20 -43.39 -29.43 29.20
CA LYS B 20 -43.25 -30.63 30.02
C LYS B 20 -41.91 -31.28 29.74
N LYS B 21 -41.55 -32.30 30.55
CA LYS B 21 -40.35 -33.10 30.32
C LYS B 21 -40.65 -34.09 29.20
N ASN B 22 -39.82 -34.06 28.13
CA ASN B 22 -40.05 -34.83 26.92
C ASN B 22 -39.19 -36.09 26.92
N LYS B 23 -39.61 -37.11 26.15
CA LYS B 23 -38.93 -38.40 26.07
C LYS B 23 -38.27 -38.58 24.71
N ASP B 24 -39.09 -38.61 23.65
CA ASP B 24 -38.61 -38.99 22.32
C ASP B 24 -38.64 -37.81 21.36
N ILE B 25 -37.51 -37.64 20.64
CA ILE B 25 -37.41 -36.70 19.52
C ILE B 25 -37.04 -37.49 18.25
N ARG B 26 -37.69 -37.17 17.13
CA ARG B 26 -37.32 -37.76 15.85
C ARG B 26 -37.24 -36.65 14.79
N ILE B 27 -36.19 -36.72 13.95
CA ILE B 27 -35.98 -35.73 12.90
C ILE B 27 -35.84 -36.45 11.56
N ILE B 28 -36.81 -36.20 10.67
CA ILE B 28 -36.87 -36.87 9.38
C ILE B 28 -36.93 -35.86 8.24
N PRO B 29 -35.93 -35.82 7.34
CA PRO B 29 -36.04 -35.09 6.07
C PRO B 29 -36.76 -35.90 4.99
N LEU B 30 -37.86 -35.37 4.48
CA LEU B 30 -38.53 -35.94 3.32
C LEU B 30 -38.18 -35.18 2.04
N GLY B 31 -37.48 -34.05 2.19
CA GLY B 31 -37.02 -33.26 1.05
C GLY B 31 -35.98 -32.20 1.45
N GLY B 32 -35.10 -31.85 0.52
CA GLY B 32 -34.10 -30.82 0.74
C GLY B 32 -32.74 -31.35 1.18
N VAL B 33 -32.55 -32.68 1.19
CA VAL B 33 -31.23 -33.24 1.41
C VAL B 33 -30.83 -34.05 0.17
N GLY B 34 -29.53 -34.00 -0.15
CA GLY B 34 -29.03 -34.56 -1.40
C GLY B 34 -29.67 -33.88 -2.62
N GLU B 35 -30.12 -32.64 -2.47
CA GLU B 35 -30.75 -31.88 -3.56
C GLU B 35 -30.88 -30.42 -3.16
N ILE B 36 -31.17 -29.57 -4.14
CA ILE B 36 -31.36 -28.16 -3.88
C ILE B 36 -32.83 -27.86 -4.15
N ALA B 37 -33.72 -28.10 -3.17
CA ALA B 37 -35.14 -27.78 -3.32
C ALA B 37 -36.00 -28.47 -2.27
N LYS B 38 -37.28 -28.72 -2.64
CA LYS B 38 -38.15 -29.71 -2.01
C LYS B 38 -37.94 -29.72 -0.50
N ASN B 39 -37.99 -28.54 0.11
CA ASN B 39 -37.73 -28.39 1.53
C ASN B 39 -38.91 -28.95 2.33
N MET B 40 -38.71 -30.10 2.99
CA MET B 40 -39.70 -30.63 3.91
C MET B 40 -39.00 -31.42 4.99
N TYR B 41 -39.14 -30.96 6.24
CA TYR B 41 -38.48 -31.61 7.36
C TYR B 41 -39.51 -31.93 8.43
N ILE B 42 -39.54 -33.19 8.88
CA ILE B 42 -40.46 -33.62 9.93
C ILE B 42 -39.72 -33.67 11.26
N VAL B 43 -40.29 -33.02 12.28
CA VAL B 43 -39.81 -33.14 13.64
C VAL B 43 -40.92 -33.69 14.53
N GLU B 44 -40.60 -34.74 15.29
CA GLU B 44 -41.53 -35.34 16.23
C GLU B 44 -41.00 -35.20 17.66
N VAL B 45 -41.86 -34.70 18.55
CA VAL B 45 -41.55 -34.71 19.96
C VAL B 45 -42.65 -35.50 20.66
N ASP B 46 -42.28 -36.69 21.13
CA ASP B 46 -43.24 -37.62 21.71
C ASP B 46 -44.31 -37.92 20.66
N ASP B 47 -45.58 -37.69 21.00
CA ASP B 47 -46.67 -38.14 20.17
C ASP B 47 -47.14 -37.02 19.26
N GLU B 48 -46.34 -35.95 19.12
CA GLU B 48 -46.70 -34.81 18.28
C GLU B 48 -45.72 -34.66 17.11
N MET B 49 -46.25 -34.22 15.96
CA MET B 49 -45.52 -34.21 14.71
C MET B 49 -45.64 -32.82 14.11
N PHE B 50 -44.53 -32.28 13.62
CA PHE B 50 -44.49 -30.95 13.05
C PHE B 50 -43.76 -30.96 11.72
N MET B 51 -44.37 -30.35 10.71
CA MET B 51 -43.79 -30.35 9.37
C MET B 51 -43.22 -28.98 9.08
N LEU B 52 -41.91 -28.94 8.77
CA LEU B 52 -41.19 -27.69 8.58
C LEU B 52 -40.97 -27.47 7.09
N ASP B 53 -41.88 -26.69 6.47
CA ASP B 53 -41.83 -26.34 5.05
C ASP B 53 -42.44 -27.46 4.20
N ALA B 54 -42.80 -27.12 2.95
CA ALA B 54 -43.41 -28.06 2.02
C ALA B 54 -43.13 -27.61 0.60
N GLY B 55 -41.86 -27.67 0.17
CA GLY B 55 -41.41 -27.06 -1.06
C GLY B 55 -41.57 -27.98 -2.27
N LEU B 56 -41.55 -27.37 -3.45
CA LEU B 56 -41.50 -28.12 -4.70
C LEU B 56 -40.12 -27.92 -5.31
N MET B 57 -39.85 -28.72 -6.35
CA MET B 57 -38.62 -28.61 -7.12
C MET B 57 -39.01 -28.58 -8.59
N PHE B 58 -38.41 -27.67 -9.34
CA PHE B 58 -38.69 -27.64 -10.76
C PHE B 58 -37.96 -28.81 -11.41
N PRO B 59 -38.66 -29.63 -12.23
CA PRO B 59 -38.03 -30.77 -12.88
C PRO B 59 -36.94 -30.27 -13.82
N GLU B 60 -35.71 -30.18 -13.30
CA GLU B 60 -34.56 -29.73 -14.07
C GLU B 60 -34.12 -30.84 -15.03
N VAL B 66 -41.98 -32.37 -16.90
CA VAL B 66 -43.19 -32.96 -16.25
C VAL B 66 -43.97 -31.91 -15.44
N ASP B 67 -43.53 -30.64 -15.40
CA ASP B 67 -44.03 -29.69 -14.40
C ASP B 67 -43.50 -30.13 -13.03
N ILE B 68 -43.71 -29.31 -12.00
CA ILE B 68 -43.20 -29.47 -10.63
C ILE B 68 -43.12 -30.90 -10.06
N VAL B 69 -42.07 -31.16 -9.28
CA VAL B 69 -41.89 -32.36 -8.46
C VAL B 69 -42.06 -32.05 -6.96
N ILE B 70 -42.83 -32.89 -6.23
CA ILE B 70 -43.13 -32.72 -4.81
C ILE B 70 -42.67 -33.95 -3.99
N PRO B 71 -42.46 -33.85 -2.64
CA PRO B 71 -41.99 -34.98 -1.84
C PRO B 71 -43.03 -36.06 -1.61
N ASP B 72 -42.57 -37.25 -1.20
CA ASP B 72 -43.46 -38.34 -0.86
C ASP B 72 -43.84 -38.23 0.62
N ILE B 73 -45.14 -38.03 0.86
CA ILE B 73 -45.66 -37.78 2.22
C ILE B 73 -46.40 -39.00 2.78
N GLN B 74 -46.07 -40.19 2.27
CA GLN B 74 -46.70 -41.42 2.75
C GLN B 74 -46.47 -41.60 4.24
N TYR B 75 -45.27 -41.23 4.74
CA TYR B 75 -44.96 -41.39 6.15
C TYR B 75 -45.87 -40.49 6.98
N VAL B 76 -46.20 -39.30 6.45
CA VAL B 76 -47.03 -38.35 7.17
C VAL B 76 -48.44 -38.90 7.25
N ILE B 77 -48.91 -39.47 6.14
CA ILE B 77 -50.28 -39.96 5.99
C ILE B 77 -50.56 -41.11 6.97
N GLU B 78 -49.61 -42.06 7.10
CA GLU B 78 -49.70 -43.17 8.05
C GLU B 78 -49.77 -42.67 9.49
N ASN B 79 -49.30 -41.44 9.74
CA ASN B 79 -49.30 -40.87 11.08
C ASN B 79 -50.03 -39.52 11.09
N LYS B 80 -51.04 -39.37 10.22
CA LYS B 80 -51.75 -38.11 10.02
C LYS B 80 -52.45 -37.64 11.30
N GLU B 81 -52.79 -38.61 12.16
CA GLU B 81 -53.50 -38.34 13.39
C GLU B 81 -52.65 -37.49 14.34
N ARG B 82 -51.33 -37.43 14.11
CA ARG B 82 -50.40 -36.82 15.06
C ARG B 82 -49.78 -35.54 14.53
N LEU B 83 -50.20 -35.12 13.32
CA LEU B 83 -49.66 -33.91 12.71
C LEU B 83 -50.38 -32.69 13.25
N LYS B 84 -49.68 -31.94 14.12
CA LYS B 84 -50.25 -30.79 14.82
C LYS B 84 -50.20 -29.54 13.95
N GLY B 85 -49.33 -29.49 12.94
CA GLY B 85 -49.25 -28.29 12.12
C GLY B 85 -48.11 -28.29 11.11
N ILE B 86 -48.22 -27.32 10.19
CA ILE B 86 -47.26 -27.10 9.15
C ILE B 86 -46.72 -25.67 9.27
N PHE B 87 -45.40 -25.55 9.35
CA PHE B 87 -44.76 -24.27 9.57
C PHE B 87 -43.99 -23.87 8.31
N LEU B 88 -44.28 -22.66 7.82
CA LEU B 88 -43.73 -22.17 6.56
C LEU B 88 -42.86 -20.94 6.80
N THR B 89 -41.58 -21.07 6.39
CA THR B 89 -40.55 -20.10 6.71
C THR B 89 -40.69 -18.85 5.82
N HIS B 90 -40.93 -19.04 4.52
CA HIS B 90 -41.00 -17.91 3.61
C HIS B 90 -41.81 -18.30 2.37
N GLY B 91 -42.12 -17.26 1.58
CA GLY B 91 -43.11 -17.37 0.52
C GLY B 91 -42.58 -17.97 -0.78
N HIS B 92 -41.29 -18.38 -0.82
CA HIS B 92 -40.73 -18.96 -2.03
C HIS B 92 -41.32 -20.35 -2.29
N GLU B 93 -41.22 -20.78 -3.57
CA GLU B 93 -41.73 -22.03 -4.10
C GLU B 93 -41.01 -23.25 -3.51
N HIS B 94 -39.78 -23.01 -3.04
CA HIS B 94 -38.97 -24.06 -2.45
C HIS B 94 -39.38 -24.30 -0.99
N ALA B 95 -40.24 -23.44 -0.44
CA ALA B 95 -40.71 -23.61 0.93
C ALA B 95 -42.20 -23.98 0.99
N ILE B 96 -43.01 -23.39 0.10
CA ILE B 96 -44.46 -23.50 0.22
C ILE B 96 -45.08 -24.11 -1.03
N GLY B 97 -44.26 -24.65 -1.94
CA GLY B 97 -44.76 -25.01 -3.27
C GLY B 97 -45.65 -26.25 -3.31
N ALA B 98 -45.49 -27.13 -2.32
CA ALA B 98 -46.23 -28.38 -2.29
C ALA B 98 -47.30 -28.35 -1.20
N VAL B 99 -47.67 -27.15 -0.72
CA VAL B 99 -48.60 -27.00 0.38
C VAL B 99 -50.00 -27.46 -0.06
N SER B 100 -50.41 -27.00 -1.25
CA SER B 100 -51.72 -27.34 -1.77
C SER B 100 -51.88 -28.86 -1.87
N TYR B 101 -50.83 -29.56 -2.32
CA TYR B 101 -50.88 -31.00 -2.54
C TYR B 101 -50.92 -31.76 -1.22
N VAL B 102 -50.29 -31.20 -0.19
CA VAL B 102 -50.36 -31.78 1.13
C VAL B 102 -51.77 -31.60 1.69
N LEU B 103 -52.35 -30.41 1.49
CA LEU B 103 -53.62 -30.07 2.11
C LEU B 103 -54.78 -30.82 1.44
N GLU B 104 -54.56 -31.33 0.22
CA GLU B 104 -55.52 -32.21 -0.44
C GLU B 104 -55.70 -33.50 0.36
N GLN B 105 -54.59 -34.06 0.85
CA GLN B 105 -54.60 -35.39 1.48
C GLN B 105 -54.76 -35.28 2.99
N ILE B 106 -54.32 -34.16 3.58
CA ILE B 106 -54.30 -34.02 5.04
C ILE B 106 -54.87 -32.66 5.43
N ASP B 107 -55.54 -32.62 6.59
CA ASP B 107 -56.07 -31.40 7.14
C ASP B 107 -55.22 -31.02 8.35
N ALA B 108 -54.41 -29.96 8.23
CA ALA B 108 -53.64 -29.44 9.34
C ALA B 108 -53.64 -27.91 9.35
N PRO B 109 -53.43 -27.24 10.50
CA PRO B 109 -53.28 -25.79 10.53
C PRO B 109 -51.96 -25.38 9.88
N VAL B 110 -52.01 -24.25 9.19
CA VAL B 110 -50.86 -23.73 8.48
C VAL B 110 -50.38 -22.48 9.22
N TYR B 111 -49.10 -22.49 9.61
CA TYR B 111 -48.49 -21.36 10.28
C TYR B 111 -47.51 -20.69 9.32
N GLY B 112 -47.54 -19.35 9.26
CA GLY B 112 -46.57 -18.61 8.48
C GLY B 112 -46.62 -17.10 8.75
N SER B 113 -45.72 -16.35 8.11
CA SER B 113 -45.74 -14.89 8.21
C SER B 113 -46.93 -14.33 7.41
N LYS B 114 -47.16 -13.03 7.57
CA LYS B 114 -48.26 -12.31 6.92
C LYS B 114 -48.20 -12.50 5.40
N LEU B 115 -46.99 -12.41 4.83
CA LEU B 115 -46.81 -12.46 3.39
C LEU B 115 -46.94 -13.91 2.91
N THR B 116 -46.39 -14.85 3.69
CA THR B 116 -46.35 -16.24 3.30
C THR B 116 -47.77 -16.77 3.16
N ILE B 117 -48.61 -16.45 4.16
CA ILE B 117 -49.98 -16.94 4.20
C ILE B 117 -50.74 -16.37 3.01
N ALA B 118 -50.50 -15.10 2.68
CA ALA B 118 -51.15 -14.48 1.53
C ALA B 118 -50.85 -15.28 0.26
N LEU B 119 -49.59 -15.68 0.09
CA LEU B 119 -49.11 -16.34 -1.13
C LEU B 119 -49.64 -17.77 -1.18
N VAL B 120 -49.77 -18.41 -0.01
CA VAL B 120 -50.35 -19.74 0.08
C VAL B 120 -51.83 -19.70 -0.29
N LYS B 121 -52.56 -18.72 0.27
CA LYS B 121 -53.98 -18.56 -0.01
C LYS B 121 -54.20 -18.39 -1.51
N GLU B 122 -53.30 -17.62 -2.13
CA GLU B 122 -53.40 -17.31 -3.54
C GLU B 122 -53.16 -18.57 -4.37
N ALA B 123 -52.26 -19.42 -3.89
CA ALA B 123 -51.95 -20.69 -4.53
C ALA B 123 -53.14 -21.65 -4.45
N MET B 124 -53.85 -21.62 -3.32
CA MET B 124 -55.00 -22.49 -3.14
C MET B 124 -56.13 -22.01 -4.03
N LYS B 125 -56.28 -20.68 -4.15
CA LYS B 125 -57.24 -20.06 -5.04
C LYS B 125 -56.93 -20.43 -6.50
N ALA B 126 -55.65 -20.41 -6.87
CA ALA B 126 -55.23 -20.66 -8.24
C ALA B 126 -55.51 -22.10 -8.65
N ARG B 127 -55.54 -23.02 -7.69
CA ARG B 127 -55.80 -24.43 -7.98
C ARG B 127 -57.29 -24.74 -7.74
N ASN B 128 -58.08 -23.70 -7.43
CA ASN B 128 -59.51 -23.80 -7.22
C ASN B 128 -59.83 -24.83 -6.14
N ILE B 129 -59.02 -24.88 -5.06
CA ILE B 129 -59.23 -25.82 -3.97
C ILE B 129 -60.15 -25.19 -2.92
N LYS B 130 -61.32 -25.82 -2.73
CA LYS B 130 -62.40 -25.23 -1.96
C LYS B 130 -62.32 -25.64 -0.47
N LYS B 131 -61.44 -26.59 -0.12
CA LYS B 131 -61.30 -27.09 1.25
C LYS B 131 -61.01 -25.95 2.24
N LYS B 132 -61.67 -25.95 3.42
CA LYS B 132 -61.48 -24.89 4.41
C LYS B 132 -60.16 -25.12 5.13
N VAL B 133 -59.32 -24.09 5.23
CA VAL B 133 -57.98 -24.23 5.80
C VAL B 133 -57.84 -23.34 7.03
N ARG B 134 -57.29 -23.90 8.12
CA ARG B 134 -57.01 -23.12 9.32
C ARG B 134 -55.66 -22.41 9.12
N TYR B 135 -55.70 -21.08 8.88
CA TYR B 135 -54.50 -20.27 8.72
C TYR B 135 -54.19 -19.52 10.02
N TYR B 136 -52.91 -19.54 10.42
CA TYR B 136 -52.43 -18.76 11.54
C TYR B 136 -51.29 -17.85 11.08
N THR B 137 -51.52 -16.54 11.10
CA THR B 137 -50.44 -15.60 10.85
C THR B 137 -49.60 -15.41 12.11
N VAL B 138 -48.29 -15.66 11.97
CA VAL B 138 -47.37 -15.53 13.09
C VAL B 138 -46.38 -14.40 12.84
N ASN B 139 -45.72 -13.98 13.92
CA ASN B 139 -44.64 -13.02 13.89
C ASN B 139 -43.56 -13.49 14.87
N HIS B 140 -42.48 -12.70 14.99
CA HIS B 140 -41.38 -13.05 15.88
C HIS B 140 -41.80 -12.96 17.36
N ASP B 141 -42.98 -12.40 17.63
CA ASP B 141 -43.51 -12.29 18.99
C ASP B 141 -44.52 -13.39 19.29
N SER B 142 -44.88 -14.19 18.28
CA SER B 142 -45.81 -15.29 18.45
C SER B 142 -45.12 -16.43 19.19
N ILE B 143 -45.90 -17.05 20.07
CA ILE B 143 -45.54 -18.32 20.69
C ILE B 143 -46.72 -19.27 20.54
N MET B 144 -46.60 -20.27 19.66
CA MET B 144 -47.66 -21.24 19.48
C MET B 144 -47.45 -22.36 20.49
N ARG B 145 -48.54 -22.74 21.18
CA ARG B 145 -48.47 -23.67 22.29
C ARG B 145 -49.13 -24.99 21.91
N PHE B 146 -48.51 -26.09 22.32
CA PHE B 146 -48.97 -27.42 21.97
C PHE B 146 -48.93 -28.28 23.23
N LYS B 147 -49.37 -29.54 23.06
CA LYS B 147 -49.49 -30.45 24.18
C LYS B 147 -48.11 -30.68 24.79
N ASN B 148 -47.10 -30.92 23.94
CA ASN B 148 -45.79 -31.34 24.43
C ASN B 148 -44.73 -30.23 24.33
N VAL B 149 -44.88 -29.28 23.37
CA VAL B 149 -43.87 -28.26 23.11
C VAL B 149 -44.47 -26.90 22.77
N ASN B 150 -43.64 -25.85 22.96
CA ASN B 150 -43.95 -24.50 22.50
C ASN B 150 -43.06 -24.13 21.31
N VAL B 151 -43.64 -23.43 20.33
CA VAL B 151 -42.93 -23.09 19.11
C VAL B 151 -42.83 -21.57 19.03
N SER B 152 -41.61 -21.05 18.90
CA SER B 152 -41.43 -19.63 18.69
C SER B 152 -40.82 -19.39 17.31
N PHE B 153 -40.74 -18.11 16.93
CA PHE B 153 -40.23 -17.73 15.63
C PHE B 153 -39.29 -16.56 15.76
N PHE B 154 -38.46 -16.37 14.72
CA PHE B 154 -37.56 -15.24 14.66
C PHE B 154 -37.32 -14.86 13.20
N ASN B 155 -37.10 -13.57 12.93
CA ASN B 155 -36.92 -13.08 11.58
C ASN B 155 -35.53 -13.46 11.05
N THR B 156 -35.49 -13.79 9.77
CA THR B 156 -34.26 -14.13 9.07
C THR B 156 -34.10 -13.16 7.91
N THR B 157 -32.90 -13.13 7.29
CA THR B 157 -32.65 -12.32 6.10
C THR B 157 -32.65 -13.22 4.85
N HIS B 158 -33.52 -12.93 3.88
CA HIS B 158 -33.61 -13.69 2.62
C HIS B 158 -33.90 -12.72 1.47
N SER B 159 -34.12 -13.25 0.25
CA SER B 159 -34.43 -12.43 -0.92
C SER B 159 -35.88 -11.97 -0.91
N ILE B 160 -36.67 -12.52 0.04
CA ILE B 160 -38.09 -12.26 0.18
C ILE B 160 -38.35 -11.87 1.64
N PRO B 161 -39.12 -10.78 1.86
CA PRO B 161 -39.34 -10.26 3.22
C PRO B 161 -40.23 -11.17 4.06
N ASP B 162 -40.28 -10.89 5.37
CA ASP B 162 -41.00 -11.68 6.37
C ASP B 162 -40.72 -13.18 6.22
N SER B 163 -39.43 -13.51 6.24
CA SER B 163 -38.99 -14.88 6.36
C SER B 163 -38.77 -15.13 7.84
N LEU B 164 -39.20 -16.30 8.30
CA LEU B 164 -39.11 -16.66 9.70
C LEU B 164 -38.27 -17.93 9.90
N GLY B 165 -37.58 -17.98 11.04
CA GLY B 165 -36.98 -19.19 11.54
C GLY B 165 -37.94 -19.84 12.54
N VAL B 166 -37.86 -21.15 12.71
CA VAL B 166 -38.72 -21.86 13.66
C VAL B 166 -37.86 -22.33 14.83
N CYS B 167 -38.37 -22.15 16.05
CA CYS B 167 -37.71 -22.66 17.24
C CYS B 167 -38.68 -23.56 18.02
N ILE B 168 -38.41 -24.87 18.04
CA ILE B 168 -39.24 -25.80 18.81
C ILE B 168 -38.59 -26.03 20.17
N HIS B 169 -39.28 -25.62 21.24
CA HIS B 169 -38.72 -25.64 22.58
C HIS B 169 -39.04 -26.96 23.29
N THR B 170 -38.01 -27.76 23.58
CA THR B 170 -38.21 -29.00 24.33
C THR B 170 -37.43 -28.94 25.64
N SER B 171 -37.68 -29.93 26.52
CA SER B 171 -36.93 -30.10 27.76
C SER B 171 -35.44 -30.36 27.51
N TYR B 172 -35.11 -30.92 26.34
CA TYR B 172 -33.73 -31.21 25.97
C TYR B 172 -33.04 -29.95 25.44
N GLY B 173 -33.82 -28.92 25.10
CA GLY B 173 -33.27 -27.76 24.41
C GLY B 173 -34.04 -27.48 23.12
N SER B 174 -33.64 -26.42 22.42
CA SER B 174 -34.36 -25.95 21.25
C SER B 174 -33.95 -26.75 20.03
N ILE B 175 -34.94 -27.06 19.21
CA ILE B 175 -34.71 -27.55 17.85
C ILE B 175 -34.93 -26.35 16.93
N VAL B 176 -33.84 -25.85 16.34
CA VAL B 176 -33.94 -24.66 15.52
C VAL B 176 -33.81 -25.04 14.04
N TYR B 177 -34.77 -24.55 13.26
CA TYR B 177 -34.72 -24.68 11.82
C TYR B 177 -34.60 -23.28 11.22
N THR B 178 -33.49 -23.05 10.51
CA THR B 178 -33.13 -21.73 10.03
C THR B 178 -34.05 -21.29 8.87
N GLY B 179 -34.56 -22.27 8.12
CA GLY B 179 -35.04 -22.03 6.77
C GLY B 179 -33.87 -21.54 5.91
N GLU B 180 -34.16 -20.83 4.81
CA GLU B 180 -33.11 -20.21 4.02
C GLU B 180 -32.81 -18.84 4.60
N PHE B 181 -31.51 -18.53 4.77
CA PHE B 181 -31.11 -17.27 5.38
C PHE B 181 -29.79 -16.76 4.81
N LYS B 182 -29.49 -15.51 5.18
CA LYS B 182 -28.26 -14.82 4.86
C LYS B 182 -27.98 -13.81 5.98
N PHE B 183 -26.82 -13.16 5.91
CA PHE B 183 -26.54 -12.06 6.82
C PHE B 183 -25.97 -10.87 6.06
N ASP B 184 -26.83 -9.88 5.80
CA ASP B 184 -26.45 -8.72 5.00
C ASP B 184 -26.64 -7.47 5.86
N GLN B 185 -25.59 -6.63 5.94
CA GLN B 185 -25.63 -5.46 6.80
C GLN B 185 -26.24 -4.25 6.09
N SER B 186 -26.80 -4.44 4.89
CA SER B 186 -27.43 -3.37 4.14
C SER B 186 -28.95 -3.55 4.11
N LEU B 187 -29.41 -4.76 4.37
CA LEU B 187 -30.83 -5.06 4.40
C LEU B 187 -31.37 -4.77 5.80
N HIS B 188 -32.33 -3.86 5.92
CA HIS B 188 -32.61 -3.24 7.20
C HIS B 188 -34.12 -3.06 7.45
N GLY B 189 -34.98 -3.83 6.76
CA GLY B 189 -36.42 -3.59 6.84
C GLY B 189 -37.18 -4.79 7.41
N HIS B 190 -38.14 -5.30 6.62
CA HIS B 190 -38.72 -6.62 6.83
C HIS B 190 -37.74 -7.71 6.39
N TYR B 191 -36.52 -7.30 6.02
CA TYR B 191 -35.44 -8.22 5.73
C TYR B 191 -34.47 -8.33 6.92
N ALA B 192 -34.69 -7.52 7.96
CA ALA B 192 -33.77 -7.47 9.08
C ALA B 192 -33.81 -8.77 9.88
N PRO B 193 -32.64 -9.27 10.36
CA PRO B 193 -32.61 -10.47 11.22
C PRO B 193 -32.81 -10.12 12.69
N ASP B 194 -33.20 -11.10 13.52
CA ASP B 194 -33.43 -10.86 14.95
C ASP B 194 -32.23 -11.37 15.73
N LEU B 195 -31.16 -10.56 15.74
CA LEU B 195 -29.91 -10.90 16.38
C LEU B 195 -30.16 -11.13 17.88
N LYS B 196 -31.01 -10.32 18.53
CA LYS B 196 -31.23 -10.47 19.97
C LYS B 196 -31.98 -11.78 20.26
N ARG B 197 -33.07 -12.03 19.51
CA ARG B 197 -33.91 -13.19 19.75
C ARG B 197 -33.07 -14.44 19.48
N MET B 198 -32.22 -14.37 18.45
CA MET B 198 -31.35 -15.49 18.10
C MET B 198 -30.33 -15.76 19.20
N ALA B 199 -29.74 -14.70 19.78
CA ALA B 199 -28.71 -14.82 20.81
C ALA B 199 -29.29 -15.39 22.10
N GLU B 200 -30.56 -15.04 22.34
CA GLU B 200 -31.29 -15.54 23.50
C GLU B 200 -31.56 -17.03 23.36
N ILE B 201 -32.01 -17.44 22.18
CA ILE B 201 -32.24 -18.82 21.85
C ILE B 201 -30.97 -19.64 22.09
N GLY B 202 -29.81 -19.08 21.71
CA GLY B 202 -28.51 -19.71 21.85
C GLY B 202 -28.10 -20.02 23.28
N ASP B 203 -28.30 -19.04 24.20
CA ASP B 203 -27.97 -19.20 25.62
C ASP B 203 -28.94 -20.09 26.38
N GLU B 204 -30.22 -20.05 26.01
CA GLU B 204 -31.21 -20.86 26.72
C GLU B 204 -30.95 -22.30 26.32
N GLY B 205 -30.30 -22.46 25.17
CA GLY B 205 -29.71 -23.73 24.78
C GLY B 205 -30.41 -24.34 23.57
N VAL B 206 -29.58 -24.65 22.56
CA VAL B 206 -30.04 -25.29 21.34
C VAL B 206 -29.59 -26.76 21.36
N PHE B 207 -30.59 -27.67 21.39
CA PHE B 207 -30.36 -29.11 21.31
C PHE B 207 -29.86 -29.49 19.91
N ALA B 208 -30.58 -29.03 18.86
CA ALA B 208 -30.32 -29.38 17.48
C ALA B 208 -30.55 -28.18 16.56
N LEU B 209 -29.60 -27.97 15.64
CA LEU B 209 -29.72 -26.91 14.63
C LEU B 209 -29.81 -27.55 13.25
N ILE B 210 -30.82 -27.11 12.48
CA ILE B 210 -31.02 -27.58 11.11
C ILE B 210 -30.82 -26.38 10.18
N SER B 211 -29.73 -26.38 9.39
CA SER B 211 -29.30 -25.16 8.71
C SER B 211 -29.05 -25.33 7.20
N ASP B 212 -29.17 -24.19 6.50
CA ASP B 212 -29.09 -24.08 5.04
C ASP B 212 -27.65 -24.22 4.54
N SER B 213 -27.43 -25.19 3.63
CA SER B 213 -26.10 -25.55 3.16
C SER B 213 -25.88 -25.16 1.71
N THR B 214 -26.79 -24.34 1.15
CA THR B 214 -26.81 -24.06 -0.29
C THR B 214 -25.47 -23.53 -0.80
N GLU B 215 -24.86 -22.57 -0.07
CA GLU B 215 -23.62 -21.93 -0.48
C GLU B 215 -22.50 -22.21 0.54
N ALA B 216 -22.54 -23.39 1.18
CA ALA B 216 -21.57 -23.76 2.20
C ALA B 216 -20.17 -23.88 1.61
N GLU B 217 -20.07 -24.10 0.29
CA GLU B 217 -18.81 -24.34 -0.40
C GLU B 217 -18.11 -23.05 -0.82
N LYS B 218 -18.88 -21.95 -0.91
CA LYS B 218 -18.36 -20.66 -1.30
C LYS B 218 -17.77 -19.99 -0.07
N PRO B 219 -16.44 -19.72 -0.05
CA PRO B 219 -15.77 -19.09 1.09
C PRO B 219 -16.18 -17.64 1.28
N GLY B 220 -15.97 -17.11 2.49
CA GLY B 220 -16.15 -15.69 2.71
C GLY B 220 -17.60 -15.28 2.92
N TYR B 221 -17.97 -14.12 2.37
CA TYR B 221 -19.30 -13.55 2.53
C TYR B 221 -19.85 -13.19 1.15
N ASN B 222 -21.18 -13.15 1.06
CA ASN B 222 -21.91 -12.60 -0.08
C ASN B 222 -21.53 -11.13 -0.32
N THR B 223 -21.58 -10.68 -1.57
CA THR B 223 -21.47 -9.26 -1.86
C THR B 223 -22.69 -8.56 -1.27
N PRO B 224 -22.52 -7.53 -0.41
CA PRO B 224 -23.67 -6.84 0.18
C PRO B 224 -24.59 -6.28 -0.91
N GLU B 225 -25.90 -6.26 -0.64
CA GLU B 225 -26.91 -5.88 -1.61
C GLU B 225 -26.71 -4.44 -2.10
N ASN B 226 -26.34 -3.53 -1.20
CA ASN B 226 -26.15 -2.14 -1.58
C ASN B 226 -24.97 -2.00 -2.56
N ILE B 227 -23.99 -2.91 -2.50
CA ILE B 227 -22.88 -2.87 -3.44
C ILE B 227 -23.38 -3.28 -4.82
N ILE B 228 -24.27 -4.27 -4.84
CA ILE B 228 -24.86 -4.77 -6.07
C ILE B 228 -25.72 -3.67 -6.68
N GLU B 229 -26.51 -3.00 -5.83
CA GLU B 229 -27.38 -1.89 -6.26
C GLU B 229 -26.53 -0.78 -6.85
N HIS B 230 -25.37 -0.53 -6.24
CA HIS B 230 -24.54 0.56 -6.69
C HIS B 230 -23.92 0.25 -8.07
N HIS B 231 -23.49 -1.01 -8.27
CA HIS B 231 -22.93 -1.41 -9.56
C HIS B 231 -23.97 -1.38 -10.68
N MET B 232 -25.24 -1.67 -10.32
CA MET B 232 -26.33 -1.60 -11.28
C MET B 232 -26.61 -0.14 -11.65
N TYR B 233 -26.60 0.73 -10.64
CA TYR B 233 -26.77 2.16 -10.85
C TYR B 233 -25.76 2.67 -11.87
N ASP B 234 -24.47 2.37 -11.67
CA ASP B 234 -23.39 2.87 -12.51
C ASP B 234 -23.53 2.36 -13.94
N ALA B 235 -24.00 1.11 -14.08
CA ALA B 235 -24.23 0.47 -15.37
C ALA B 235 -25.38 1.16 -16.10
N PHE B 236 -26.50 1.35 -15.37
CA PHE B 236 -27.74 1.91 -15.90
C PHE B 236 -27.57 3.39 -16.26
N ALA B 237 -26.72 4.09 -15.51
CA ALA B 237 -26.54 5.52 -15.73
C ALA B 237 -25.85 5.78 -17.07
N LYS B 238 -25.19 4.76 -17.62
CA LYS B 238 -24.47 4.93 -18.87
C LYS B 238 -25.38 4.66 -20.06
N VAL B 239 -26.57 4.13 -19.82
CA VAL B 239 -27.48 3.79 -20.91
C VAL B 239 -28.08 5.07 -21.48
N LYS B 240 -27.93 5.24 -22.79
CA LYS B 240 -28.46 6.40 -23.49
C LYS B 240 -29.85 6.08 -24.04
N GLY B 241 -30.19 4.79 -24.19
CA GLY B 241 -31.39 4.37 -24.88
C GLY B 241 -32.39 3.73 -23.93
N ARG B 242 -33.18 2.78 -24.45
CA ARG B 242 -34.14 2.05 -23.65
C ARG B 242 -33.41 0.97 -22.86
N LEU B 243 -33.91 0.71 -21.64
CA LEU B 243 -33.31 -0.29 -20.77
C LEU B 243 -34.33 -1.34 -20.41
N ILE B 244 -33.96 -2.62 -20.63
CA ILE B 244 -34.81 -3.75 -20.29
C ILE B 244 -34.07 -4.66 -19.32
N VAL B 245 -34.70 -4.92 -18.18
CA VAL B 245 -34.10 -5.69 -17.10
C VAL B 245 -34.86 -6.99 -16.92
N SER B 246 -34.12 -8.10 -16.81
CA SER B 246 -34.70 -9.42 -16.58
C SER B 246 -34.48 -9.82 -15.12
N CYS B 247 -35.56 -10.24 -14.44
CA CYS B 247 -35.52 -10.60 -13.03
C CYS B 247 -36.25 -11.91 -12.75
N TYR B 248 -35.88 -12.61 -11.67
CA TYR B 248 -36.77 -13.59 -11.08
C TYR B 248 -37.77 -12.86 -10.19
N ALA B 249 -39.04 -13.26 -10.31
CA ALA B 249 -40.10 -12.71 -9.50
C ALA B 249 -39.84 -12.96 -8.01
N SER B 250 -39.09 -14.03 -7.68
CA SER B 250 -38.82 -14.48 -6.32
C SER B 250 -37.84 -13.55 -5.59
N ASN B 251 -37.05 -12.76 -6.34
CA ASN B 251 -36.05 -11.88 -5.75
C ASN B 251 -36.63 -10.47 -5.60
N PHE B 252 -37.33 -10.27 -4.48
CA PHE B 252 -38.01 -9.00 -4.21
C PHE B 252 -36.99 -7.88 -4.05
N VAL B 253 -35.80 -8.24 -3.55
CA VAL B 253 -34.75 -7.27 -3.29
C VAL B 253 -34.29 -6.63 -4.60
N ARG B 254 -34.05 -7.48 -5.62
CA ARG B 254 -33.55 -7.04 -6.92
C ARG B 254 -34.59 -6.16 -7.62
N ILE B 255 -35.86 -6.52 -7.44
CA ILE B 255 -36.97 -5.71 -7.96
C ILE B 255 -37.02 -4.37 -7.23
N GLN B 256 -36.85 -4.38 -5.91
CA GLN B 256 -36.85 -3.14 -5.13
C GLN B 256 -35.67 -2.27 -5.56
N GLN B 257 -34.57 -2.91 -5.99
CA GLN B 257 -33.36 -2.21 -6.37
C GLN B 257 -33.54 -1.45 -7.69
N VAL B 258 -34.15 -2.08 -8.70
CA VAL B 258 -34.35 -1.40 -9.97
C VAL B 258 -35.36 -0.25 -9.79
N LEU B 259 -36.32 -0.42 -8.89
CA LEU B 259 -37.27 0.67 -8.63
C LEU B 259 -36.55 1.88 -8.05
N ASN B 260 -35.62 1.64 -7.13
CA ASN B 260 -34.86 2.72 -6.53
C ASN B 260 -34.06 3.45 -7.60
N ILE B 261 -33.40 2.66 -8.46
CA ILE B 261 -32.48 3.19 -9.45
C ILE B 261 -33.26 4.00 -10.49
N ALA B 262 -34.41 3.46 -10.93
CA ALA B 262 -35.21 4.08 -11.98
C ALA B 262 -35.67 5.46 -11.52
N SER B 263 -36.00 5.53 -10.23
CA SER B 263 -36.45 6.76 -9.59
C SER B 263 -35.33 7.81 -9.60
N GLN B 264 -34.11 7.36 -9.30
CA GLN B 264 -32.96 8.24 -9.20
C GLN B 264 -32.50 8.73 -10.56
N LEU B 265 -32.75 7.93 -11.61
CA LEU B 265 -32.31 8.28 -12.97
C LEU B 265 -33.45 8.95 -13.75
N ASN B 266 -34.52 9.36 -13.06
CA ASN B 266 -35.71 9.93 -13.70
C ASN B 266 -36.24 9.05 -14.83
N ARG B 267 -36.18 7.73 -14.65
CA ARG B 267 -36.81 6.80 -15.57
C ARG B 267 -38.08 6.28 -14.92
N LYS B 268 -38.98 5.77 -15.74
CA LYS B 268 -40.22 5.22 -15.23
C LYS B 268 -40.23 3.74 -15.56
N VAL B 269 -41.00 2.97 -14.77
CA VAL B 269 -40.88 1.52 -14.78
C VAL B 269 -42.16 0.91 -15.35
N SER B 270 -41.98 -0.10 -16.21
CA SER B 270 -43.09 -0.83 -16.79
C SER B 270 -42.79 -2.33 -16.84
N PHE B 271 -43.76 -3.13 -16.37
CA PHE B 271 -43.68 -4.58 -16.45
C PHE B 271 -44.39 -5.04 -17.71
N LEU B 272 -43.75 -5.90 -18.51
CA LEU B 272 -44.44 -6.54 -19.62
C LEU B 272 -45.86 -6.87 -19.13
N GLY B 273 -46.88 -6.21 -19.70
CA GLY B 273 -48.26 -6.32 -19.22
C GLY B 273 -48.93 -7.58 -19.74
N SER B 275 -50.81 -7.88 -17.30
CA SER B 275 -50.89 -8.24 -15.86
C SER B 275 -49.64 -7.73 -15.14
N LEU B 276 -49.75 -7.52 -13.82
CA LEU B 276 -48.59 -7.41 -12.94
C LEU B 276 -48.60 -8.64 -12.04
N GLU B 277 -47.40 -9.21 -11.82
CA GLU B 277 -47.25 -10.58 -11.36
C GLU B 277 -47.88 -10.71 -9.98
N SER B 278 -48.60 -11.82 -9.74
CA SER B 278 -49.40 -12.01 -8.52
C SER B 278 -48.57 -11.80 -7.25
N SER B 279 -47.41 -12.48 -7.12
CA SER B 279 -46.55 -12.38 -5.94
C SER B 279 -46.11 -10.94 -5.70
N PHE B 280 -45.71 -10.25 -6.78
CA PHE B 280 -45.30 -8.86 -6.71
C PHE B 280 -46.46 -7.98 -6.26
N ASN B 281 -47.64 -8.28 -6.81
CA ASN B 281 -48.78 -7.39 -6.70
C ASN B 281 -49.48 -7.55 -5.34
N ILE B 282 -49.40 -8.77 -4.77
CA ILE B 282 -49.85 -9.05 -3.42
C ILE B 282 -49.00 -8.29 -2.42
N ALA B 283 -47.68 -8.45 -2.53
CA ALA B 283 -46.72 -7.86 -1.59
C ALA B 283 -46.73 -6.35 -1.72
N ARG B 284 -47.00 -5.84 -2.92
CA ARG B 284 -47.07 -4.42 -3.16
C ARG B 284 -48.27 -3.80 -2.45
N LYS B 285 -49.42 -4.48 -2.53
CA LYS B 285 -50.67 -4.00 -1.96
C LYS B 285 -50.57 -4.02 -0.43
N MET B 286 -49.68 -4.86 0.11
CA MET B 286 -49.49 -5.02 1.55
C MET B 286 -48.40 -4.09 2.10
N GLY B 287 -47.73 -3.34 1.21
CA GLY B 287 -46.75 -2.35 1.62
C GLY B 287 -45.34 -2.91 1.84
N TYR B 288 -45.00 -4.01 1.15
CA TYR B 288 -43.64 -4.53 1.22
C TYR B 288 -42.70 -3.74 0.31
N PHE B 289 -43.23 -3.09 -0.74
CA PHE B 289 -42.42 -2.37 -1.71
C PHE B 289 -42.53 -0.88 -1.45
N ASP B 290 -41.43 -0.17 -1.73
CA ASP B 290 -41.36 1.26 -1.55
C ASP B 290 -41.39 1.97 -2.91
N ILE B 291 -42.58 2.44 -3.32
CA ILE B 291 -42.79 2.91 -4.68
C ILE B 291 -43.30 4.36 -4.66
N PRO B 292 -42.55 5.33 -5.23
CA PRO B 292 -43.06 6.71 -5.37
C PRO B 292 -44.25 6.77 -6.33
N LYS B 293 -44.88 7.96 -6.41
CA LYS B 293 -46.10 8.18 -7.15
C LYS B 293 -45.80 8.39 -8.65
N ASP B 294 -46.57 7.68 -9.49
CA ASP B 294 -46.43 7.72 -10.94
C ASP B 294 -44.99 7.35 -11.32
N LEU B 295 -44.46 6.27 -10.75
CA LEU B 295 -43.18 5.72 -11.19
C LEU B 295 -43.46 4.58 -12.16
N LEU B 296 -44.47 3.77 -11.80
CA LEU B 296 -44.93 2.70 -12.66
C LEU B 296 -45.88 3.26 -13.70
N ILE B 297 -45.59 2.91 -14.96
CA ILE B 297 -46.45 3.23 -16.07
C ILE B 297 -46.86 1.90 -16.72
N PRO B 298 -48.15 1.73 -17.07
CA PRO B 298 -48.60 0.51 -17.77
C PRO B 298 -47.87 0.33 -19.11
N ILE B 299 -47.82 -0.91 -19.64
CA ILE B 299 -47.08 -1.18 -20.87
C ILE B 299 -47.71 -0.42 -22.05
N ASN B 300 -49.02 -0.14 -21.92
CA ASN B 300 -49.81 0.75 -22.78
C ASN B 300 -49.21 2.15 -22.92
N GLU B 301 -48.65 2.71 -21.83
CA GLU B 301 -48.31 4.13 -21.77
C GLU B 301 -46.81 4.36 -22.02
N VAL B 302 -46.09 3.34 -22.50
CA VAL B 302 -44.65 3.43 -22.74
C VAL B 302 -44.34 4.37 -23.93
N GLU B 303 -45.21 4.34 -24.96
CA GLU B 303 -45.10 5.10 -26.20
C GLU B 303 -44.92 6.60 -25.96
N ASN B 304 -45.52 7.13 -24.87
CA ASN B 304 -45.55 8.56 -24.62
C ASN B 304 -44.18 9.13 -24.31
N TYR B 305 -43.26 8.32 -23.78
CA TYR B 305 -42.01 8.81 -23.25
C TYR B 305 -40.85 8.55 -24.21
N PRO B 306 -39.77 9.37 -24.15
CA PRO B 306 -38.52 9.08 -24.86
C PRO B 306 -37.85 7.79 -24.40
N LYS B 307 -37.05 7.18 -25.29
CA LYS B 307 -36.48 5.86 -25.05
C LYS B 307 -35.66 5.85 -23.74
N ASN B 308 -34.99 6.96 -23.42
CA ASN B 308 -34.07 7.04 -22.27
C ASN B 308 -34.78 7.31 -20.95
N GLU B 309 -36.11 7.34 -20.95
CA GLU B 309 -36.85 7.60 -19.73
C GLU B 309 -37.70 6.40 -19.33
N VAL B 310 -37.34 5.20 -19.80
CA VAL B 310 -38.12 4.03 -19.45
C VAL B 310 -37.18 2.89 -19.07
N ILE B 311 -37.61 2.12 -18.05
CA ILE B 311 -37.06 0.81 -17.71
C ILE B 311 -38.17 -0.23 -17.81
N ILE B 312 -37.96 -1.26 -18.64
CA ILE B 312 -38.93 -2.33 -18.77
C ILE B 312 -38.38 -3.54 -18.01
N ILE B 313 -39.23 -4.18 -17.19
CA ILE B 313 -38.82 -5.34 -16.40
C ILE B 313 -39.49 -6.62 -16.92
N ALA B 314 -38.67 -7.61 -17.30
CA ALA B 314 -39.16 -8.95 -17.63
C ALA B 314 -38.95 -9.89 -16.45
N THR B 315 -40.04 -10.30 -15.77
CA THR B 315 -39.96 -11.31 -14.72
C THR B 315 -40.56 -12.66 -15.14
N GLY B 316 -40.42 -13.67 -14.25
CA GLY B 316 -41.07 -14.96 -14.39
C GLY B 316 -40.58 -15.97 -13.35
N MET B 317 -40.82 -17.26 -13.61
CA MET B 317 -40.53 -18.34 -12.65
C MET B 317 -39.18 -18.98 -12.98
N GLN B 318 -39.12 -19.72 -14.11
CA GLN B 318 -37.94 -20.51 -14.47
C GLN B 318 -37.15 -19.82 -15.60
N GLY B 319 -37.57 -20.01 -16.85
CA GLY B 319 -37.00 -19.31 -17.98
C GLY B 319 -37.90 -18.16 -18.43
N GLU B 320 -39.11 -18.08 -17.85
CA GLU B 320 -40.14 -17.15 -18.27
C GLU B 320 -39.50 -15.79 -18.58
N PRO B 321 -38.69 -15.17 -17.67
CA PRO B 321 -37.96 -13.95 -18.00
C PRO B 321 -37.06 -14.10 -19.23
N VAL B 322 -36.12 -15.04 -19.20
CA VAL B 322 -35.18 -15.32 -20.29
C VAL B 322 -35.93 -15.58 -21.60
N GLU B 323 -36.92 -16.47 -21.54
CA GLU B 323 -37.68 -16.91 -22.71
C GLU B 323 -38.44 -15.74 -23.34
N ALA B 324 -38.97 -14.84 -22.50
CA ALA B 324 -39.78 -13.73 -22.97
C ALA B 324 -38.91 -12.68 -23.66
N LEU B 325 -37.61 -12.62 -23.39
CA LEU B 325 -36.77 -11.65 -24.08
C LEU B 325 -36.66 -12.06 -25.55
N SER B 326 -36.41 -13.35 -25.77
CA SER B 326 -36.31 -13.94 -27.10
C SER B 326 -37.44 -13.43 -28.01
N GLN B 327 -38.68 -13.65 -27.56
CA GLN B 327 -39.85 -13.22 -28.31
C GLN B 327 -39.68 -11.75 -28.68
N MET B 328 -39.32 -10.91 -27.69
CA MET B 328 -39.18 -9.48 -27.93
C MET B 328 -38.18 -9.23 -29.05
N ALA B 329 -37.07 -9.98 -29.02
CA ALA B 329 -35.99 -9.92 -30.00
C ALA B 329 -36.28 -10.64 -31.32
N ARG B 330 -37.53 -11.00 -31.61
CA ARG B 330 -37.82 -11.72 -32.84
C ARG B 330 -39.16 -11.27 -33.42
N LYS B 331 -39.57 -10.01 -33.14
CA LYS B 331 -40.84 -9.45 -33.62
C LYS B 331 -42.03 -10.38 -33.33
N LYS B 332 -41.83 -11.35 -32.41
CA LYS B 332 -42.80 -12.39 -32.09
C LYS B 332 -43.52 -12.07 -30.77
N HIS B 333 -43.30 -10.89 -30.21
CA HIS B 333 -43.84 -10.55 -28.89
C HIS B 333 -45.17 -9.81 -29.03
N LYS B 334 -46.09 -10.07 -28.09
CA LYS B 334 -47.46 -9.55 -28.14
C LYS B 334 -47.52 -8.05 -27.84
N ILE B 335 -46.99 -7.60 -26.68
CA ILE B 335 -47.08 -6.21 -26.25
C ILE B 335 -45.95 -5.38 -26.90
N MET B 336 -44.71 -5.52 -26.41
CA MET B 336 -43.58 -4.72 -26.87
C MET B 336 -42.65 -5.59 -27.70
N ASN B 337 -41.73 -4.97 -28.45
CA ASN B 337 -40.71 -5.72 -29.16
C ASN B 337 -39.44 -4.89 -29.05
N ILE B 338 -38.30 -5.55 -28.82
CA ILE B 338 -37.06 -4.82 -28.65
C ILE B 338 -36.68 -4.20 -29.98
N GLU B 339 -35.66 -3.35 -29.99
CA GLU B 339 -35.34 -2.56 -31.18
C GLU B 339 -33.90 -2.07 -31.08
N GLU B 340 -33.33 -1.63 -32.21
CA GLU B 340 -31.93 -1.28 -32.29
C GLU B 340 -31.64 -0.12 -31.33
N GLY B 341 -30.52 -0.23 -30.60
CA GLY B 341 -30.13 0.75 -29.60
C GLY B 341 -30.63 0.45 -28.19
N ASP B 342 -31.35 -0.66 -27.99
CA ASP B 342 -31.86 -1.01 -26.66
C ASP B 342 -30.75 -1.68 -25.85
N SER B 343 -30.79 -1.47 -24.52
CA SER B 343 -29.82 -2.06 -23.61
C SER B 343 -30.48 -3.15 -22.76
N ILE B 344 -29.76 -4.26 -22.57
CA ILE B 344 -30.28 -5.40 -21.83
C ILE B 344 -29.44 -5.69 -20.60
N PHE B 345 -30.12 -5.97 -19.48
CA PHE B 345 -29.46 -6.34 -18.24
C PHE B 345 -30.13 -7.56 -17.62
N LEU B 346 -29.32 -8.57 -17.30
CA LEU B 346 -29.80 -9.82 -16.70
C LEU B 346 -29.57 -9.77 -15.20
N ALA B 347 -30.62 -9.36 -14.47
CA ALA B 347 -30.56 -9.24 -13.02
C ALA B 347 -30.96 -10.58 -12.38
N ILE B 348 -30.28 -11.65 -12.78
CA ILE B 348 -30.56 -12.98 -12.25
C ILE B 348 -29.27 -13.62 -11.74
N THR B 349 -29.40 -14.76 -11.07
CA THR B 349 -28.27 -15.65 -10.77
C THR B 349 -28.53 -16.95 -11.54
N ALA B 350 -27.78 -17.13 -12.64
CA ALA B 350 -28.15 -18.08 -13.68
C ALA B 350 -27.49 -19.42 -13.37
N SER B 351 -28.32 -20.47 -13.31
CA SER B 351 -27.88 -21.83 -12.99
C SER B 351 -27.13 -22.45 -14.17
N ALA B 352 -26.10 -23.26 -13.85
CA ALA B 352 -25.31 -23.95 -14.85
C ALA B 352 -26.21 -24.81 -15.74
N ASN B 353 -27.39 -25.18 -15.20
CA ASN B 353 -28.41 -25.93 -15.92
C ASN B 353 -29.02 -25.10 -17.06
N MET B 354 -28.86 -23.77 -17.03
CA MET B 354 -29.56 -22.87 -17.94
C MET B 354 -28.57 -22.15 -18.86
N GLU B 355 -27.31 -22.60 -18.87
CA GLU B 355 -26.22 -21.93 -19.58
C GLU B 355 -26.46 -21.84 -21.10
N VAL B 356 -27.08 -22.86 -21.72
CA VAL B 356 -27.09 -22.96 -23.17
C VAL B 356 -28.15 -22.04 -23.78
N ILE B 357 -29.35 -22.01 -23.18
CA ILE B 357 -30.46 -21.22 -23.73
C ILE B 357 -30.22 -19.71 -23.51
N ILE B 358 -29.41 -19.36 -22.51
CA ILE B 358 -28.96 -17.99 -22.32
C ILE B 358 -28.05 -17.56 -23.47
N ALA B 359 -27.09 -18.44 -23.84
CA ALA B 359 -26.11 -18.15 -24.87
C ALA B 359 -26.79 -17.95 -26.24
N ASP B 360 -27.82 -18.77 -26.53
CA ASP B 360 -28.62 -18.64 -27.73
C ASP B 360 -29.31 -17.28 -27.76
N THR B 361 -30.01 -16.96 -26.66
CA THR B 361 -30.84 -15.76 -26.58
C THR B 361 -29.99 -14.50 -26.73
N LEU B 362 -28.82 -14.49 -26.08
CA LEU B 362 -27.92 -13.36 -26.13
C LEU B 362 -27.55 -13.06 -27.58
N ASN B 363 -27.22 -14.11 -28.34
CA ASN B 363 -26.87 -13.99 -29.74
C ASN B 363 -27.99 -13.35 -30.54
N GLU B 364 -29.23 -13.80 -30.28
CA GLU B 364 -30.41 -13.32 -31.00
C GLU B 364 -30.71 -11.86 -30.59
N LEU B 365 -30.40 -11.52 -29.33
CA LEU B 365 -30.48 -10.15 -28.85
C LEU B 365 -29.51 -9.25 -29.63
N VAL B 366 -28.29 -9.76 -29.86
CA VAL B 366 -27.23 -9.03 -30.53
C VAL B 366 -27.58 -8.85 -32.00
N ARG B 367 -28.20 -9.87 -32.61
CA ARG B 367 -28.56 -9.83 -34.02
C ARG B 367 -29.67 -8.80 -34.24
N ALA B 368 -30.57 -8.67 -33.27
CA ALA B 368 -31.61 -7.65 -33.34
C ALA B 368 -31.03 -6.26 -33.01
N GLY B 369 -29.77 -6.26 -32.55
CA GLY B 369 -29.00 -5.03 -32.40
C GLY B 369 -29.25 -4.35 -31.07
N ALA B 370 -29.19 -5.13 -29.97
CA ALA B 370 -29.39 -4.65 -28.62
C ALA B 370 -28.08 -4.76 -27.84
N HIS B 371 -27.81 -3.77 -27.00
CA HIS B 371 -26.54 -3.71 -26.26
C HIS B 371 -26.67 -4.51 -24.97
N ILE B 372 -25.74 -5.46 -24.73
CA ILE B 372 -25.79 -6.30 -23.54
C ILE B 372 -24.86 -5.74 -22.45
N ILE B 373 -25.46 -5.29 -21.33
CA ILE B 373 -24.70 -4.83 -20.19
C ILE B 373 -24.11 -6.04 -19.48
N PRO B 374 -22.78 -6.13 -19.39
CA PRO B 374 -22.11 -7.30 -18.83
C PRO B 374 -22.22 -7.43 -17.31
N ASN B 375 -22.41 -8.67 -16.82
CA ASN B 375 -22.45 -8.91 -15.38
C ASN B 375 -21.03 -8.94 -14.82
N ASN B 376 -20.86 -8.23 -13.70
CA ASN B 376 -19.58 -8.17 -13.02
C ASN B 376 -19.30 -9.52 -12.36
N LYS B 377 -18.18 -10.12 -12.77
CA LYS B 377 -17.82 -11.47 -12.37
C LYS B 377 -17.27 -11.44 -10.94
N LYS B 378 -16.86 -10.25 -10.47
CA LYS B 378 -16.37 -10.07 -9.10
C LYS B 378 -17.52 -10.03 -8.09
N ILE B 379 -18.78 -9.90 -8.55
CA ILE B 379 -19.93 -9.84 -7.67
C ILE B 379 -20.47 -11.24 -7.38
N HIS B 380 -20.74 -11.52 -6.11
CA HIS B 380 -21.39 -12.76 -5.71
C HIS B 380 -22.77 -12.46 -5.11
N ALA B 381 -23.82 -12.73 -5.91
CA ALA B 381 -25.21 -12.55 -5.50
C ALA B 381 -25.87 -13.90 -5.22
N SER B 382 -26.21 -14.12 -3.93
CA SER B 382 -26.96 -15.28 -3.46
C SER B 382 -27.98 -14.90 -2.38
N SER B 383 -29.06 -15.68 -2.28
CA SER B 383 -30.04 -15.53 -1.21
C SER B 383 -29.61 -16.27 0.06
N HIS B 384 -28.57 -17.11 -0.08
CA HIS B 384 -28.08 -17.96 0.99
C HIS B 384 -26.67 -17.55 1.42
N GLY B 385 -26.41 -17.71 2.72
CA GLY B 385 -25.15 -17.31 3.32
C GLY B 385 -24.03 -18.23 2.87
N CYS B 386 -22.87 -17.60 2.60
CA CYS B 386 -21.61 -18.26 2.31
C CYS B 386 -20.99 -18.68 3.65
N MET B 387 -19.74 -19.17 3.62
CA MET B 387 -19.16 -19.86 4.75
C MET B 387 -19.22 -19.06 6.06
N GLU B 388 -18.76 -17.81 6.03
CA GLU B 388 -18.64 -17.00 7.24
C GLU B 388 -20.02 -16.61 7.78
N GLU B 389 -20.99 -16.45 6.86
CA GLU B 389 -22.36 -16.17 7.22
C GLU B 389 -22.96 -17.38 7.93
N LEU B 390 -22.59 -18.58 7.46
CA LEU B 390 -23.07 -19.81 8.06
C LEU B 390 -22.46 -19.98 9.45
N LYS B 391 -21.17 -19.68 9.59
CA LYS B 391 -20.48 -19.75 10.86
C LYS B 391 -21.08 -18.76 11.86
N MET B 392 -21.55 -17.63 11.35
CA MET B 392 -22.20 -16.64 12.20
C MET B 392 -23.42 -17.23 12.91
N MET B 393 -24.28 -17.95 12.16
CA MET B 393 -25.47 -18.61 12.70
C MET B 393 -25.07 -19.70 13.70
N LEU B 394 -24.00 -20.43 13.40
CA LEU B 394 -23.50 -21.51 14.24
C LEU B 394 -22.91 -20.96 15.54
N ASN B 395 -22.20 -19.83 15.46
CA ASN B 395 -21.60 -19.18 16.61
C ASN B 395 -22.69 -18.68 17.55
N ILE B 396 -23.78 -18.14 17.00
CA ILE B 396 -24.87 -17.59 17.79
C ILE B 396 -25.61 -18.73 18.49
N MET B 397 -25.89 -19.81 17.74
CA MET B 397 -26.81 -20.85 18.18
C MET B 397 -26.13 -21.78 19.18
N LYS B 398 -24.86 -22.12 18.89
CA LYS B 398 -24.08 -23.06 19.68
C LYS B 398 -24.89 -24.34 19.90
N PRO B 399 -25.23 -25.10 18.84
CA PRO B 399 -26.03 -26.31 19.00
C PRO B 399 -25.20 -27.49 19.50
N GLU B 400 -25.84 -28.41 20.22
CA GLU B 400 -25.23 -29.68 20.58
C GLU B 400 -25.10 -30.59 19.36
N TYR B 401 -26.22 -30.77 18.66
CA TYR B 401 -26.28 -31.60 17.47
C TYR B 401 -26.57 -30.73 16.25
N PHE B 402 -26.04 -31.14 15.09
CA PHE B 402 -26.11 -30.35 13.89
C PHE B 402 -26.57 -31.23 12.74
N VAL B 403 -27.56 -30.74 11.98
CA VAL B 403 -28.09 -31.44 10.83
C VAL B 403 -28.08 -30.49 9.61
N PRO B 404 -26.99 -30.48 8.81
CA PRO B 404 -26.96 -29.66 7.60
C PRO B 404 -27.97 -30.18 6.58
N VAL B 405 -28.77 -29.24 6.04
CA VAL B 405 -29.78 -29.54 5.02
C VAL B 405 -29.69 -28.52 3.90
N GLN B 406 -30.65 -28.61 2.96
CA GLN B 406 -30.80 -27.68 1.86
C GLN B 406 -29.53 -27.65 1.01
N GLY B 407 -29.10 -28.83 0.57
CA GLY B 407 -27.90 -28.97 -0.24
C GLY B 407 -27.63 -30.42 -0.64
N GLU B 408 -26.77 -30.61 -1.66
CA GLU B 408 -26.32 -31.93 -2.06
C GLU B 408 -25.26 -32.38 -1.07
N PHE B 409 -24.77 -33.62 -1.23
CA PHE B 409 -23.88 -34.25 -0.26
C PHE B 409 -22.65 -33.38 0.00
N LYS B 410 -22.05 -32.87 -1.08
CA LYS B 410 -20.81 -32.11 -1.00
C LYS B 410 -21.03 -30.82 -0.22
N MET B 411 -22.24 -30.26 -0.36
CA MET B 411 -22.60 -29.02 0.30
C MET B 411 -22.82 -29.27 1.78
N GLN B 412 -23.47 -30.39 2.11
CA GLN B 412 -23.70 -30.78 3.48
C GLN B 412 -22.37 -30.96 4.20
N ILE B 413 -21.38 -31.55 3.52
CA ILE B 413 -20.10 -31.82 4.16
C ILE B 413 -19.42 -30.48 4.47
N ALA B 414 -19.44 -29.58 3.48
CA ALA B 414 -18.84 -28.27 3.64
C ALA B 414 -19.40 -27.58 4.89
N HIS B 415 -20.72 -27.72 5.10
CA HIS B 415 -21.41 -27.13 6.23
C HIS B 415 -21.02 -27.84 7.53
N ALA B 416 -20.79 -29.15 7.46
CA ALA B 416 -20.39 -29.91 8.63
C ALA B 416 -18.99 -29.48 9.08
N LYS B 417 -18.10 -29.19 8.11
CA LYS B 417 -16.76 -28.73 8.42
C LYS B 417 -16.80 -27.39 9.15
N LEU B 418 -17.73 -26.53 8.71
CA LEU B 418 -17.92 -25.23 9.32
C LEU B 418 -18.35 -25.42 10.77
N ALA B 419 -19.26 -26.36 11.00
CA ALA B 419 -19.82 -26.60 12.33
C ALA B 419 -18.73 -27.09 13.28
N ALA B 420 -17.87 -27.99 12.80
CA ALA B 420 -16.77 -28.52 13.60
C ALA B 420 -15.79 -27.40 13.97
N GLU B 421 -15.55 -26.45 13.04
CA GLU B 421 -14.70 -25.29 13.28
C GLU B 421 -15.27 -24.41 14.40
N THR B 422 -16.61 -24.29 14.50
CA THR B 422 -17.23 -23.43 15.49
C THR B 422 -17.25 -24.12 16.86
N GLY B 423 -16.95 -25.43 16.87
CA GLY B 423 -16.78 -26.17 18.11
C GLY B 423 -17.83 -27.26 18.32
N VAL B 424 -18.73 -27.46 17.36
CA VAL B 424 -19.70 -28.54 17.44
C VAL B 424 -18.95 -29.86 17.34
N ALA B 425 -19.28 -30.79 18.24
CA ALA B 425 -18.60 -32.06 18.34
C ALA B 425 -18.85 -32.88 17.06
N PRO B 426 -17.78 -33.41 16.45
CA PRO B 426 -17.91 -34.14 15.18
C PRO B 426 -18.85 -35.35 15.24
N GLU B 427 -18.79 -36.11 16.35
CA GLU B 427 -19.69 -37.23 16.62
C GLU B 427 -21.16 -36.79 16.53
N LYS B 428 -21.43 -35.50 16.75
CA LYS B 428 -22.80 -35.03 16.88
C LYS B 428 -23.24 -34.25 15.64
N ILE B 429 -22.48 -34.36 14.53
CA ILE B 429 -22.86 -33.79 13.24
C ILE B 429 -23.41 -34.92 12.36
N PHE B 430 -24.64 -34.75 11.85
CA PHE B 430 -25.31 -35.81 11.12
C PHE B 430 -25.55 -35.38 9.67
N LEU B 431 -24.94 -36.11 8.73
CA LEU B 431 -25.21 -36.00 7.31
C LEU B 431 -26.19 -37.10 6.91
N VAL B 432 -27.38 -36.70 6.44
CA VAL B 432 -28.48 -37.63 6.21
C VAL B 432 -28.96 -37.55 4.77
N GLU B 433 -29.64 -38.62 4.34
CA GLU B 433 -30.27 -38.71 3.04
C GLU B 433 -31.79 -38.68 3.28
N LYS B 434 -32.59 -38.52 2.20
CA LYS B 434 -34.04 -38.46 2.35
C LYS B 434 -34.51 -39.77 3.01
N GLY B 435 -35.39 -39.65 4.02
CA GLY B 435 -35.99 -40.81 4.64
C GLY B 435 -35.22 -41.30 5.86
N ASP B 436 -34.02 -40.75 6.08
CA ASP B 436 -33.25 -41.05 7.28
C ASP B 436 -33.99 -40.57 8.51
N VAL B 437 -33.82 -41.30 9.62
CA VAL B 437 -34.51 -40.99 10.86
C VAL B 437 -33.48 -40.82 11.96
N ILE B 438 -33.45 -39.63 12.56
CA ILE B 438 -32.59 -39.36 13.70
C ILE B 438 -33.47 -39.45 14.93
N SER B 439 -33.08 -40.32 15.87
CA SER B 439 -33.88 -40.61 17.05
C SER B 439 -33.08 -40.24 18.30
N TYR B 440 -33.78 -39.69 19.29
CA TYR B 440 -33.18 -39.40 20.58
C TYR B 440 -34.01 -40.04 21.70
N ASN B 441 -33.41 -41.02 22.40
CA ASN B 441 -34.03 -41.71 23.52
C ASN B 441 -33.98 -40.79 24.74
N GLY B 442 -32.85 -40.09 24.91
CA GLY B 442 -32.55 -39.37 26.13
C GLY B 442 -31.13 -39.72 26.60
N LYS B 443 -30.59 -40.81 26.05
CA LYS B 443 -29.21 -41.22 26.25
C LYS B 443 -28.44 -41.11 24.93
N ASP B 444 -28.94 -41.75 23.86
CA ASP B 444 -28.20 -41.87 22.61
C ASP B 444 -28.97 -41.25 21.45
N MET B 445 -28.26 -40.49 20.60
CA MET B 445 -28.84 -40.04 19.34
C MET B 445 -28.35 -40.97 18.23
N ILE B 446 -29.27 -41.67 17.58
CA ILE B 446 -28.91 -42.71 16.62
C ILE B 446 -29.68 -42.54 15.31
N LEU B 447 -29.01 -42.91 14.22
CA LEU B 447 -29.59 -42.91 12.89
C LEU B 447 -29.79 -44.36 12.46
N ASN B 448 -30.90 -44.97 12.91
CA ASN B 448 -31.04 -46.42 12.87
C ASN B 448 -32.27 -46.85 12.08
N GLU B 449 -33.16 -45.91 11.73
CA GLU B 449 -34.38 -46.24 11.02
C GLU B 449 -34.36 -45.49 9.70
N LYS B 450 -35.15 -46.00 8.74
CA LYS B 450 -35.34 -45.36 7.45
C LYS B 450 -36.80 -45.49 7.03
N VAL B 451 -37.42 -44.38 6.64
CA VAL B 451 -38.81 -44.40 6.22
C VAL B 451 -38.88 -44.14 4.72
N GLN B 452 -40.09 -44.32 4.18
CA GLN B 452 -40.38 -44.10 2.77
C GLN B 452 -40.21 -42.63 2.43
N SER B 453 -39.45 -42.38 1.37
CA SER B 453 -39.20 -41.05 0.85
C SER B 453 -39.08 -41.13 -0.67
N GLY B 454 -39.20 -40.00 -1.37
CA GLY B 454 -39.03 -40.03 -2.82
C GLY B 454 -39.61 -38.80 -3.50
N ASN B 455 -39.71 -38.88 -4.83
CA ASN B 455 -40.14 -37.77 -5.68
C ASN B 455 -41.44 -38.13 -6.39
N ILE B 456 -42.43 -37.24 -6.30
CA ILE B 456 -43.72 -37.41 -6.97
C ILE B 456 -43.86 -36.35 -8.05
N LEU B 457 -44.02 -36.79 -9.31
CA LEU B 457 -44.03 -35.88 -10.44
C LEU B 457 -45.46 -35.42 -10.71
N ILE B 458 -45.61 -34.20 -11.26
CA ILE B 458 -46.91 -33.57 -11.45
C ILE B 458 -46.93 -32.91 -12.83
N LEU C 17 26.24 10.78 -27.78
CA LEU C 17 27.02 11.75 -26.96
C LEU C 17 26.11 12.44 -25.96
N ILE C 18 26.72 13.01 -24.91
CA ILE C 18 26.00 13.63 -23.81
C ILE C 18 25.72 15.10 -24.15
N LYS C 19 24.52 15.60 -23.80
CA LYS C 19 24.13 16.97 -24.12
C LYS C 19 24.56 17.95 -23.03
N LYS C 20 24.16 17.70 -21.77
CA LYS C 20 24.51 18.56 -20.64
C LYS C 20 24.88 17.70 -19.43
N LYS C 21 25.45 18.35 -18.40
CA LYS C 21 25.64 17.75 -17.09
C LYS C 21 24.27 17.64 -16.42
N ASN C 22 23.91 16.40 -16.04
CA ASN C 22 22.60 16.10 -15.46
C ASN C 22 22.75 16.05 -13.93
N LYS C 23 21.62 16.19 -13.21
CA LYS C 23 21.62 16.10 -11.76
C LYS C 23 20.85 14.85 -11.30
N ASP C 24 19.56 14.75 -11.66
CA ASP C 24 18.68 13.74 -11.07
C ASP C 24 18.25 12.69 -12.12
N ILE C 25 18.37 11.40 -11.74
CA ILE C 25 17.80 10.30 -12.52
C ILE C 25 16.77 9.53 -11.68
N ARG C 26 15.64 9.16 -12.30
CA ARG C 26 14.60 8.36 -11.65
C ARG C 26 14.16 7.23 -12.59
N ILE C 27 14.00 6.03 -12.01
CA ILE C 27 13.58 4.85 -12.77
C ILE C 27 12.37 4.21 -12.08
N ILE C 28 11.21 4.23 -12.75
CA ILE C 28 9.97 3.75 -12.16
C ILE C 28 9.28 2.74 -13.06
N PRO C 29 9.13 1.47 -12.61
CA PRO C 29 8.27 0.49 -13.28
C PRO C 29 6.80 0.60 -12.90
N LEU C 30 5.92 0.82 -13.91
CA LEU C 30 4.48 0.83 -13.71
C LEU C 30 3.85 -0.45 -14.26
N GLY C 31 4.70 -1.26 -14.92
CA GLY C 31 4.35 -2.61 -15.32
C GLY C 31 5.58 -3.44 -15.70
N GLY C 32 5.45 -4.76 -15.58
CA GLY C 32 6.50 -5.65 -16.05
C GLY C 32 7.33 -6.26 -14.92
N VAL C 33 7.04 -5.88 -13.66
CA VAL C 33 7.77 -6.40 -12.50
C VAL C 33 6.79 -7.14 -11.57
N GLY C 34 7.23 -8.31 -11.07
CA GLY C 34 6.36 -9.24 -10.38
C GLY C 34 5.31 -9.86 -11.29
N GLU C 35 5.62 -9.91 -12.59
CA GLU C 35 4.74 -10.39 -13.64
C GLU C 35 5.54 -10.41 -14.95
N ILE C 36 5.16 -11.31 -15.87
CA ILE C 36 5.92 -11.49 -17.09
C ILE C 36 5.29 -10.71 -18.25
N ALA C 37 4.76 -9.49 -18.04
CA ALA C 37 4.21 -8.75 -19.18
C ALA C 37 3.67 -7.35 -18.89
N LYS C 38 2.88 -6.84 -19.85
CA LYS C 38 2.50 -5.44 -19.89
C LYS C 38 3.68 -4.62 -19.40
N ASN C 39 4.61 -4.31 -20.30
CA ASN C 39 5.89 -3.73 -19.96
C ASN C 39 5.74 -2.22 -19.96
N MET C 40 6.08 -1.56 -18.87
CA MET C 40 6.05 -0.10 -18.86
C MET C 40 7.04 0.41 -17.83
N TYR C 41 8.07 1.12 -18.31
CA TYR C 41 9.11 1.64 -17.45
C TYR C 41 9.25 3.13 -17.71
N ILE C 42 9.18 3.91 -16.64
CA ILE C 42 9.43 5.34 -16.72
C ILE C 42 10.90 5.60 -16.37
N VAL C 43 11.59 6.35 -17.23
CA VAL C 43 12.90 6.92 -16.88
C VAL C 43 12.84 8.43 -16.96
N GLU C 44 13.32 9.09 -15.89
CA GLU C 44 13.33 10.54 -15.78
C GLU C 44 14.76 11.05 -15.62
N VAL C 45 15.15 12.00 -16.46
CA VAL C 45 16.41 12.70 -16.28
C VAL C 45 16.10 14.19 -16.09
N ASP C 46 16.27 14.66 -14.84
CA ASP C 46 15.86 16.00 -14.44
C ASP C 46 14.37 16.17 -14.75
N ASP C 47 14.04 17.21 -15.52
CA ASP C 47 12.67 17.65 -15.71
C ASP C 47 12.06 16.97 -16.93
N GLU C 48 12.72 15.94 -17.47
CA GLU C 48 12.20 15.24 -18.64
C GLU C 48 11.89 13.79 -18.32
N MET C 49 10.83 13.28 -18.97
CA MET C 49 10.26 11.99 -18.62
C MET C 49 10.06 11.19 -19.91
N PHE C 50 10.39 9.90 -19.83
CA PHE C 50 10.30 9.02 -20.98
C PHE C 50 9.67 7.70 -20.57
N MET C 51 8.77 7.21 -21.43
CA MET C 51 8.09 5.97 -21.20
C MET C 51 8.63 4.90 -22.14
N LEU C 52 9.12 3.80 -21.54
CA LEU C 52 9.70 2.71 -22.30
C LEU C 52 8.73 1.53 -22.36
N ASP C 53 7.99 1.46 -23.48
CA ASP C 53 7.03 0.41 -23.73
C ASP C 53 5.72 0.70 -23.01
N ALA C 54 4.63 0.07 -23.48
CA ALA C 54 3.31 0.22 -22.89
C ALA C 54 2.48 -1.02 -23.19
N GLY C 55 2.87 -2.13 -22.54
CA GLY C 55 2.31 -3.44 -22.87
C GLY C 55 0.99 -3.71 -22.15
N LEU C 56 0.28 -4.71 -22.66
CA LEU C 56 -0.87 -5.27 -21.96
C LEU C 56 -0.54 -6.67 -21.45
N MET C 57 -1.48 -7.20 -20.67
CA MET C 57 -1.41 -8.53 -20.11
C MET C 57 -2.79 -9.15 -20.28
N PHE C 58 -2.82 -10.42 -20.66
CA PHE C 58 -4.08 -11.11 -20.85
C PHE C 58 -4.48 -11.75 -19.53
N PRO C 59 -5.58 -11.29 -18.89
CA PRO C 59 -5.97 -11.74 -17.55
C PRO C 59 -5.71 -13.24 -17.39
N GLU C 60 -4.92 -13.60 -16.36
CA GLU C 60 -4.33 -14.93 -16.17
C GLU C 60 -4.97 -16.01 -17.05
N VAL C 66 -13.78 -8.49 -19.28
CA VAL C 66 -12.63 -8.51 -18.30
C VAL C 66 -11.40 -9.13 -18.97
N ASP C 67 -11.16 -8.79 -20.25
CA ASP C 67 -10.30 -9.56 -21.14
C ASP C 67 -9.12 -8.72 -21.66
N ILE C 68 -8.51 -7.90 -20.78
CA ILE C 68 -7.33 -7.10 -21.07
C ILE C 68 -6.85 -6.52 -19.73
N VAL C 69 -5.56 -6.21 -19.61
CA VAL C 69 -5.06 -5.47 -18.45
C VAL C 69 -4.01 -4.49 -18.96
N ILE C 70 -4.12 -3.24 -18.49
CA ILE C 70 -3.17 -2.21 -18.84
C ILE C 70 -2.64 -1.58 -17.55
N PRO C 71 -1.45 -0.92 -17.59
CA PRO C 71 -0.93 -0.24 -16.41
C PRO C 71 -1.70 1.02 -15.97
N ASP C 72 -1.59 1.33 -14.67
CA ASP C 72 -2.14 2.55 -14.11
C ASP C 72 -1.10 3.65 -14.25
N ILE C 73 -1.48 4.67 -15.03
CA ILE C 73 -0.57 5.72 -15.46
C ILE C 73 -0.90 7.02 -14.72
N GLN C 74 -1.43 6.91 -13.50
CA GLN C 74 -1.89 8.09 -12.76
C GLN C 74 -0.70 9.00 -12.45
N TYR C 75 0.44 8.37 -12.14
CA TYR C 75 1.67 9.12 -11.95
C TYR C 75 2.04 9.91 -13.21
N VAL C 76 1.85 9.33 -14.40
CA VAL C 76 2.25 9.95 -15.64
C VAL C 76 1.33 11.13 -15.95
N ILE C 77 0.04 10.97 -15.63
CA ILE C 77 -0.94 11.99 -15.95
C ILE C 77 -0.67 13.26 -15.14
N GLU C 78 -0.38 13.08 -13.84
CA GLU C 78 -0.08 14.20 -12.96
C GLU C 78 1.19 14.92 -13.40
N ASN C 79 2.01 14.27 -14.24
CA ASN C 79 3.28 14.83 -14.70
C ASN C 79 3.33 14.81 -16.22
N LYS C 80 2.16 14.97 -16.85
CA LYS C 80 2.03 14.89 -18.29
C LYS C 80 2.81 16.00 -19.00
N GLU C 81 3.02 17.12 -18.32
CA GLU C 81 3.71 18.26 -18.90
C GLU C 81 5.15 17.87 -19.29
N ARG C 82 5.68 16.81 -18.67
CA ARG C 82 7.10 16.53 -18.71
C ARG C 82 7.39 15.28 -19.54
N LEU C 83 6.35 14.63 -20.08
CA LEU C 83 6.53 13.43 -20.88
C LEU C 83 6.96 13.83 -22.28
N LYS C 84 8.25 13.65 -22.59
CA LYS C 84 8.78 14.11 -23.86
C LYS C 84 8.56 13.09 -24.99
N GLY C 85 8.34 11.80 -24.66
CA GLY C 85 8.27 10.78 -25.69
C GLY C 85 7.96 9.39 -25.17
N ILE C 86 7.41 8.55 -26.06
CA ILE C 86 7.13 7.16 -25.79
C ILE C 86 7.98 6.32 -26.75
N PHE C 87 8.74 5.38 -26.20
CA PHE C 87 9.64 4.56 -26.99
C PHE C 87 9.16 3.11 -26.96
N LEU C 88 8.98 2.52 -28.15
CA LEU C 88 8.46 1.17 -28.28
C LEU C 88 9.51 0.29 -28.97
N THR C 89 9.86 -0.81 -28.27
CA THR C 89 10.98 -1.67 -28.61
C THR C 89 10.64 -2.59 -29.78
N HIS C 90 9.42 -3.15 -29.77
CA HIS C 90 8.98 -4.09 -30.78
C HIS C 90 7.44 -4.18 -30.79
N GLY C 91 6.92 -4.82 -31.84
CA GLY C 91 5.50 -4.78 -32.18
C GLY C 91 4.63 -5.77 -31.41
N HIS C 92 5.18 -6.45 -30.40
CA HIS C 92 4.41 -7.41 -29.63
C HIS C 92 3.48 -6.70 -28.65
N GLU C 93 2.49 -7.46 -28.16
CA GLU C 93 1.36 -6.98 -27.38
C GLU C 93 1.84 -6.65 -25.97
N HIS C 94 2.98 -7.26 -25.60
CA HIS C 94 3.58 -7.06 -24.30
C HIS C 94 4.38 -5.76 -24.31
N ALA C 95 4.56 -5.16 -25.49
CA ALA C 95 5.29 -3.90 -25.63
C ALA C 95 4.37 -2.74 -26.01
N ILE C 96 3.40 -2.96 -26.92
CA ILE C 96 2.62 -1.87 -27.51
C ILE C 96 1.11 -2.02 -27.31
N GLY C 97 0.67 -2.96 -26.46
CA GLY C 97 -0.74 -3.29 -26.35
C GLY C 97 -1.59 -2.18 -25.70
N ALA C 98 -0.99 -1.38 -24.82
CA ALA C 98 -1.72 -0.38 -24.05
C ALA C 98 -1.45 1.02 -24.59
N VAL C 99 -0.82 1.13 -25.76
CA VAL C 99 -0.38 2.45 -26.24
C VAL C 99 -1.61 3.28 -26.56
N SER C 100 -2.61 2.67 -27.22
CA SER C 100 -3.82 3.37 -27.62
C SER C 100 -4.51 4.01 -26.42
N TYR C 101 -4.58 3.28 -25.30
CA TYR C 101 -5.26 3.76 -24.10
C TYR C 101 -4.46 4.89 -23.46
N VAL C 102 -3.13 4.82 -23.59
CA VAL C 102 -2.26 5.89 -23.13
C VAL C 102 -2.53 7.15 -23.96
N LEU C 103 -2.59 6.98 -25.28
CA LEU C 103 -2.70 8.10 -26.20
C LEU C 103 -4.06 8.80 -26.06
N GLU C 104 -5.07 8.09 -25.53
CA GLU C 104 -6.38 8.67 -25.29
C GLU C 104 -6.29 9.74 -24.19
N GLN C 105 -5.53 9.45 -23.13
CA GLN C 105 -5.46 10.35 -21.98
C GLN C 105 -4.32 11.36 -22.13
N ILE C 106 -3.27 11.00 -22.87
CA ILE C 106 -2.11 11.86 -23.00
C ILE C 106 -1.74 12.02 -24.48
N ASP C 107 -1.32 13.24 -24.83
CA ASP C 107 -0.80 13.54 -26.16
C ASP C 107 0.73 13.60 -26.05
N ALA C 108 1.41 12.57 -26.59
CA ALA C 108 2.85 12.50 -26.58
C ALA C 108 3.38 11.93 -27.91
N PRO C 109 4.62 12.26 -28.33
CA PRO C 109 5.21 11.68 -29.53
C PRO C 109 5.55 10.20 -29.36
N VAL C 110 5.32 9.40 -30.41
CA VAL C 110 5.64 7.97 -30.39
C VAL C 110 6.86 7.66 -31.25
N TYR C 111 7.83 6.96 -30.66
CA TYR C 111 9.05 6.55 -31.34
C TYR C 111 9.10 5.03 -31.45
N GLY C 112 9.53 4.54 -32.61
CA GLY C 112 9.61 3.09 -32.82
C GLY C 112 10.16 2.73 -34.19
N SER C 113 10.41 1.42 -34.38
CA SER C 113 10.91 0.89 -35.65
C SER C 113 9.80 1.00 -36.69
N LYS C 114 10.16 0.78 -37.96
CA LYS C 114 9.24 0.94 -39.07
C LYS C 114 7.99 0.07 -38.89
N LEU C 115 8.21 -1.18 -38.43
CA LEU C 115 7.14 -2.16 -38.27
C LEU C 115 6.27 -1.83 -37.05
N THR C 116 6.91 -1.40 -35.97
CA THR C 116 6.23 -1.13 -34.71
C THR C 116 5.22 0.00 -34.89
N ILE C 117 5.65 1.10 -35.53
CA ILE C 117 4.78 2.25 -35.78
C ILE C 117 3.56 1.80 -36.56
N ALA C 118 3.79 1.00 -37.62
CA ALA C 118 2.73 0.51 -38.48
C ALA C 118 1.67 -0.25 -37.68
N LEU C 119 2.11 -1.08 -36.73
CA LEU C 119 1.22 -1.93 -35.96
C LEU C 119 0.47 -1.10 -34.94
N VAL C 120 1.09 -0.03 -34.43
CA VAL C 120 0.43 0.84 -33.47
C VAL C 120 -0.71 1.58 -34.18
N LYS C 121 -0.38 2.14 -35.36
CA LYS C 121 -1.34 2.83 -36.21
C LYS C 121 -2.56 1.96 -36.50
N GLU C 122 -2.32 0.67 -36.81
CA GLU C 122 -3.38 -0.28 -37.08
C GLU C 122 -4.30 -0.46 -35.87
N ALA C 123 -3.69 -0.50 -34.67
CA ALA C 123 -4.42 -0.64 -33.42
C ALA C 123 -5.32 0.57 -33.17
N MET C 124 -4.85 1.77 -33.55
CA MET C 124 -5.59 3.01 -33.40
C MET C 124 -6.76 3.06 -34.39
N LYS C 125 -6.52 2.54 -35.61
CA LYS C 125 -7.53 2.46 -36.66
C LYS C 125 -8.64 1.52 -36.21
N ALA C 126 -8.24 0.40 -35.59
CA ALA C 126 -9.18 -0.63 -35.14
C ALA C 126 -10.04 -0.13 -33.99
N ARG C 127 -9.54 0.82 -33.20
CA ARG C 127 -10.30 1.36 -32.07
C ARG C 127 -11.01 2.66 -32.48
N ASN C 128 -10.95 3.00 -33.79
CA ASN C 128 -11.66 4.14 -34.36
C ASN C 128 -11.28 5.43 -33.63
N ILE C 129 -9.99 5.57 -33.29
CA ILE C 129 -9.47 6.77 -32.63
C ILE C 129 -8.89 7.70 -33.69
N LYS C 130 -9.57 8.84 -33.91
CA LYS C 130 -9.22 9.76 -34.97
C LYS C 130 -8.21 10.81 -34.50
N LYS C 131 -7.84 10.78 -33.21
CA LYS C 131 -6.92 11.74 -32.62
C LYS C 131 -5.61 11.81 -33.41
N LYS C 132 -5.09 13.03 -33.57
CA LYS C 132 -3.81 13.26 -34.23
C LYS C 132 -2.69 12.72 -33.36
N VAL C 133 -1.80 11.88 -33.91
CA VAL C 133 -0.65 11.36 -33.18
C VAL C 133 0.63 11.68 -33.95
N ARG C 134 1.65 12.15 -33.23
CA ARG C 134 2.97 12.39 -33.82
C ARG C 134 3.79 11.11 -33.73
N TYR C 135 3.99 10.46 -34.88
CA TYR C 135 4.79 9.25 -34.99
C TYR C 135 6.16 9.59 -35.59
N TYR C 136 7.24 9.10 -34.96
CA TYR C 136 8.59 9.23 -35.50
C TYR C 136 9.21 7.85 -35.67
N THR C 137 9.50 7.48 -36.92
CA THR C 137 10.11 6.20 -37.23
C THR C 137 11.61 6.26 -36.97
N VAL C 138 12.14 5.33 -36.16
CA VAL C 138 13.56 5.31 -35.86
C VAL C 138 14.22 4.03 -36.39
N ASN C 139 15.56 4.07 -36.47
CA ASN C 139 16.38 2.89 -36.71
C ASN C 139 17.64 2.97 -35.84
N HIS C 140 18.53 1.97 -35.97
CA HIS C 140 19.77 1.91 -35.22
C HIS C 140 20.70 3.08 -35.55
N ASP C 141 20.40 3.84 -36.62
CA ASP C 141 21.20 5.01 -37.00
C ASP C 141 20.54 6.32 -36.52
N SER C 142 19.31 6.24 -36.00
CA SER C 142 18.61 7.40 -35.50
C SER C 142 19.18 7.83 -34.15
N ILE C 143 19.25 9.15 -33.95
CA ILE C 143 19.66 9.75 -32.67
C ILE C 143 18.70 10.89 -32.34
N MET C 144 17.74 10.61 -31.45
CA MET C 144 16.71 11.56 -31.09
C MET C 144 17.24 12.49 -30.00
N ARG C 145 17.05 13.80 -30.18
CA ARG C 145 17.61 14.79 -29.26
C ARG C 145 16.51 15.41 -28.42
N PHE C 146 16.85 15.68 -27.16
CA PHE C 146 15.95 16.26 -26.17
C PHE C 146 16.68 17.35 -25.40
N LYS C 147 15.96 17.99 -24.48
CA LYS C 147 16.50 19.13 -23.75
C LYS C 147 17.66 18.67 -22.88
N ASN C 148 17.50 17.54 -22.17
CA ASN C 148 18.49 17.09 -21.20
C ASN C 148 19.35 15.92 -21.72
N VAL C 149 18.84 15.11 -22.67
CA VAL C 149 19.51 13.87 -23.05
C VAL C 149 19.37 13.61 -24.55
N ASN C 150 20.25 12.74 -25.09
CA ASN C 150 20.11 12.19 -26.44
C ASN C 150 19.76 10.71 -26.35
N VAL C 151 18.92 10.23 -27.29
CA VAL C 151 18.48 8.85 -27.28
C VAL C 151 18.89 8.16 -28.58
N SER C 152 19.57 7.01 -28.46
CA SER C 152 19.97 6.20 -29.61
C SER C 152 19.39 4.79 -29.48
N PHE C 153 19.51 3.99 -30.55
CA PHE C 153 18.87 2.69 -30.61
C PHE C 153 19.83 1.66 -31.17
N PHE C 154 19.54 0.37 -30.91
CA PHE C 154 20.35 -0.73 -31.39
C PHE C 154 19.49 -1.97 -31.61
N ASN C 155 19.84 -2.76 -32.62
CA ASN C 155 19.06 -3.91 -33.04
C ASN C 155 19.28 -5.06 -32.06
N THR C 156 18.19 -5.76 -31.74
CA THR C 156 18.24 -6.95 -30.92
C THR C 156 17.66 -8.11 -31.71
N THR C 157 17.87 -9.32 -31.18
CA THR C 157 17.29 -10.52 -31.75
C THR C 157 16.03 -10.89 -30.96
N HIS C 158 14.87 -11.02 -31.63
CA HIS C 158 13.62 -11.47 -31.01
C HIS C 158 12.88 -12.34 -32.02
N SER C 159 11.69 -12.79 -31.64
CA SER C 159 10.83 -13.56 -32.52
C SER C 159 10.22 -12.69 -33.61
N ILE C 160 10.32 -11.36 -33.45
CA ILE C 160 9.75 -10.39 -34.38
C ILE C 160 10.88 -9.49 -34.90
N PRO C 161 10.91 -9.21 -36.21
CA PRO C 161 11.97 -8.37 -36.77
C PRO C 161 11.84 -6.90 -36.36
N ASP C 162 12.94 -6.15 -36.53
CA ASP C 162 13.01 -4.73 -36.18
C ASP C 162 12.63 -4.49 -34.73
N SER C 163 13.26 -5.28 -33.83
CA SER C 163 13.22 -5.03 -32.41
C SER C 163 14.44 -4.21 -32.03
N LEU C 164 14.25 -3.22 -31.16
CA LEU C 164 15.31 -2.29 -30.83
C LEU C 164 15.51 -2.26 -29.32
N GLY C 165 16.76 -2.01 -28.93
CA GLY C 165 17.10 -1.52 -27.61
C GLY C 165 17.10 0.01 -27.59
N VAL C 166 16.87 0.59 -26.41
CA VAL C 166 16.91 2.04 -26.25
C VAL C 166 18.11 2.41 -25.39
N CYS C 167 18.89 3.39 -25.86
CA CYS C 167 20.04 3.90 -25.12
C CYS C 167 19.84 5.38 -24.82
N ILE C 168 19.56 5.71 -23.54
CA ILE C 168 19.46 7.09 -23.10
C ILE C 168 20.82 7.53 -22.59
N HIS C 169 21.41 8.54 -23.24
CA HIS C 169 22.70 9.07 -22.87
C HIS C 169 22.53 10.13 -21.79
N THR C 170 23.11 9.90 -20.60
CA THR C 170 23.21 10.92 -19.56
C THR C 170 24.67 11.21 -19.24
N SER C 171 24.92 12.30 -18.49
CA SER C 171 26.26 12.63 -18.01
C SER C 171 26.84 11.55 -17.09
N TYR C 172 25.97 10.79 -16.39
CA TYR C 172 26.41 9.74 -15.47
C TYR C 172 26.71 8.41 -16.19
N GLY C 173 26.37 8.33 -17.49
CA GLY C 173 26.50 7.11 -18.25
C GLY C 173 25.21 6.78 -18.98
N SER C 174 25.19 5.70 -19.75
CA SER C 174 24.01 5.36 -20.53
C SER C 174 23.00 4.59 -19.69
N ILE C 175 21.72 4.91 -19.87
CA ILE C 175 20.64 4.08 -19.35
C ILE C 175 20.11 3.23 -20.48
N VAL C 176 20.36 1.91 -20.39
CA VAL C 176 20.08 0.99 -21.47
C VAL C 176 18.92 0.07 -21.09
N TYR C 177 17.94 0.03 -22.00
CA TYR C 177 16.78 -0.83 -21.90
C TYR C 177 16.80 -1.82 -23.07
N THR C 178 16.90 -3.11 -22.75
CA THR C 178 17.12 -4.16 -23.74
C THR C 178 15.87 -4.40 -24.58
N GLY C 179 14.70 -4.10 -24.00
CA GLY C 179 13.47 -4.76 -24.39
C GLY C 179 13.63 -6.28 -24.28
N GLU C 180 12.82 -7.02 -25.05
CA GLU C 180 12.94 -8.47 -25.07
C GLU C 180 13.88 -8.86 -26.19
N PHE C 181 14.77 -9.81 -25.88
CA PHE C 181 15.94 -10.07 -26.70
C PHE C 181 16.41 -11.50 -26.51
N LYS C 182 17.27 -11.90 -27.44
CA LYS C 182 17.89 -13.21 -27.44
C LYS C 182 19.23 -13.12 -28.18
N PHE C 183 19.99 -14.23 -28.16
CA PHE C 183 21.22 -14.35 -28.93
C PHE C 183 21.17 -15.69 -29.65
N ASP C 184 20.85 -15.64 -30.94
CA ASP C 184 20.75 -16.84 -31.76
C ASP C 184 21.74 -16.70 -32.92
N GLN C 185 22.58 -17.73 -33.13
CA GLN C 185 23.62 -17.67 -34.15
C GLN C 185 23.10 -18.07 -35.53
N SER C 186 21.78 -18.26 -35.68
CA SER C 186 21.21 -18.61 -36.96
C SER C 186 20.42 -17.45 -37.58
N LEU C 187 19.91 -16.53 -36.75
CA LEU C 187 19.06 -15.45 -37.22
C LEU C 187 19.95 -14.30 -37.68
N HIS C 188 19.69 -13.79 -38.88
CA HIS C 188 20.72 -13.04 -39.60
C HIS C 188 20.14 -12.00 -40.55
N GLY C 189 18.88 -11.55 -40.34
CA GLY C 189 18.25 -10.57 -41.21
C GLY C 189 17.98 -9.25 -40.49
N HIS C 190 16.70 -8.83 -40.50
CA HIS C 190 16.20 -7.83 -39.56
C HIS C 190 16.13 -8.42 -38.15
N TYR C 191 16.63 -9.65 -37.99
CA TYR C 191 16.65 -10.39 -36.73
C TYR C 191 18.06 -10.34 -36.11
N ALA C 192 19.02 -9.83 -36.90
CA ALA C 192 20.42 -9.79 -36.50
C ALA C 192 20.65 -8.70 -35.43
N PRO C 193 21.55 -8.98 -34.45
CA PRO C 193 21.93 -8.01 -33.43
C PRO C 193 23.01 -7.03 -33.85
N ASP C 194 23.13 -5.89 -33.16
CA ASP C 194 24.19 -4.93 -33.38
C ASP C 194 25.25 -5.15 -32.30
N LEU C 195 26.08 -6.19 -32.50
CA LEU C 195 27.05 -6.60 -31.49
C LEU C 195 28.12 -5.50 -31.33
N LYS C 196 28.44 -4.81 -32.43
CA LYS C 196 29.44 -3.75 -32.40
C LYS C 196 28.90 -2.51 -31.66
N ARG C 197 27.66 -2.09 -32.00
CA ARG C 197 27.02 -0.95 -31.34
C ARG C 197 26.82 -1.25 -29.85
N MET C 198 26.53 -2.52 -29.51
CA MET C 198 26.38 -2.96 -28.13
C MET C 198 27.71 -2.85 -27.36
N ALA C 199 28.80 -3.30 -28.01
CA ALA C 199 30.13 -3.28 -27.42
C ALA C 199 30.59 -1.83 -27.17
N GLU C 200 30.24 -0.94 -28.11
CA GLU C 200 30.56 0.47 -28.04
C GLU C 200 29.84 1.16 -26.89
N ILE C 201 28.53 0.89 -26.75
CA ILE C 201 27.74 1.43 -25.66
C ILE C 201 28.34 1.00 -24.31
N GLY C 202 28.78 -0.27 -24.24
CA GLY C 202 29.42 -0.83 -23.06
C GLY C 202 30.68 -0.09 -22.61
N ASP C 203 31.54 0.28 -23.57
CA ASP C 203 32.79 0.96 -23.26
C ASP C 203 32.60 2.43 -22.93
N GLU C 204 31.65 3.10 -23.58
CA GLU C 204 31.42 4.50 -23.29
C GLU C 204 30.82 4.64 -21.89
N GLY C 205 30.32 3.51 -21.35
CA GLY C 205 29.93 3.42 -19.96
C GLY C 205 28.42 3.34 -19.83
N VAL C 206 27.95 2.23 -19.25
CA VAL C 206 26.52 2.05 -19.01
C VAL C 206 26.22 2.32 -17.53
N PHE C 207 25.46 3.38 -17.23
CA PHE C 207 25.11 3.74 -15.86
C PHE C 207 24.15 2.71 -15.28
N ALA C 208 23.06 2.44 -16.01
CA ALA C 208 22.06 1.48 -15.59
C ALA C 208 21.64 0.60 -16.77
N LEU C 209 21.52 -0.70 -16.51
CA LEU C 209 20.95 -1.63 -17.48
C LEU C 209 19.61 -2.15 -16.98
N ILE C 210 18.61 -2.11 -17.87
CA ILE C 210 17.30 -2.68 -17.59
C ILE C 210 17.08 -3.86 -18.55
N SER C 211 17.09 -5.09 -18.04
CA SER C 211 17.09 -6.29 -18.87
C SER C 211 15.98 -7.29 -18.51
N ASP C 212 15.67 -8.11 -19.52
CA ASP C 212 14.58 -9.06 -19.55
C ASP C 212 14.94 -10.28 -18.72
N SER C 213 14.06 -10.62 -17.77
CA SER C 213 14.30 -11.69 -16.81
C SER C 213 13.41 -12.91 -17.06
N THR C 214 12.73 -12.98 -18.22
CA THR C 214 11.70 -13.97 -18.47
C THR C 214 12.22 -15.41 -18.31
N GLU C 215 13.42 -15.71 -18.86
CA GLU C 215 13.97 -17.06 -18.82
C GLU C 215 15.25 -17.08 -18.00
N ALA C 216 15.29 -16.31 -16.92
CA ALA C 216 16.49 -16.26 -16.11
C ALA C 216 16.64 -17.55 -15.30
N GLU C 217 15.58 -18.35 -15.17
CA GLU C 217 15.65 -19.58 -14.41
C GLU C 217 16.11 -20.75 -15.30
N LYS C 218 16.06 -20.58 -16.63
CA LYS C 218 16.46 -21.62 -17.56
C LYS C 218 17.97 -21.53 -17.82
N PRO C 219 18.73 -22.57 -17.45
CA PRO C 219 20.17 -22.61 -17.67
C PRO C 219 20.57 -22.73 -19.14
N GLY C 220 21.82 -22.37 -19.45
CA GLY C 220 22.41 -22.64 -20.76
C GLY C 220 21.91 -21.69 -21.84
N TYR C 221 21.64 -22.24 -23.03
CA TYR C 221 21.23 -21.42 -24.17
C TYR C 221 19.97 -21.98 -24.81
N ASN C 222 19.22 -21.09 -25.47
CA ASN C 222 18.10 -21.45 -26.34
C ASN C 222 18.63 -22.36 -27.46
N THR C 223 17.81 -23.36 -27.84
CA THR C 223 18.07 -24.16 -29.02
C THR C 223 18.06 -23.26 -30.25
N PRO C 224 19.11 -23.24 -31.08
CA PRO C 224 19.15 -22.35 -32.25
C PRO C 224 17.97 -22.56 -33.21
N GLU C 225 17.45 -21.49 -33.85
CA GLU C 225 16.20 -21.52 -34.61
C GLU C 225 16.30 -22.45 -35.81
N ASN C 226 17.48 -22.51 -36.46
CA ASN C 226 17.73 -23.41 -37.57
C ASN C 226 17.58 -24.89 -37.17
N ILE C 227 17.98 -25.23 -35.93
CA ILE C 227 17.83 -26.59 -35.43
C ILE C 227 16.34 -26.91 -35.26
N ILE C 228 15.58 -25.92 -34.79
CA ILE C 228 14.15 -26.08 -34.56
C ILE C 228 13.45 -26.32 -35.90
N GLU C 229 13.85 -25.53 -36.91
CA GLU C 229 13.28 -25.60 -38.25
C GLU C 229 13.58 -26.97 -38.87
N HIS C 230 14.79 -27.47 -38.64
CA HIS C 230 15.17 -28.77 -39.16
C HIS C 230 14.31 -29.88 -38.53
N HIS C 231 14.08 -29.84 -37.21
CA HIS C 231 13.30 -30.89 -36.55
C HIS C 231 11.82 -30.81 -36.89
N MET C 232 11.32 -29.59 -37.18
CA MET C 232 9.95 -29.42 -37.65
C MET C 232 9.82 -30.01 -39.06
N TYR C 233 10.83 -29.78 -39.90
CA TYR C 233 10.84 -30.33 -41.25
C TYR C 233 10.72 -31.85 -41.20
N ASP C 234 11.58 -32.49 -40.41
CA ASP C 234 11.64 -33.94 -40.30
C ASP C 234 10.28 -34.45 -39.84
N ALA C 235 9.61 -33.73 -38.94
CA ALA C 235 8.34 -34.16 -38.39
C ALA C 235 7.22 -34.00 -39.44
N PHE C 236 7.20 -32.85 -40.12
CA PHE C 236 6.13 -32.51 -41.05
C PHE C 236 6.19 -33.39 -42.29
N ALA C 237 7.40 -33.83 -42.64
CA ALA C 237 7.63 -34.63 -43.83
C ALA C 237 7.06 -36.04 -43.65
N LYS C 238 6.74 -36.43 -42.41
CA LYS C 238 6.18 -37.75 -42.15
C LYS C 238 4.66 -37.71 -42.20
N VAL C 239 4.06 -36.52 -42.28
CA VAL C 239 2.61 -36.39 -42.23
C VAL C 239 2.00 -36.79 -43.58
N LYS C 240 1.09 -37.76 -43.54
CA LYS C 240 0.42 -38.25 -44.72
C LYS C 240 -0.92 -37.53 -44.90
N GLY C 241 -1.44 -36.89 -43.85
CA GLY C 241 -2.76 -36.28 -43.89
C GLY C 241 -2.70 -34.76 -43.90
N ARG C 242 -3.76 -34.13 -43.38
CA ARG C 242 -3.75 -32.68 -43.19
C ARG C 242 -2.89 -32.33 -41.97
N LEU C 243 -2.23 -31.17 -42.03
CA LEU C 243 -1.42 -30.70 -40.93
C LEU C 243 -1.92 -29.33 -40.48
N ILE C 244 -2.16 -29.20 -39.18
CA ILE C 244 -2.56 -27.94 -38.59
C ILE C 244 -1.53 -27.52 -37.55
N VAL C 245 -0.97 -26.32 -37.71
CA VAL C 245 0.09 -25.85 -36.85
C VAL C 245 -0.43 -24.68 -36.02
N SER C 246 -0.22 -24.75 -34.68
CA SER C 246 -0.64 -23.71 -33.76
C SER C 246 0.55 -22.81 -33.41
N CYS C 247 0.37 -21.50 -33.63
CA CYS C 247 1.40 -20.49 -33.40
C CYS C 247 0.83 -19.28 -32.69
N TYR C 248 1.73 -18.48 -32.10
CA TYR C 248 1.39 -17.13 -31.73
C TYR C 248 1.61 -16.26 -32.96
N ALA C 249 0.70 -15.29 -33.18
CA ALA C 249 0.75 -14.38 -34.31
C ALA C 249 1.98 -13.48 -34.17
N SER C 250 2.42 -13.35 -32.92
CA SER C 250 3.61 -12.63 -32.55
C SER C 250 4.91 -13.23 -33.10
N ASN C 251 4.94 -14.55 -33.36
CA ASN C 251 6.21 -15.25 -33.62
C ASN C 251 6.44 -15.36 -35.13
N PHE C 252 7.05 -14.31 -35.70
CA PHE C 252 7.23 -14.22 -37.15
C PHE C 252 8.22 -15.27 -37.65
N VAL C 253 9.16 -15.67 -36.79
CA VAL C 253 10.18 -16.63 -37.19
C VAL C 253 9.52 -17.99 -37.43
N ARG C 254 8.66 -18.41 -36.49
CA ARG C 254 8.04 -19.72 -36.55
C ARG C 254 7.10 -19.78 -37.77
N ILE C 255 6.47 -18.64 -38.07
CA ILE C 255 5.60 -18.51 -39.23
C ILE C 255 6.43 -18.58 -40.52
N GLN C 256 7.55 -17.86 -40.55
CA GLN C 256 8.44 -17.93 -41.70
C GLN C 256 8.99 -19.36 -41.85
N GLN C 257 9.15 -20.10 -40.74
CA GLN C 257 9.73 -21.45 -40.75
C GLN C 257 8.80 -22.43 -41.46
N VAL C 258 7.50 -22.36 -41.16
CA VAL C 258 6.53 -23.26 -41.76
C VAL C 258 6.30 -22.89 -43.22
N LEU C 259 6.43 -21.61 -43.58
CA LEU C 259 6.32 -21.23 -44.98
C LEU C 259 7.47 -21.85 -45.76
N ASN C 260 8.68 -21.85 -45.20
CA ASN C 260 9.84 -22.46 -45.84
C ASN C 260 9.58 -23.95 -46.05
N ILE C 261 9.06 -24.60 -44.99
CA ILE C 261 8.89 -26.04 -44.98
C ILE C 261 7.77 -26.45 -45.94
N ALA C 262 6.67 -25.69 -45.94
CA ALA C 262 5.53 -26.00 -46.80
C ALA C 262 5.93 -25.94 -48.28
N SER C 263 6.83 -25.01 -48.59
CA SER C 263 7.36 -24.82 -49.92
C SER C 263 8.14 -26.05 -50.37
N GLN C 264 8.96 -26.58 -49.45
CA GLN C 264 9.86 -27.69 -49.75
C GLN C 264 9.08 -29.00 -49.84
N LEU C 265 7.91 -29.06 -49.20
CA LEU C 265 7.09 -30.25 -49.21
C LEU C 265 5.93 -30.12 -50.22
N ASN C 266 6.00 -29.12 -51.12
CA ASN C 266 4.93 -28.83 -52.08
C ASN C 266 3.56 -28.75 -51.43
N ARG C 267 3.50 -28.17 -50.23
CA ARG C 267 2.22 -27.95 -49.59
C ARG C 267 1.94 -26.47 -49.72
N LYS C 268 0.68 -26.10 -49.50
CA LYS C 268 0.27 -24.70 -49.56
C LYS C 268 -0.24 -24.35 -48.18
N VAL C 269 -0.21 -23.06 -47.85
CA VAL C 269 -0.42 -22.62 -46.48
C VAL C 269 -1.69 -21.78 -46.39
N SER C 270 -2.46 -21.98 -45.30
CA SER C 270 -3.69 -21.23 -45.09
C SER C 270 -3.85 -20.87 -43.61
N PHE C 271 -4.11 -19.59 -43.33
CA PHE C 271 -4.35 -19.07 -41.98
C PHE C 271 -5.84 -19.17 -41.65
N LEU C 272 -6.19 -19.05 -40.36
CA LEU C 272 -7.60 -19.12 -39.98
C LEU C 272 -8.34 -17.88 -40.51
N GLY C 273 -9.62 -18.09 -40.86
CA GLY C 273 -10.40 -17.18 -41.68
C GLY C 273 -11.12 -16.11 -40.87
N ARG C 274 -11.85 -15.19 -41.55
CA ARG C 274 -12.14 -15.23 -42.98
C ARG C 274 -11.27 -14.24 -43.78
N SER C 275 -10.41 -13.46 -43.09
CA SER C 275 -9.35 -12.69 -43.73
C SER C 275 -8.04 -12.93 -42.97
N LEU C 276 -6.97 -12.21 -43.33
CA LEU C 276 -5.64 -12.51 -42.82
C LEU C 276 -5.25 -11.55 -41.70
N GLU C 277 -4.54 -12.10 -40.70
CA GLU C 277 -4.29 -11.47 -39.42
C GLU C 277 -3.50 -10.19 -39.67
N SER C 278 -3.95 -9.11 -39.00
CA SER C 278 -3.47 -7.76 -39.22
C SER C 278 -1.95 -7.68 -39.21
N SER C 279 -1.33 -8.14 -38.10
CA SER C 279 0.11 -8.05 -37.86
C SER C 279 0.88 -8.74 -38.98
N PHE C 280 0.45 -9.96 -39.34
CA PHE C 280 1.09 -10.75 -40.38
C PHE C 280 1.00 -10.04 -41.73
N ASN C 281 -0.17 -9.44 -41.98
CA ASN C 281 -0.54 -8.99 -43.30
C ASN C 281 0.11 -7.65 -43.63
N ILE C 282 0.29 -6.84 -42.58
CA ILE C 282 1.02 -5.57 -42.66
C ILE C 282 2.50 -5.85 -42.94
N ALA C 283 3.08 -6.78 -42.19
CA ALA C 283 4.51 -7.09 -42.28
C ALA C 283 4.85 -7.76 -43.60
N ARG C 284 3.89 -8.52 -44.13
CA ARG C 284 4.03 -9.18 -45.43
C ARG C 284 4.15 -8.12 -46.51
N LYS C 285 3.27 -7.11 -46.44
CA LYS C 285 3.19 -6.05 -47.44
C LYS C 285 4.39 -5.11 -47.36
N MET C 286 5.11 -5.13 -46.23
CA MET C 286 6.29 -4.31 -46.02
C MET C 286 7.56 -5.08 -46.41
N GLY C 287 7.41 -6.37 -46.73
CA GLY C 287 8.50 -7.17 -47.26
C GLY C 287 9.34 -7.83 -46.17
N TYR C 288 8.71 -8.08 -45.00
CA TYR C 288 9.40 -8.77 -43.92
C TYR C 288 9.47 -10.27 -44.17
N PHE C 289 8.52 -10.81 -44.92
CA PHE C 289 8.42 -12.25 -45.12
C PHE C 289 8.95 -12.61 -46.52
N ASP C 290 9.50 -13.82 -46.62
CA ASP C 290 10.00 -14.36 -47.87
C ASP C 290 9.05 -15.43 -48.38
N ILE C 291 8.14 -15.07 -49.29
CA ILE C 291 7.05 -15.98 -49.64
C ILE C 291 7.03 -16.27 -51.14
N PRO C 292 7.13 -17.56 -51.54
CA PRO C 292 6.83 -17.98 -52.92
C PRO C 292 5.45 -17.55 -53.41
N LYS C 293 5.27 -17.54 -54.74
CA LYS C 293 4.01 -17.13 -55.34
C LYS C 293 3.09 -18.33 -55.42
N ASP C 294 1.81 -18.10 -55.10
CA ASP C 294 0.80 -19.15 -55.01
C ASP C 294 1.24 -20.19 -53.98
N LEU C 295 1.69 -19.74 -52.79
CA LEU C 295 1.94 -20.62 -51.66
C LEU C 295 0.76 -20.54 -50.70
N LEU C 296 0.25 -19.32 -50.52
CA LEU C 296 -0.89 -19.10 -49.64
C LEU C 296 -2.17 -19.41 -50.41
N ILE C 297 -3.04 -20.23 -49.83
CA ILE C 297 -4.38 -20.50 -50.37
C ILE C 297 -5.41 -20.01 -49.36
N PRO C 298 -6.49 -19.31 -49.80
CA PRO C 298 -7.48 -18.76 -48.86
C PRO C 298 -8.18 -19.90 -48.13
N ILE C 299 -8.72 -19.65 -46.93
CA ILE C 299 -9.31 -20.74 -46.16
C ILE C 299 -10.56 -21.25 -46.85
N ASN C 300 -11.20 -20.37 -47.65
CA ASN C 300 -12.35 -20.69 -48.50
C ASN C 300 -12.01 -21.79 -49.51
N GLU C 301 -10.76 -21.81 -49.99
CA GLU C 301 -10.37 -22.69 -51.10
C GLU C 301 -9.62 -23.93 -50.62
N VAL C 302 -9.71 -24.29 -49.33
CA VAL C 302 -8.89 -25.37 -48.78
C VAL C 302 -9.44 -26.72 -49.27
N GLU C 303 -10.78 -26.83 -49.35
CA GLU C 303 -11.45 -28.09 -49.66
C GLU C 303 -11.06 -28.61 -51.05
N ASN C 304 -10.64 -27.70 -51.96
CA ASN C 304 -10.27 -28.04 -53.32
C ASN C 304 -9.05 -28.97 -53.38
N TYR C 305 -8.14 -28.85 -52.40
CA TYR C 305 -6.86 -29.56 -52.45
C TYR C 305 -6.92 -30.84 -51.64
N PRO C 306 -6.09 -31.88 -51.96
CA PRO C 306 -5.99 -33.06 -51.12
C PRO C 306 -5.46 -32.67 -49.74
N LYS C 307 -5.86 -33.43 -48.72
CA LYS C 307 -5.51 -33.12 -47.34
C LYS C 307 -3.99 -33.01 -47.16
N ASN C 308 -3.19 -33.77 -47.94
CA ASN C 308 -1.74 -33.81 -47.76
C ASN C 308 -1.02 -32.68 -48.50
N GLU C 309 -1.78 -31.76 -49.10
CA GLU C 309 -1.20 -30.65 -49.83
C GLU C 309 -1.48 -29.33 -49.12
N VAL C 310 -1.89 -29.35 -47.85
CA VAL C 310 -2.23 -28.13 -47.13
C VAL C 310 -1.63 -28.13 -45.72
N ILE C 311 -1.12 -26.96 -45.31
CA ILE C 311 -0.81 -26.68 -43.93
C ILE C 311 -1.70 -25.52 -43.46
N ILE C 312 -2.50 -25.78 -42.43
CA ILE C 312 -3.35 -24.75 -41.85
C ILE C 312 -2.67 -24.21 -40.61
N ILE C 313 -2.58 -22.88 -40.50
CA ILE C 313 -1.91 -22.26 -39.37
C ILE C 313 -2.94 -21.59 -38.48
N ALA C 314 -3.03 -22.06 -37.24
CA ALA C 314 -3.90 -21.45 -36.25
C ALA C 314 -3.09 -20.52 -35.34
N THR C 315 -3.28 -19.22 -35.56
CA THR C 315 -2.61 -18.22 -34.74
C THR C 315 -3.64 -17.52 -33.85
N GLY C 316 -3.10 -16.81 -32.86
CA GLY C 316 -3.85 -16.02 -31.90
C GLY C 316 -2.85 -15.29 -31.00
N MET C 317 -3.25 -14.96 -29.78
CA MET C 317 -2.34 -14.29 -28.87
C MET C 317 -2.58 -14.80 -27.45
N GLN C 318 -3.86 -14.83 -27.07
CA GLN C 318 -4.35 -14.93 -25.71
C GLN C 318 -3.93 -16.27 -25.12
N GLY C 319 -3.88 -17.28 -25.98
CA GLY C 319 -4.05 -18.67 -25.61
C GLY C 319 -5.20 -19.30 -26.42
N GLU C 320 -5.77 -18.51 -27.34
CA GLU C 320 -6.74 -19.00 -28.31
C GLU C 320 -6.12 -20.07 -29.19
N PRO C 321 -4.84 -19.94 -29.63
CA PRO C 321 -4.20 -20.98 -30.44
C PRO C 321 -4.55 -22.38 -29.92
N VAL C 322 -4.57 -22.53 -28.58
CA VAL C 322 -4.99 -23.76 -27.91
C VAL C 322 -6.51 -23.92 -28.03
N GLU C 323 -7.27 -22.85 -27.73
CA GLU C 323 -8.73 -22.84 -27.74
C GLU C 323 -9.29 -23.29 -29.09
N ALA C 324 -8.68 -22.77 -30.17
CA ALA C 324 -9.15 -23.02 -31.52
C ALA C 324 -9.08 -24.51 -31.87
N LEU C 325 -8.00 -25.16 -31.43
CA LEU C 325 -7.82 -26.59 -31.63
C LEU C 325 -8.86 -27.30 -30.77
N SER C 326 -9.27 -26.61 -29.69
CA SER C 326 -10.31 -27.07 -28.78
C SER C 326 -11.68 -27.01 -29.46
N GLN C 327 -12.01 -25.81 -29.94
CA GLN C 327 -13.22 -25.56 -30.69
C GLN C 327 -13.22 -26.35 -32.01
N MET C 328 -12.04 -26.54 -32.62
CA MET C 328 -11.94 -27.35 -33.83
C MET C 328 -11.97 -28.82 -33.44
N ALA C 329 -12.05 -29.11 -32.14
CA ALA C 329 -12.04 -30.49 -31.68
C ALA C 329 -13.43 -30.87 -31.18
N ARG C 330 -14.04 -29.98 -30.40
CA ARG C 330 -15.42 -30.14 -29.98
C ARG C 330 -16.34 -29.92 -31.19
N LYS C 331 -15.74 -29.66 -32.36
CA LYS C 331 -16.45 -29.46 -33.61
C LYS C 331 -17.40 -28.28 -33.45
N LYS C 332 -16.94 -27.24 -32.73
CA LYS C 332 -17.73 -26.07 -32.41
C LYS C 332 -17.12 -24.80 -33.03
N HIS C 333 -16.06 -24.93 -33.85
CA HIS C 333 -15.48 -23.78 -34.55
C HIS C 333 -16.43 -23.40 -35.69
N LYS C 334 -16.31 -22.15 -36.15
CA LYS C 334 -17.24 -21.59 -37.11
C LYS C 334 -16.56 -21.40 -38.46
N ILE C 335 -15.48 -22.16 -38.75
CA ILE C 335 -14.82 -22.10 -40.05
C ILE C 335 -14.48 -23.51 -40.51
N MET C 336 -13.67 -24.23 -39.72
CA MET C 336 -13.12 -25.51 -40.17
C MET C 336 -12.90 -26.43 -38.98
N ASN C 337 -13.12 -27.73 -39.18
CA ASN C 337 -13.06 -28.70 -38.09
C ASN C 337 -11.96 -29.72 -38.31
N ILE C 338 -11.57 -30.40 -37.24
CA ILE C 338 -10.65 -31.53 -37.33
C ILE C 338 -11.45 -32.74 -37.76
N GLU C 339 -10.90 -33.48 -38.73
CA GLU C 339 -11.40 -34.79 -39.11
C GLU C 339 -10.35 -35.82 -38.75
N GLU C 340 -10.79 -37.06 -38.53
CA GLU C 340 -9.91 -38.15 -38.15
C GLU C 340 -8.78 -38.24 -39.18
N GLY C 341 -7.55 -38.42 -38.69
CA GLY C 341 -6.37 -38.55 -39.54
C GLY C 341 -5.62 -37.23 -39.76
N ASP C 342 -6.14 -36.15 -39.15
CA ASP C 342 -5.45 -34.88 -39.17
C ASP C 342 -4.31 -34.91 -38.16
N SER C 343 -3.27 -34.15 -38.49
CA SER C 343 -2.09 -34.06 -37.65
C SER C 343 -2.05 -32.68 -37.01
N ILE C 344 -1.63 -32.64 -35.75
CA ILE C 344 -1.52 -31.39 -35.00
C ILE C 344 -0.08 -31.19 -34.58
N PHE C 345 0.40 -29.95 -34.70
CA PHE C 345 1.67 -29.59 -34.10
C PHE C 345 1.54 -28.28 -33.33
N LEU C 346 2.03 -28.29 -32.10
CA LEU C 346 1.98 -27.13 -31.22
C LEU C 346 3.32 -26.40 -31.26
N ALA C 347 3.40 -25.37 -32.10
CA ALA C 347 4.60 -24.57 -32.25
C ALA C 347 4.54 -23.38 -31.28
N ILE C 348 4.21 -23.66 -30.01
CA ILE C 348 4.14 -22.63 -28.98
C ILE C 348 4.89 -23.09 -27.75
N THR C 349 5.08 -22.16 -26.80
CA THR C 349 5.80 -22.42 -25.57
C THR C 349 4.87 -22.12 -24.41
N ALA C 350 4.65 -23.14 -23.57
CA ALA C 350 3.56 -23.13 -22.62
C ALA C 350 3.98 -22.45 -21.30
N SER C 351 3.17 -21.47 -20.89
CA SER C 351 3.23 -20.92 -19.55
C SER C 351 2.65 -21.93 -18.57
N ALA C 352 3.19 -21.95 -17.34
CA ALA C 352 2.73 -22.87 -16.30
C ALA C 352 1.22 -22.73 -16.08
N ASN C 353 0.68 -21.54 -16.39
CA ASN C 353 -0.75 -21.27 -16.26
C ASN C 353 -1.56 -22.06 -17.30
N MET C 354 -0.92 -22.46 -18.39
CA MET C 354 -1.62 -23.01 -19.53
C MET C 354 -1.25 -24.48 -19.73
N GLU C 355 -0.53 -25.09 -18.76
CA GLU C 355 -0.14 -26.48 -18.84
C GLU C 355 -1.40 -27.37 -18.83
N VAL C 356 -2.43 -26.92 -18.12
CA VAL C 356 -3.63 -27.71 -17.89
C VAL C 356 -4.59 -27.66 -19.08
N ILE C 357 -4.71 -26.47 -19.71
CA ILE C 357 -5.65 -26.31 -20.82
C ILE C 357 -5.08 -27.01 -22.06
N ILE C 358 -3.76 -27.19 -22.08
CA ILE C 358 -3.13 -27.96 -23.13
C ILE C 358 -3.42 -29.44 -22.95
N ALA C 359 -3.34 -29.93 -21.71
CA ALA C 359 -3.63 -31.33 -21.44
C ALA C 359 -5.09 -31.66 -21.76
N ASP C 360 -6.02 -30.74 -21.51
CA ASP C 360 -7.42 -30.96 -21.86
C ASP C 360 -7.58 -30.99 -23.37
N THR C 361 -6.94 -30.04 -24.04
CA THR C 361 -7.05 -29.90 -25.49
C THR C 361 -6.49 -31.14 -26.18
N LEU C 362 -5.37 -31.63 -25.65
CA LEU C 362 -4.71 -32.78 -26.24
C LEU C 362 -5.66 -33.98 -26.20
N ASN C 363 -6.30 -34.15 -25.04
CA ASN C 363 -7.25 -35.24 -24.86
C ASN C 363 -8.37 -35.14 -25.89
N GLU C 364 -8.91 -33.92 -26.07
CA GLU C 364 -10.01 -33.70 -27.01
C GLU C 364 -9.54 -33.91 -28.44
N LEU C 365 -8.27 -33.57 -28.70
CA LEU C 365 -7.68 -33.78 -30.00
C LEU C 365 -7.57 -35.28 -30.27
N VAL C 366 -7.21 -36.04 -29.23
CA VAL C 366 -7.05 -37.48 -29.37
C VAL C 366 -8.43 -38.12 -29.53
N ARG C 367 -9.46 -37.59 -28.83
CA ARG C 367 -10.82 -38.10 -28.93
C ARG C 367 -11.37 -37.88 -30.33
N ALA C 368 -11.01 -36.75 -30.97
CA ALA C 368 -11.39 -36.47 -32.35
C ALA C 368 -10.62 -37.40 -33.30
N GLY C 369 -9.55 -38.01 -32.79
CA GLY C 369 -8.76 -38.93 -33.58
C GLY C 369 -7.78 -38.16 -34.46
N ALA C 370 -7.02 -37.26 -33.83
CA ALA C 370 -6.01 -36.48 -34.50
C ALA C 370 -4.65 -37.00 -34.06
N HIS C 371 -3.69 -37.03 -34.98
CA HIS C 371 -2.35 -37.47 -34.65
C HIS C 371 -1.60 -36.28 -34.08
N ILE C 372 -1.06 -36.46 -32.86
CA ILE C 372 -0.32 -35.41 -32.20
C ILE C 372 1.15 -35.58 -32.54
N ILE C 373 1.71 -34.62 -33.30
CA ILE C 373 3.15 -34.59 -33.51
C ILE C 373 3.78 -34.14 -32.20
N PRO C 374 4.58 -35.00 -31.54
CA PRO C 374 5.09 -34.70 -30.21
C PRO C 374 6.20 -33.66 -30.26
N ASN C 375 6.27 -32.78 -29.23
CA ASN C 375 7.35 -31.81 -29.11
C ASN C 375 8.60 -32.51 -28.59
N ASN C 376 9.73 -32.24 -29.27
CA ASN C 376 11.03 -32.75 -28.83
C ASN C 376 11.37 -32.06 -27.52
N LYS C 377 11.54 -32.85 -26.46
CA LYS C 377 11.68 -32.30 -25.12
C LYS C 377 13.12 -31.81 -24.91
N LYS C 378 14.04 -32.21 -25.82
CA LYS C 378 15.42 -31.76 -25.78
C LYS C 378 15.53 -30.36 -26.37
N ILE C 379 14.49 -29.91 -27.09
CA ILE C 379 14.49 -28.56 -27.66
C ILE C 379 13.92 -27.56 -26.65
N HIS C 380 14.59 -26.42 -26.51
CA HIS C 380 14.05 -25.33 -25.72
C HIS C 380 13.85 -24.12 -26.61
N ALA C 381 12.58 -23.78 -26.87
CA ALA C 381 12.21 -22.67 -27.75
C ALA C 381 11.70 -21.49 -26.93
N SER C 382 12.37 -20.33 -27.06
CA SER C 382 11.95 -19.12 -26.35
C SER C 382 12.32 -17.88 -27.17
N SER C 383 11.60 -16.79 -26.94
CA SER C 383 11.92 -15.50 -27.53
C SER C 383 12.92 -14.78 -26.63
N HIS C 384 13.07 -15.29 -25.38
CA HIS C 384 13.89 -14.62 -24.38
C HIS C 384 15.15 -15.43 -24.12
N GLY C 385 16.24 -14.70 -23.86
CA GLY C 385 17.51 -15.33 -23.56
C GLY C 385 17.45 -16.13 -22.27
N CYS C 386 18.10 -17.29 -22.28
CA CYS C 386 18.39 -18.08 -21.09
C CYS C 386 19.61 -17.52 -20.38
N MET C 387 20.06 -18.21 -19.32
CA MET C 387 21.04 -17.67 -18.39
C MET C 387 22.29 -17.15 -19.11
N GLU C 388 22.88 -17.95 -20.01
CA GLU C 388 24.15 -17.59 -20.65
C GLU C 388 23.97 -16.45 -21.65
N GLU C 389 22.80 -16.40 -22.31
CA GLU C 389 22.45 -15.31 -23.20
C GLU C 389 22.29 -13.99 -22.44
N LEU C 390 21.71 -14.06 -21.24
CA LEU C 390 21.51 -12.87 -20.43
C LEU C 390 22.87 -12.40 -19.92
N LYS C 391 23.75 -13.34 -19.58
CA LYS C 391 25.09 -13.02 -19.11
C LYS C 391 25.88 -12.41 -20.26
N MET C 392 25.60 -12.85 -21.49
CA MET C 392 26.25 -12.27 -22.65
C MET C 392 25.97 -10.78 -22.73
N MET C 393 24.69 -10.38 -22.56
CA MET C 393 24.30 -8.98 -22.58
C MET C 393 24.97 -8.21 -21.43
N LEU C 394 25.10 -8.85 -20.28
CA LEU C 394 25.68 -8.23 -19.09
C LEU C 394 27.19 -8.08 -19.26
N ASN C 395 27.83 -9.07 -19.90
CA ASN C 395 29.26 -9.02 -20.16
C ASN C 395 29.58 -7.91 -21.17
N ILE C 396 28.70 -7.70 -22.15
CA ILE C 396 28.92 -6.69 -23.18
C ILE C 396 28.70 -5.30 -22.61
N MET C 397 27.65 -5.14 -21.79
CA MET C 397 27.20 -3.84 -21.33
C MET C 397 28.09 -3.33 -20.18
N LYS C 398 28.48 -4.24 -19.28
CA LYS C 398 29.25 -3.89 -18.10
C LYS C 398 28.59 -2.71 -17.38
N PRO C 399 27.34 -2.86 -16.90
CA PRO C 399 26.63 -1.76 -16.25
C PRO C 399 27.03 -1.57 -14.80
N GLU C 400 26.89 -0.34 -14.30
CA GLU C 400 27.23 -0.02 -12.92
C GLU C 400 26.11 -0.52 -12.03
N TYR C 401 24.89 -0.12 -12.40
CA TYR C 401 23.67 -0.54 -11.73
C TYR C 401 22.89 -1.48 -12.63
N PHE C 402 22.15 -2.41 -12.02
CA PHE C 402 21.35 -3.37 -12.76
C PHE C 402 19.94 -3.41 -12.17
N VAL C 403 18.94 -3.39 -13.06
CA VAL C 403 17.55 -3.45 -12.64
C VAL C 403 16.86 -4.54 -13.46
N PRO C 404 16.75 -5.77 -12.93
CA PRO C 404 16.06 -6.84 -13.64
C PRO C 404 14.55 -6.60 -13.65
N VAL C 405 13.96 -6.73 -14.85
CA VAL C 405 12.53 -6.53 -15.08
C VAL C 405 12.02 -7.68 -15.96
N GLN C 406 10.75 -7.58 -16.36
CA GLN C 406 10.11 -8.50 -17.29
C GLN C 406 10.14 -9.92 -16.70
N GLY C 407 9.73 -10.04 -15.44
CA GLY C 407 9.71 -11.33 -14.77
C GLY C 407 9.02 -11.26 -13.42
N GLU C 408 8.59 -12.42 -12.92
CA GLU C 408 8.10 -12.56 -11.55
C GLU C 408 9.30 -12.40 -10.61
N PHE C 409 9.02 -12.37 -9.31
CA PHE C 409 10.05 -12.04 -8.34
C PHE C 409 11.16 -13.08 -8.35
N LYS C 410 10.80 -14.36 -8.49
CA LYS C 410 11.80 -15.42 -8.51
C LYS C 410 12.69 -15.30 -9.74
N MET C 411 12.14 -14.73 -10.82
CA MET C 411 12.85 -14.55 -12.08
C MET C 411 13.78 -13.34 -12.00
N GLN C 412 13.32 -12.26 -11.37
CA GLN C 412 14.17 -11.10 -11.12
C GLN C 412 15.38 -11.48 -10.27
N ILE C 413 15.18 -12.30 -9.24
CA ILE C 413 16.25 -12.76 -8.38
C ILE C 413 17.28 -13.55 -9.20
N ALA C 414 16.77 -14.45 -10.05
CA ALA C 414 17.62 -15.29 -10.88
C ALA C 414 18.53 -14.39 -11.71
N HIS C 415 17.95 -13.29 -12.23
CA HIS C 415 18.67 -12.39 -13.11
C HIS C 415 19.69 -11.59 -12.32
N ALA C 416 19.32 -11.23 -11.09
CA ALA C 416 20.22 -10.54 -10.19
C ALA C 416 21.45 -11.40 -9.88
N LYS C 417 21.25 -12.70 -9.70
CA LYS C 417 22.37 -13.58 -9.38
C LYS C 417 23.29 -13.76 -10.59
N LEU C 418 22.73 -13.74 -11.80
CA LEU C 418 23.53 -13.75 -13.00
C LEU C 418 24.40 -12.50 -13.04
N ALA C 419 23.81 -11.36 -12.67
CA ALA C 419 24.47 -10.06 -12.73
C ALA C 419 25.62 -10.00 -11.75
N ALA C 420 25.43 -10.58 -10.56
CA ALA C 420 26.48 -10.65 -9.55
C ALA C 420 27.65 -11.53 -10.01
N GLU C 421 27.35 -12.63 -10.75
CA GLU C 421 28.37 -13.49 -11.35
C GLU C 421 29.18 -12.72 -12.39
N THR C 422 28.56 -11.79 -13.14
CA THR C 422 29.26 -11.04 -14.18
C THR C 422 30.05 -9.88 -13.60
N GLY C 423 29.94 -9.65 -12.28
CA GLY C 423 30.81 -8.73 -11.58
C GLY C 423 30.10 -7.48 -11.05
N VAL C 424 28.78 -7.36 -11.25
CA VAL C 424 28.05 -6.20 -10.76
C VAL C 424 27.98 -6.30 -9.23
N ALA C 425 28.16 -5.14 -8.58
CA ALA C 425 28.09 -5.06 -7.13
C ALA C 425 26.68 -5.38 -6.65
N PRO C 426 26.54 -6.29 -5.66
CA PRO C 426 25.23 -6.62 -5.09
C PRO C 426 24.49 -5.39 -4.54
N GLU C 427 25.24 -4.48 -3.93
CA GLU C 427 24.72 -3.23 -3.41
C GLU C 427 24.08 -2.43 -4.55
N LYS C 428 24.50 -2.66 -5.80
CA LYS C 428 24.02 -1.84 -6.91
C LYS C 428 23.00 -2.57 -7.79
N ILE C 429 22.50 -3.73 -7.33
CA ILE C 429 21.44 -4.46 -8.01
C ILE C 429 20.13 -4.21 -7.28
N PHE C 430 19.09 -3.77 -8.01
CA PHE C 430 17.83 -3.41 -7.39
C PHE C 430 16.68 -4.28 -7.89
N LEU C 431 16.06 -5.00 -6.96
CA LEU C 431 14.78 -5.66 -7.22
C LEU C 431 13.64 -4.76 -6.76
N VAL C 432 12.74 -4.43 -7.69
CA VAL C 432 11.67 -3.47 -7.46
C VAL C 432 10.30 -4.09 -7.75
N GLU C 433 9.26 -3.56 -7.10
CA GLU C 433 7.87 -3.89 -7.39
C GLU C 433 7.27 -2.69 -8.09
N LYS C 434 6.06 -2.83 -8.64
CA LYS C 434 5.44 -1.75 -9.37
C LYS C 434 5.32 -0.53 -8.46
N GLY C 435 5.71 0.64 -8.97
CA GLY C 435 5.54 1.88 -8.23
C GLY C 435 6.78 2.25 -7.43
N ASP C 436 7.72 1.31 -7.27
CA ASP C 436 9.00 1.61 -6.65
C ASP C 436 9.72 2.68 -7.48
N VAL C 437 10.44 3.56 -6.80
CA VAL C 437 11.16 4.62 -7.47
C VAL C 437 12.64 4.50 -7.12
N ILE C 438 13.47 4.35 -8.14
CA ILE C 438 14.91 4.35 -7.96
C ILE C 438 15.42 5.75 -8.33
N SER C 439 16.13 6.38 -7.40
CA SER C 439 16.60 7.75 -7.54
C SER C 439 18.11 7.82 -7.41
N TYR C 440 18.72 8.72 -8.18
CA TYR C 440 20.15 8.95 -8.10
C TYR C 440 20.38 10.44 -7.87
N ASN C 441 20.93 10.75 -6.67
CA ASN C 441 21.28 12.08 -6.22
C ASN C 441 22.49 12.61 -7.00
N GLY C 442 23.34 11.71 -7.51
CA GLY C 442 24.65 12.04 -8.02
C GLY C 442 25.74 11.54 -7.07
N LYS C 443 25.30 10.74 -6.09
CA LYS C 443 26.12 10.31 -4.98
C LYS C 443 25.76 8.86 -4.65
N ASP C 444 24.49 8.64 -4.27
CA ASP C 444 24.00 7.31 -3.94
C ASP C 444 22.73 7.03 -4.75
N MET C 445 22.56 5.76 -5.11
CA MET C 445 21.29 5.31 -5.67
C MET C 445 20.45 4.70 -4.56
N ILE C 446 19.24 5.24 -4.37
CA ILE C 446 18.41 4.82 -3.27
C ILE C 446 17.01 4.51 -3.77
N LEU C 447 16.32 3.66 -3.01
CA LEU C 447 14.91 3.42 -3.22
C LEU C 447 14.15 4.19 -2.15
N ASN C 448 13.72 5.40 -2.50
CA ASN C 448 13.30 6.38 -1.50
C ASN C 448 11.83 6.77 -1.66
N GLU C 449 11.20 6.50 -2.79
CA GLU C 449 9.85 6.96 -3.00
C GLU C 449 8.99 5.81 -3.52
N LYS C 450 7.67 5.95 -3.36
CA LYS C 450 6.73 5.00 -3.95
C LYS C 450 5.53 5.74 -4.56
N VAL C 451 5.23 5.47 -5.84
CA VAL C 451 4.20 6.19 -6.57
C VAL C 451 3.03 5.26 -6.88
N GLN C 452 1.96 5.85 -7.41
CA GLN C 452 0.73 5.12 -7.69
C GLN C 452 0.95 4.23 -8.91
N SER C 453 0.64 2.96 -8.70
CA SER C 453 0.80 1.93 -9.71
C SER C 453 -0.34 0.93 -9.55
N GLY C 454 -0.64 0.21 -10.62
CA GLY C 454 -1.59 -0.88 -10.48
C GLY C 454 -2.07 -1.43 -11.81
N ASN C 455 -3.20 -2.14 -11.73
CA ASN C 455 -3.79 -2.82 -12.86
C ASN C 455 -5.13 -2.16 -13.20
N ILE C 456 -5.31 -1.81 -14.48
CA ILE C 456 -6.59 -1.33 -14.96
C ILE C 456 -7.21 -2.39 -15.87
N LEU C 457 -8.35 -2.92 -15.43
CA LEU C 457 -9.07 -3.95 -16.17
C LEU C 457 -10.04 -3.30 -17.15
N ILE C 458 -10.14 -3.87 -18.36
CA ILE C 458 -10.96 -3.31 -19.42
C ILE C 458 -11.75 -4.44 -20.11
N LEU D 17 32.95 54.44 -5.10
CA LEU D 17 32.70 55.12 -6.41
C LEU D 17 33.66 54.54 -7.45
N ILE D 18 33.37 54.79 -8.73
CA ILE D 18 34.13 54.20 -9.82
C ILE D 18 35.31 55.12 -10.15
N LYS D 19 36.48 54.52 -10.47
CA LYS D 19 37.69 55.28 -10.79
C LYS D 19 37.79 55.52 -12.30
N LYS D 20 37.85 54.45 -13.12
CA LYS D 20 38.10 54.60 -14.55
C LYS D 20 37.16 53.69 -15.35
N LYS D 21 37.09 53.94 -16.67
CA LYS D 21 36.36 53.08 -17.60
C LYS D 21 37.17 51.81 -17.83
N ASN D 22 36.55 50.66 -17.51
CA ASN D 22 37.20 49.35 -17.56
C ASN D 22 36.79 48.62 -18.85
N LYS D 23 37.60 47.62 -19.24
CA LYS D 23 37.40 46.88 -20.48
C LYS D 23 37.11 45.41 -20.19
N ASP D 24 38.08 44.73 -19.58
CA ASP D 24 38.06 43.27 -19.46
C ASP D 24 37.90 42.85 -18.01
N ILE D 25 36.94 41.94 -17.79
CA ILE D 25 36.75 41.33 -16.49
C ILE D 25 36.95 39.82 -16.64
N ARG D 26 37.67 39.23 -15.68
CA ARG D 26 37.81 37.78 -15.62
C ARG D 26 37.53 37.29 -14.21
N ILE D 27 36.76 36.19 -14.14
CA ILE D 27 36.42 35.57 -12.87
C ILE D 27 36.81 34.09 -12.95
N ILE D 28 37.79 33.69 -12.14
CA ILE D 28 38.32 32.33 -12.18
C ILE D 28 38.28 31.71 -10.78
N PRO D 29 37.47 30.64 -10.59
CA PRO D 29 37.54 29.82 -9.38
C PRO D 29 38.68 28.81 -9.40
N LEU D 30 39.57 28.90 -8.42
CA LEU D 30 40.64 27.92 -8.27
C LEU D 30 40.32 26.96 -7.12
N GLY D 31 39.27 27.28 -6.38
CA GLY D 31 38.79 26.44 -5.29
C GLY D 31 37.39 26.83 -4.84
N GLY D 32 36.64 25.85 -4.33
CA GLY D 32 35.36 26.10 -3.68
C GLY D 32 34.17 25.88 -4.61
N VAL D 33 34.42 25.33 -5.80
CA VAL D 33 33.34 24.92 -6.70
C VAL D 33 33.45 23.41 -6.96
N GLY D 34 32.30 22.75 -6.92
CA GLY D 34 32.25 21.29 -6.96
C GLY D 34 32.76 20.67 -5.67
N GLU D 35 32.91 21.46 -4.60
CA GLU D 35 33.44 20.97 -3.35
C GLU D 35 32.97 21.88 -2.21
N ILE D 36 33.09 21.41 -0.97
CA ILE D 36 32.90 22.29 0.16
C ILE D 36 34.31 22.64 0.66
N ALA D 37 34.67 23.94 0.73
CA ALA D 37 35.71 24.46 1.66
C ALA D 37 37.17 24.76 1.21
N LYS D 38 37.54 24.89 -0.05
CA LYS D 38 38.90 25.19 -0.41
C LYS D 38 38.56 26.43 -1.19
N ASN D 39 38.25 27.51 -0.47
CA ASN D 39 37.71 28.70 -1.09
C ASN D 39 38.83 29.55 -1.66
N MET D 40 38.72 29.91 -2.95
CA MET D 40 39.69 30.78 -3.60
C MET D 40 39.12 31.19 -4.95
N TYR D 41 38.88 32.49 -5.10
CA TYR D 41 38.28 32.99 -6.32
C TYR D 41 39.14 34.16 -6.82
N ILE D 42 39.53 34.09 -8.10
CA ILE D 42 40.35 35.13 -8.70
C ILE D 42 39.47 36.07 -9.51
N VAL D 43 39.63 37.37 -9.27
CA VAL D 43 38.93 38.41 -10.02
C VAL D 43 39.95 39.35 -10.65
N GLU D 44 39.85 39.53 -11.97
CA GLU D 44 40.77 40.37 -12.71
C GLU D 44 39.98 41.45 -13.44
N VAL D 45 40.37 42.71 -13.23
CA VAL D 45 39.81 43.82 -13.96
C VAL D 45 40.96 44.48 -14.72
N ASP D 46 40.93 44.30 -16.05
CA ASP D 46 42.01 44.74 -16.91
C ASP D 46 43.30 44.07 -16.41
N ASP D 47 44.31 44.89 -16.10
CA ASP D 47 45.65 44.40 -15.86
C ASP D 47 45.89 44.22 -14.36
N GLU D 48 44.82 44.22 -13.56
CA GLU D 48 44.94 43.97 -12.12
C GLU D 48 44.24 42.68 -11.70
N MET D 49 44.84 42.00 -10.73
CA MET D 49 44.33 40.72 -10.27
C MET D 49 44.10 40.76 -8.76
N PHE D 50 43.00 40.14 -8.31
CA PHE D 50 42.64 40.10 -6.89
C PHE D 50 42.25 38.68 -6.49
N MET D 51 42.73 38.23 -5.34
CA MET D 51 42.44 36.89 -4.86
C MET D 51 41.47 36.97 -3.69
N LEU D 52 40.30 36.32 -3.82
CA LEU D 52 39.27 36.41 -2.81
C LEU D 52 39.28 35.12 -2.00
N ASP D 53 39.91 35.17 -0.82
CA ASP D 53 39.96 34.04 0.09
C ASP D 53 41.01 33.05 -0.36
N ALA D 54 41.41 32.19 0.58
CA ALA D 54 42.51 31.27 0.36
C ALA D 54 42.36 30.10 1.33
N GLY D 55 41.28 29.33 1.15
CA GLY D 55 40.88 28.30 2.10
C GLY D 55 41.60 26.99 1.85
N LEU D 56 41.65 26.17 2.90
CA LEU D 56 42.11 24.80 2.76
C LEU D 56 40.90 23.87 2.84
N MET D 57 41.14 22.59 2.51
CA MET D 57 40.15 21.55 2.68
C MET D 57 40.77 20.42 3.48
N PHE D 58 40.01 19.92 4.44
CA PHE D 58 40.40 18.72 5.17
C PHE D 58 39.96 17.52 4.35
N PRO D 59 40.83 16.51 4.13
CA PRO D 59 40.52 15.40 3.24
C PRO D 59 39.63 14.35 3.93
N GLU D 60 38.94 13.55 3.11
CA GLU D 60 38.11 12.46 3.61
C GLU D 60 38.34 11.21 2.77
N GLY D 65 48.71 9.40 4.77
CA GLY D 65 49.60 10.57 4.52
C GLY D 65 48.84 11.72 3.86
N VAL D 66 48.15 12.52 4.67
CA VAL D 66 47.61 13.80 4.28
C VAL D 66 47.24 14.53 5.57
N ASP D 67 47.49 15.84 5.61
CA ASP D 67 47.04 16.68 6.71
C ASP D 67 46.01 17.66 6.15
N ILE D 68 46.38 18.42 5.12
CA ILE D 68 45.46 19.36 4.50
C ILE D 68 45.66 19.37 2.99
N VAL D 69 44.66 19.96 2.29
CA VAL D 69 44.66 20.14 0.85
C VAL D 69 44.48 21.62 0.55
N ILE D 70 45.32 22.16 -0.33
CA ILE D 70 45.25 23.57 -0.69
C ILE D 70 45.10 23.69 -2.21
N PRO D 71 44.61 24.84 -2.74
CA PRO D 71 44.47 24.99 -4.19
C PRO D 71 45.79 25.14 -4.94
N ASP D 72 45.73 24.88 -6.25
CA ASP D 72 46.87 25.04 -7.15
C ASP D 72 46.88 26.48 -7.66
N ILE D 73 47.96 27.21 -7.34
CA ILE D 73 48.04 28.62 -7.67
C ILE D 73 49.05 28.87 -8.80
N GLN D 74 49.23 27.86 -9.65
CA GLN D 74 50.21 27.96 -10.74
C GLN D 74 49.81 29.11 -11.66
N TYR D 75 48.51 29.25 -11.91
CA TYR D 75 48.00 30.32 -12.74
C TYR D 75 48.41 31.68 -12.16
N VAL D 76 48.37 31.77 -10.83
CA VAL D 76 48.59 33.02 -10.13
C VAL D 76 50.07 33.38 -10.19
N ILE D 77 50.94 32.37 -10.06
CA ILE D 77 52.39 32.59 -10.02
C ILE D 77 52.88 33.12 -11.35
N GLU D 78 52.38 32.55 -12.45
CA GLU D 78 52.70 33.01 -13.80
C GLU D 78 52.21 34.45 -14.03
N ASN D 79 51.27 34.94 -13.20
CA ASN D 79 50.74 36.28 -13.34
C ASN D 79 50.93 37.08 -12.04
N LYS D 80 51.97 36.74 -11.28
CA LYS D 80 52.24 37.28 -9.96
C LYS D 80 52.48 38.79 -10.00
N GLU D 81 52.95 39.29 -11.14
CA GLU D 81 53.30 40.69 -11.30
C GLU D 81 52.05 41.56 -11.16
N ARG D 82 50.86 40.97 -11.36
CA ARG D 82 49.64 41.76 -11.48
C ARG D 82 48.69 41.55 -10.31
N LEU D 83 49.12 40.76 -9.32
CA LEU D 83 48.32 40.49 -8.14
C LEU D 83 48.46 41.63 -7.14
N LYS D 84 47.38 42.42 -7.01
CA LYS D 84 47.40 43.64 -6.21
C LYS D 84 47.07 43.36 -4.74
N GLY D 85 46.40 42.23 -4.45
CA GLY D 85 46.02 41.93 -3.08
C GLY D 85 45.30 40.60 -2.86
N ILE D 86 45.24 40.20 -1.60
CA ILE D 86 44.51 39.02 -1.14
C ILE D 86 43.47 39.51 -0.13
N PHE D 87 42.21 39.18 -0.40
CA PHE D 87 41.09 39.65 0.42
C PHE D 87 40.49 38.48 1.20
N LEU D 88 40.46 38.59 2.54
CA LEU D 88 40.03 37.49 3.39
C LEU D 88 38.76 37.88 4.14
N THR D 89 37.71 37.06 3.95
CA THR D 89 36.37 37.39 4.41
C THR D 89 36.24 37.16 5.92
N HIS D 90 36.78 36.03 6.43
CA HIS D 90 36.67 35.70 7.84
C HIS D 90 37.79 34.74 8.24
N GLY D 91 37.86 34.45 9.54
CA GLY D 91 39.00 33.74 10.10
C GLY D 91 38.95 32.21 10.00
N HIS D 92 37.94 31.62 9.35
CA HIS D 92 37.83 30.16 9.29
C HIS D 92 38.94 29.59 8.41
N GLU D 93 39.20 28.29 8.57
CA GLU D 93 40.21 27.57 7.79
C GLU D 93 39.78 27.35 6.33
N HIS D 94 38.48 27.44 6.06
CA HIS D 94 37.98 27.35 4.70
C HIS D 94 38.10 28.70 4.00
N ALA D 95 38.51 29.75 4.72
CA ALA D 95 38.75 31.07 4.13
C ALA D 95 40.23 31.45 4.11
N ILE D 96 40.99 31.19 5.17
CA ILE D 96 42.34 31.72 5.31
C ILE D 96 43.37 30.60 5.50
N GLY D 97 42.97 29.35 5.28
CA GLY D 97 43.79 28.20 5.63
C GLY D 97 45.06 28.08 4.79
N ALA D 98 45.01 28.53 3.53
CA ALA D 98 46.10 28.32 2.59
C ALA D 98 46.91 29.59 2.37
N VAL D 99 46.70 30.60 3.22
CA VAL D 99 47.33 31.90 3.08
C VAL D 99 48.85 31.77 3.23
N SER D 100 49.30 31.05 4.26
CA SER D 100 50.72 30.92 4.52
C SER D 100 51.44 30.31 3.32
N TYR D 101 50.79 29.31 2.69
CA TYR D 101 51.35 28.58 1.57
C TYR D 101 51.43 29.48 0.34
N VAL D 102 50.44 30.37 0.18
CA VAL D 102 50.44 31.33 -0.91
C VAL D 102 51.54 32.36 -0.70
N LEU D 103 51.73 32.81 0.55
CA LEU D 103 52.68 33.86 0.85
C LEU D 103 54.13 33.39 0.74
N GLU D 104 54.37 32.08 0.78
CA GLU D 104 55.71 31.54 0.52
C GLU D 104 56.09 31.81 -0.94
N GLN D 105 55.13 31.58 -1.84
CA GLN D 105 55.40 31.57 -3.27
C GLN D 105 55.20 32.94 -3.89
N ILE D 106 54.36 33.80 -3.29
CA ILE D 106 54.17 35.17 -3.77
C ILE D 106 54.12 36.13 -2.59
N ASP D 107 54.66 37.35 -2.78
CA ASP D 107 54.55 38.40 -1.77
C ASP D 107 53.54 39.44 -2.27
N ALA D 108 52.34 39.46 -1.67
CA ALA D 108 51.30 40.43 -1.98
C ALA D 108 50.53 40.83 -0.71
N PRO D 109 49.96 42.05 -0.64
CA PRO D 109 49.32 42.54 0.59
C PRO D 109 48.05 41.77 0.96
N VAL D 110 47.83 41.63 2.28
CA VAL D 110 46.72 40.88 2.83
C VAL D 110 45.70 41.85 3.43
N TYR D 111 44.45 41.76 2.95
CA TYR D 111 43.37 42.61 3.44
C TYR D 111 42.43 41.76 4.27
N GLY D 112 42.04 42.26 5.46
CA GLY D 112 41.11 41.54 6.31
C GLY D 112 40.60 42.37 7.49
N SER D 113 39.63 41.79 8.20
CA SER D 113 39.06 42.41 9.39
C SER D 113 40.07 42.31 10.53
N LYS D 114 39.76 42.98 11.63
CA LYS D 114 40.62 43.05 12.81
C LYS D 114 40.93 41.63 13.31
N LEU D 115 39.91 40.76 13.31
CA LEU D 115 40.10 39.42 13.83
C LEU D 115 40.83 38.55 12.81
N THR D 116 40.52 38.72 11.52
CA THR D 116 41.08 37.88 10.47
C THR D 116 42.60 38.04 10.44
N ILE D 117 43.07 39.30 10.48
CA ILE D 117 44.49 39.62 10.45
C ILE D 117 45.19 38.97 11.65
N ALA D 118 44.56 39.04 12.83
CA ALA D 118 45.11 38.47 14.05
C ALA D 118 45.36 36.97 13.86
N LEU D 119 44.38 36.28 13.27
CA LEU D 119 44.41 34.84 13.12
C LEU D 119 45.40 34.44 12.04
N VAL D 120 45.56 35.28 11.01
CA VAL D 120 46.52 35.00 9.95
C VAL D 120 47.93 35.17 10.49
N LYS D 121 48.15 36.24 11.27
CA LYS D 121 49.45 36.47 11.88
C LYS D 121 49.85 35.28 12.77
N GLU D 122 48.89 34.76 13.53
CA GLU D 122 49.10 33.60 14.38
C GLU D 122 49.51 32.39 13.54
N ALA D 123 48.85 32.22 12.38
CA ALA D 123 49.12 31.10 11.47
C ALA D 123 50.54 31.19 10.91
N MET D 124 51.01 32.41 10.64
CA MET D 124 52.34 32.60 10.08
C MET D 124 53.41 32.36 11.15
N LYS D 125 53.13 32.83 12.37
CA LYS D 125 53.97 32.59 13.53
C LYS D 125 54.10 31.08 13.77
N ALA D 126 52.97 30.35 13.68
CA ALA D 126 52.93 28.92 13.97
C ALA D 126 53.69 28.08 12.94
N ARG D 127 53.82 28.58 11.69
CA ARG D 127 54.56 27.87 10.66
C ARG D 127 56.01 28.36 10.61
N ASN D 128 56.41 29.18 11.59
CA ASN D 128 57.76 29.71 11.73
C ASN D 128 58.17 30.45 10.45
N ILE D 129 57.23 31.16 9.81
CA ILE D 129 57.51 31.93 8.60
C ILE D 129 57.80 33.38 8.99
N LYS D 130 59.08 33.77 8.88
CA LYS D 130 59.53 35.09 9.31
C LYS D 130 59.41 36.11 8.18
N LYS D 131 58.97 35.71 6.98
CA LYS D 131 58.90 36.60 5.82
C LYS D 131 58.05 37.84 6.13
N LYS D 132 58.43 38.99 5.56
CA LYS D 132 57.72 40.24 5.81
C LYS D 132 56.43 40.23 5.01
N VAL D 133 55.30 40.50 5.68
CA VAL D 133 53.99 40.50 5.05
C VAL D 133 53.30 41.84 5.30
N ARG D 134 52.73 42.46 4.25
CA ARG D 134 52.05 43.72 4.44
C ARG D 134 50.58 43.41 4.76
N TYR D 135 50.17 43.65 6.02
CA TYR D 135 48.81 43.36 6.47
C TYR D 135 47.99 44.64 6.56
N TYR D 136 46.79 44.69 5.94
CA TYR D 136 45.94 45.87 6.01
C TYR D 136 44.61 45.53 6.69
N THR D 137 44.41 46.07 7.90
CA THR D 137 43.17 45.91 8.65
C THR D 137 42.11 46.81 8.04
N VAL D 138 41.00 46.21 7.61
CA VAL D 138 39.90 46.95 7.01
C VAL D 138 38.66 46.84 7.91
N ASN D 139 37.68 47.72 7.62
CA ASN D 139 36.34 47.66 8.16
C ASN D 139 35.32 48.05 7.10
N HIS D 140 34.03 48.11 7.49
CA HIS D 140 32.96 48.45 6.57
C HIS D 140 33.05 49.90 6.10
N ASP D 141 33.90 50.72 6.75
CA ASP D 141 34.10 52.12 6.36
C ASP D 141 35.33 52.26 5.46
N SER D 142 36.14 51.21 5.33
CA SER D 142 37.37 51.25 4.56
C SER D 142 37.06 51.26 3.05
N ILE D 143 37.85 52.06 2.32
CA ILE D 143 37.86 52.02 0.87
C ILE D 143 39.29 51.88 0.38
N MET D 144 39.66 50.67 -0.05
CA MET D 144 41.00 50.43 -0.57
C MET D 144 41.03 50.79 -2.05
N ARG D 145 42.02 51.60 -2.43
CA ARG D 145 42.09 52.17 -3.79
C ARG D 145 43.24 51.52 -4.56
N PHE D 146 42.98 51.26 -5.85
CA PHE D 146 43.94 50.61 -6.74
C PHE D 146 43.94 51.32 -8.09
N LYS D 147 44.73 50.78 -9.03
CA LYS D 147 44.94 51.41 -10.31
C LYS D 147 43.63 51.44 -11.11
N ASN D 148 42.90 50.33 -11.17
CA ASN D 148 41.74 50.24 -12.05
C ASN D 148 40.42 50.36 -11.29
N VAL D 149 40.43 49.94 -10.01
CA VAL D 149 39.19 49.74 -9.27
C VAL D 149 39.36 50.14 -7.80
N ASN D 150 38.22 50.46 -7.18
CA ASN D 150 38.12 50.71 -5.75
C ASN D 150 37.39 49.55 -5.09
N VAL D 151 37.89 49.12 -3.92
CA VAL D 151 37.31 47.99 -3.21
C VAL D 151 36.74 48.48 -1.89
N SER D 152 35.45 48.17 -1.68
CA SER D 152 34.78 48.49 -0.42
C SER D 152 34.34 47.19 0.25
N PHE D 153 33.85 47.33 1.49
CA PHE D 153 33.53 46.17 2.31
C PHE D 153 32.23 46.40 3.09
N PHE D 154 31.62 45.27 3.50
CA PHE D 154 30.39 45.27 4.29
C PHE D 154 30.34 44.06 5.21
N ASN D 155 29.76 44.23 6.41
CA ASN D 155 29.74 43.18 7.42
C ASN D 155 28.65 42.15 7.06
N THR D 156 28.96 40.89 7.40
CA THR D 156 28.08 39.75 7.18
C THR D 156 27.88 38.99 8.50
N THR D 157 26.87 38.11 8.55
CA THR D 157 26.60 37.28 9.71
C THR D 157 27.12 35.86 9.48
N HIS D 158 28.03 35.36 10.35
CA HIS D 158 28.59 34.00 10.24
C HIS D 158 28.76 33.45 11.65
N SER D 159 29.38 32.26 11.79
CA SER D 159 29.62 31.63 13.09
C SER D 159 30.80 32.29 13.81
N ILE D 160 31.50 33.15 13.07
CA ILE D 160 32.70 33.83 13.52
C ILE D 160 32.50 35.33 13.29
N PRO D 161 32.85 36.17 14.29
CA PRO D 161 32.67 37.61 14.17
C PRO D 161 33.64 38.30 13.19
N ASP D 162 33.29 39.55 12.82
CA ASP D 162 34.02 40.35 11.85
C ASP D 162 34.30 39.57 10.57
N SER D 163 33.23 39.01 9.98
CA SER D 163 33.24 38.51 8.62
C SER D 163 32.83 39.66 7.69
N LEU D 164 33.53 39.78 6.55
CA LEU D 164 33.32 40.88 5.62
C LEU D 164 32.97 40.33 4.23
N GLY D 165 32.14 41.09 3.53
CA GLY D 165 31.90 40.92 2.11
C GLY D 165 32.79 41.88 1.34
N VAL D 166 33.08 41.52 0.10
CA VAL D 166 33.98 42.31 -0.72
C VAL D 166 33.18 42.88 -1.89
N CYS D 167 33.36 44.18 -2.14
CA CYS D 167 32.73 44.81 -3.29
C CYS D 167 33.80 45.48 -4.15
N ILE D 168 34.00 44.94 -5.35
CA ILE D 168 34.92 45.53 -6.31
C ILE D 168 34.13 46.43 -7.26
N HIS D 169 34.45 47.72 -7.25
CA HIS D 169 33.73 48.71 -8.04
C HIS D 169 34.35 48.87 -9.42
N THR D 170 33.61 48.48 -10.46
CA THR D 170 34.04 48.63 -11.84
C THR D 170 33.07 49.56 -12.56
N SER D 171 33.44 50.00 -13.77
CA SER D 171 32.58 50.84 -14.59
C SER D 171 31.32 50.09 -15.01
N TYR D 172 31.41 48.75 -15.08
CA TYR D 172 30.29 47.92 -15.50
C TYR D 172 29.30 47.67 -14.36
N GLY D 173 29.68 48.02 -13.12
CA GLY D 173 28.92 47.69 -11.93
C GLY D 173 29.78 46.91 -10.93
N SER D 174 29.19 46.55 -9.78
CA SER D 174 29.95 45.96 -8.69
C SER D 174 30.10 44.46 -8.89
N ILE D 175 31.29 43.94 -8.56
CA ILE D 175 31.48 42.50 -8.39
C ILE D 175 31.46 42.21 -6.90
N VAL D 176 30.42 41.49 -6.43
CA VAL D 176 30.22 41.27 -5.01
C VAL D 176 30.50 39.82 -4.63
N TYR D 177 31.37 39.64 -3.64
CA TYR D 177 31.66 38.35 -3.05
C TYR D 177 31.19 38.33 -1.59
N THR D 178 30.22 37.47 -1.30
CA THR D 178 29.56 37.44 -0.02
C THR D 178 30.46 36.81 1.05
N GLY D 179 31.35 35.92 0.62
CA GLY D 179 31.91 34.94 1.53
C GLY D 179 30.79 34.09 2.12
N GLU D 180 31.05 33.48 3.28
CA GLU D 180 30.02 32.70 3.96
C GLU D 180 29.21 33.65 4.85
N PHE D 181 27.89 33.50 4.80
CA PHE D 181 26.99 34.42 5.47
C PHE D 181 25.66 33.74 5.77
N LYS D 182 24.90 34.43 6.61
CA LYS D 182 23.61 33.95 7.09
C LYS D 182 22.80 35.19 7.43
N PHE D 183 21.52 34.98 7.75
CA PHE D 183 20.68 36.07 8.24
C PHE D 183 19.95 35.60 9.50
N ASP D 184 20.54 35.94 10.65
CA ASP D 184 19.99 35.57 11.93
C ASP D 184 19.65 36.85 12.68
N GLN D 185 18.40 36.92 13.15
CA GLN D 185 17.86 38.14 13.73
C GLN D 185 18.17 38.19 15.23
N SER D 186 18.91 37.18 15.71
CA SER D 186 19.28 37.12 17.12
C SER D 186 20.76 37.45 17.32
N LEU D 187 21.57 37.36 16.26
CA LEU D 187 22.96 37.76 16.33
C LEU D 187 23.05 39.26 16.06
N HIS D 188 23.57 40.02 17.04
CA HIS D 188 23.35 41.46 17.06
C HIS D 188 24.62 42.23 17.45
N GLY D 189 25.82 41.64 17.31
CA GLY D 189 27.03 42.30 17.77
C GLY D 189 27.99 42.59 16.61
N HIS D 190 29.22 42.06 16.72
CA HIS D 190 30.16 41.96 15.60
C HIS D 190 29.71 40.88 14.63
N TYR D 191 28.52 40.34 14.88
CA TYR D 191 27.89 39.35 14.02
C TYR D 191 26.81 40.01 13.16
N ALA D 192 26.51 41.29 13.45
CA ALA D 192 25.40 41.98 12.82
C ALA D 192 25.73 42.34 11.37
N PRO D 193 24.78 42.18 10.42
CA PRO D 193 25.02 42.50 9.02
C PRO D 193 24.75 43.98 8.72
N ASP D 194 25.32 44.48 7.62
CA ASP D 194 25.14 45.87 7.19
C ASP D 194 24.05 45.89 6.13
N LEU D 195 22.79 45.78 6.58
CA LEU D 195 21.69 45.71 5.63
C LEU D 195 21.74 46.98 4.79
N LYS D 196 22.16 48.13 5.37
CA LYS D 196 22.12 49.39 4.65
C LYS D 196 23.20 49.44 3.57
N ARG D 197 24.43 49.06 3.94
CA ARG D 197 25.53 49.08 2.98
C ARG D 197 25.23 48.09 1.86
N MET D 198 24.61 46.94 2.19
CA MET D 198 24.25 45.95 1.19
C MET D 198 23.18 46.49 0.25
N ALA D 199 22.19 47.20 0.81
CA ALA D 199 21.08 47.76 0.06
C ALA D 199 21.56 48.85 -0.89
N GLU D 200 22.57 49.62 -0.45
CA GLU D 200 23.16 50.69 -1.26
C GLU D 200 23.90 50.10 -2.45
N ILE D 201 24.69 49.05 -2.18
CA ILE D 201 25.45 48.37 -3.22
C ILE D 201 24.50 47.83 -4.28
N GLY D 202 23.34 47.32 -3.82
CA GLY D 202 22.33 46.77 -4.70
C GLY D 202 21.73 47.82 -5.63
N ASP D 203 21.40 48.99 -5.08
CA ASP D 203 20.72 50.05 -5.83
C ASP D 203 21.68 50.65 -6.84
N GLU D 204 22.94 50.82 -6.45
CA GLU D 204 23.92 51.46 -7.31
C GLU D 204 24.27 50.52 -8.46
N GLY D 205 23.99 49.22 -8.29
CA GLY D 205 24.05 48.29 -9.40
C GLY D 205 25.18 47.26 -9.25
N VAL D 206 24.77 45.99 -9.17
CA VAL D 206 25.70 44.88 -9.02
C VAL D 206 25.81 44.17 -10.36
N PHE D 207 27.01 44.20 -10.95
CA PHE D 207 27.30 43.50 -12.20
C PHE D 207 27.28 41.97 -12.01
N ALA D 208 28.07 41.48 -11.03
CA ALA D 208 28.23 40.06 -10.76
C ALA D 208 28.19 39.78 -9.26
N LEU D 209 27.41 38.77 -8.85
CA LEU D 209 27.33 38.37 -7.45
C LEU D 209 27.88 36.95 -7.33
N ILE D 210 28.78 36.76 -6.36
CA ILE D 210 29.38 35.47 -6.08
C ILE D 210 28.99 35.09 -4.65
N SER D 211 28.14 34.07 -4.49
CA SER D 211 27.46 33.83 -3.22
C SER D 211 27.59 32.38 -2.76
N ASP D 212 27.42 32.19 -1.43
CA ASP D 212 27.60 30.92 -0.75
C ASP D 212 26.40 29.98 -0.97
N SER D 213 26.69 28.75 -1.45
CA SER D 213 25.67 27.77 -1.84
C SER D 213 25.62 26.58 -0.89
N THR D 214 26.26 26.67 0.29
CA THR D 214 26.44 25.52 1.17
C THR D 214 25.10 24.87 1.56
N GLU D 215 24.08 25.68 1.89
CA GLU D 215 22.79 25.19 2.36
C GLU D 215 21.66 25.58 1.41
N ALA D 216 21.97 25.67 0.11
CA ALA D 216 21.02 26.13 -0.88
C ALA D 216 19.89 25.11 -1.07
N GLU D 217 20.13 23.86 -0.64
CA GLU D 217 19.18 22.77 -0.80
C GLU D 217 18.18 22.67 0.36
N LYS D 218 18.50 23.29 1.51
CA LYS D 218 17.63 23.25 2.68
C LYS D 218 16.58 24.38 2.57
N PRO D 219 15.29 24.03 2.46
CA PRO D 219 14.22 25.03 2.35
C PRO D 219 14.04 25.80 3.65
N GLY D 220 13.36 26.94 3.56
CA GLY D 220 13.09 27.72 4.75
C GLY D 220 14.29 28.51 5.25
N TYR D 221 14.41 28.59 6.58
CA TYR D 221 15.43 29.40 7.21
C TYR D 221 16.21 28.51 8.17
N ASN D 222 17.35 29.01 8.61
CA ASN D 222 18.08 28.43 9.72
C ASN D 222 17.26 28.59 11.00
N THR D 223 17.40 27.66 11.95
CA THR D 223 16.90 27.90 13.30
C THR D 223 17.68 29.06 13.92
N PRO D 224 17.01 30.11 14.43
CA PRO D 224 17.70 31.25 15.05
C PRO D 224 18.58 30.83 16.23
N GLU D 225 19.72 31.49 16.39
CA GLU D 225 20.70 31.06 17.38
C GLU D 225 20.14 31.13 18.79
N ASN D 226 19.25 32.08 19.07
CA ASN D 226 18.74 32.24 20.43
C ASN D 226 17.83 31.07 20.81
N ILE D 227 17.18 30.48 19.80
CA ILE D 227 16.33 29.31 20.02
C ILE D 227 17.22 28.12 20.35
N ILE D 228 18.36 28.03 19.64
CA ILE D 228 19.30 26.93 19.84
C ILE D 228 19.85 27.02 21.25
N GLU D 229 20.23 28.23 21.68
CA GLU D 229 20.80 28.44 23.01
C GLU D 229 19.76 28.06 24.06
N HIS D 230 18.50 28.41 23.81
CA HIS D 230 17.43 28.13 24.75
C HIS D 230 17.27 26.61 24.93
N HIS D 231 17.36 25.85 23.83
CA HIS D 231 17.17 24.40 23.92
C HIS D 231 18.37 23.71 24.55
N MET D 232 19.54 24.30 24.40
CA MET D 232 20.73 23.80 25.09
C MET D 232 20.59 24.05 26.59
N TYR D 233 20.11 25.25 26.94
CA TYR D 233 19.86 25.62 28.33
C TYR D 233 18.93 24.61 29.01
N ASP D 234 17.78 24.33 28.39
CA ASP D 234 16.79 23.41 28.95
C ASP D 234 17.38 22.02 29.12
N ALA D 235 18.20 21.59 28.16
CA ALA D 235 18.81 20.26 28.18
C ALA D 235 19.81 20.19 29.33
N PHE D 236 20.67 21.20 29.42
CA PHE D 236 21.75 21.23 30.39
C PHE D 236 21.20 21.35 31.81
N ALA D 237 20.06 22.01 31.97
CA ALA D 237 19.50 22.26 33.30
C ALA D 237 19.04 20.96 33.95
N LYS D 238 18.79 19.93 33.14
CA LYS D 238 18.28 18.66 33.62
C LYS D 238 19.40 17.76 34.11
N VAL D 239 20.65 18.08 33.73
CA VAL D 239 21.80 17.27 34.07
C VAL D 239 22.13 17.45 35.55
N LYS D 240 22.09 16.34 36.30
CA LYS D 240 22.40 16.38 37.72
C LYS D 240 23.86 15.95 37.94
N GLY D 241 24.51 15.42 36.89
CA GLY D 241 25.90 14.98 36.98
C GLY D 241 26.88 15.93 36.30
N ARG D 242 28.03 15.37 35.88
CA ARG D 242 29.05 16.12 35.16
C ARG D 242 28.63 16.25 33.70
N LEU D 243 28.96 17.40 33.08
CA LEU D 243 28.57 17.67 31.71
C LEU D 243 29.82 17.93 30.85
N ILE D 244 29.90 17.24 29.71
CA ILE D 244 30.95 17.49 28.75
C ILE D 244 30.32 17.89 27.42
N VAL D 245 30.74 19.03 26.89
CA VAL D 245 30.22 19.55 25.64
C VAL D 245 31.31 19.49 24.58
N SER D 246 30.99 18.89 23.42
CA SER D 246 31.92 18.84 22.31
C SER D 246 31.56 19.91 21.27
N CYS D 247 32.58 20.68 20.84
CA CYS D 247 32.38 21.82 19.96
C CYS D 247 33.47 21.88 18.89
N TYR D 248 33.16 22.53 17.76
CA TYR D 248 34.20 22.99 16.85
C TYR D 248 34.72 24.34 17.32
N ALA D 249 36.04 24.52 17.25
CA ALA D 249 36.67 25.77 17.66
C ALA D 249 36.22 26.93 16.78
N SER D 250 35.77 26.61 15.55
CA SER D 250 35.40 27.57 14.53
C SER D 250 34.08 28.28 14.84
N ASN D 251 33.25 27.67 15.71
CA ASN D 251 31.93 28.18 16.00
C ASN D 251 31.97 28.97 17.30
N PHE D 252 32.30 30.26 17.15
CA PHE D 252 32.47 31.14 18.30
C PHE D 252 31.12 31.37 18.98
N VAL D 253 30.02 31.28 18.21
CA VAL D 253 28.67 31.52 18.71
C VAL D 253 28.29 30.41 19.69
N ARG D 254 28.53 29.17 19.27
CA ARG D 254 28.19 28.01 20.09
C ARG D 254 29.02 28.02 21.38
N ILE D 255 30.29 28.44 21.26
CA ILE D 255 31.18 28.55 22.41
C ILE D 255 30.64 29.62 23.36
N GLN D 256 30.25 30.76 22.79
CA GLN D 256 29.69 31.85 23.58
C GLN D 256 28.39 31.36 24.24
N GLN D 257 27.68 30.43 23.60
CA GLN D 257 26.39 29.96 24.10
C GLN D 257 26.57 29.09 25.34
N VAL D 258 27.54 28.16 25.34
CA VAL D 258 27.73 27.31 26.51
C VAL D 258 28.25 28.15 27.68
N LEU D 259 29.01 29.21 27.39
CA LEU D 259 29.49 30.10 28.43
C LEU D 259 28.33 30.83 29.09
N ASN D 260 27.37 31.30 28.29
CA ASN D 260 26.21 31.99 28.82
C ASN D 260 25.39 31.04 29.70
N ILE D 261 25.23 29.81 29.24
CA ILE D 261 24.38 28.83 29.88
C ILE D 261 25.01 28.45 31.23
N ALA D 262 26.33 28.20 31.22
CA ALA D 262 27.05 27.77 32.41
C ALA D 262 26.95 28.83 33.51
N SER D 263 26.94 30.10 33.07
CA SER D 263 26.82 31.24 33.95
C SER D 263 25.46 31.24 34.64
N GLN D 264 24.41 30.95 33.86
CA GLN D 264 23.05 31.02 34.37
C GLN D 264 22.73 29.79 35.22
N LEU D 265 23.48 28.69 35.03
CA LEU D 265 23.26 27.46 35.79
C LEU D 265 24.23 27.37 36.97
N ASN D 266 24.99 28.43 37.22
CA ASN D 266 25.99 28.44 38.28
C ASN D 266 26.93 27.23 38.16
N ARG D 267 27.30 26.92 36.92
CA ARG D 267 28.37 25.99 36.64
C ARG D 267 29.60 26.80 36.24
N LYS D 268 30.77 26.16 36.32
CA LYS D 268 32.00 26.77 35.88
C LYS D 268 32.52 25.98 34.69
N VAL D 269 33.29 26.66 33.83
CA VAL D 269 33.65 26.12 32.53
C VAL D 269 35.14 25.82 32.48
N SER D 270 35.48 24.65 31.92
CA SER D 270 36.87 24.28 31.72
C SER D 270 37.06 23.67 30.33
N PHE D 271 37.98 24.26 29.56
CA PHE D 271 38.44 23.71 28.30
C PHE D 271 39.50 22.64 28.56
N LEU D 272 39.66 21.68 27.62
CA LEU D 272 40.68 20.66 27.77
C LEU D 272 42.06 21.29 27.81
N GLY D 273 42.97 20.63 28.55
CA GLY D 273 44.33 21.12 28.77
C GLY D 273 45.24 20.84 27.58
N ARG D 274 46.51 21.30 27.66
CA ARG D 274 47.01 22.14 28.73
C ARG D 274 47.25 23.56 28.22
N SER D 275 46.81 23.85 27.00
CA SER D 275 46.70 25.23 26.52
C SER D 275 45.26 25.48 26.09
N LEU D 276 44.90 26.76 25.96
CA LEU D 276 43.62 27.15 25.39
C LEU D 276 43.86 27.40 23.89
N GLU D 277 42.86 27.04 23.07
CA GLU D 277 43.03 27.02 21.62
C GLU D 277 43.36 28.43 21.13
N SER D 278 44.35 28.51 20.22
CA SER D 278 44.91 29.77 19.73
C SER D 278 43.84 30.78 19.29
N SER D 279 42.98 30.37 18.34
CA SER D 279 41.94 31.21 17.76
C SER D 279 40.98 31.74 18.83
N PHE D 280 40.61 30.87 19.79
CA PHE D 280 39.72 31.27 20.88
C PHE D 280 40.41 32.28 21.78
N ASN D 281 41.70 32.06 22.04
CA ASN D 281 42.41 32.84 23.04
C ASN D 281 42.81 34.21 22.49
N ILE D 282 43.03 34.30 21.17
CA ILE D 282 43.24 35.56 20.47
C ILE D 282 41.97 36.42 20.54
N ALA D 283 40.84 35.82 20.16
CA ALA D 283 39.58 36.53 20.08
C ALA D 283 39.15 36.98 21.48
N ARG D 284 39.50 36.16 22.48
CA ARG D 284 39.16 36.45 23.87
C ARG D 284 39.93 37.68 24.34
N LYS D 285 41.22 37.75 23.98
CA LYS D 285 42.11 38.83 24.41
C LYS D 285 41.77 40.13 23.68
N MET D 286 41.03 40.02 22.56
CA MET D 286 40.62 41.20 21.80
C MET D 286 39.19 41.60 22.15
N GLY D 287 38.57 40.87 23.08
CA GLY D 287 37.30 41.25 23.68
C GLY D 287 36.08 40.86 22.84
N TYR D 288 36.19 39.79 22.06
CA TYR D 288 35.09 39.33 21.23
C TYR D 288 34.08 38.54 22.08
N PHE D 289 34.57 37.94 23.17
CA PHE D 289 33.74 37.11 24.02
C PHE D 289 33.26 37.89 25.23
N ASP D 290 32.08 37.51 25.71
CA ASP D 290 31.47 38.12 26.88
C ASP D 290 31.59 37.13 28.04
N ILE D 291 32.62 37.30 28.88
CA ILE D 291 32.94 36.28 29.89
C ILE D 291 32.97 36.91 31.29
N PRO D 292 32.07 36.48 32.20
CA PRO D 292 32.13 36.90 33.60
C PRO D 292 33.42 36.46 34.28
N LYS D 293 33.69 37.05 35.45
CA LYS D 293 34.91 36.83 36.21
C LYS D 293 34.79 35.56 37.06
N ASP D 294 35.85 34.75 37.02
CA ASP D 294 35.92 33.49 37.76
C ASP D 294 34.80 32.56 37.26
N LEU D 295 34.63 32.48 35.93
CA LEU D 295 33.77 31.49 35.31
C LEU D 295 34.61 30.32 34.80
N LEU D 296 35.78 30.65 34.23
CA LEU D 296 36.69 29.66 33.68
C LEU D 296 37.56 29.12 34.80
N ILE D 297 37.59 27.79 34.92
CA ILE D 297 38.51 27.10 35.81
C ILE D 297 39.55 26.39 34.93
N PRO D 298 40.86 26.49 35.21
CA PRO D 298 41.85 25.66 34.54
C PRO D 298 41.52 24.19 34.80
N ILE D 299 41.94 23.29 33.89
CA ILE D 299 41.53 21.90 34.00
C ILE D 299 42.09 21.29 35.28
N ASN D 300 43.20 21.87 35.76
CA ASN D 300 43.88 21.51 37.01
C ASN D 300 43.00 21.76 38.24
N GLU D 301 42.10 22.77 38.18
CA GLU D 301 41.30 23.17 39.32
C GLU D 301 39.91 22.51 39.30
N VAL D 302 39.68 21.49 38.46
CA VAL D 302 38.33 20.95 38.29
C VAL D 302 37.94 20.05 39.47
N GLU D 303 38.93 19.34 40.05
CA GLU D 303 38.71 18.34 41.10
C GLU D 303 38.10 19.01 42.34
N ASN D 304 38.33 20.32 42.49
CA ASN D 304 37.87 21.09 43.63
C ASN D 304 36.33 21.16 43.69
N TYR D 305 35.66 21.08 42.52
CA TYR D 305 34.23 21.33 42.45
C TYR D 305 33.45 20.02 42.35
N PRO D 306 32.20 20.00 42.85
CA PRO D 306 31.29 18.88 42.65
C PRO D 306 30.94 18.67 41.18
N LYS D 307 30.52 17.44 40.86
CA LYS D 307 30.29 16.98 39.50
C LYS D 307 29.32 17.90 38.75
N ASN D 308 28.29 18.36 39.47
CA ASN D 308 27.18 19.09 38.87
C ASN D 308 27.49 20.59 38.73
N GLU D 309 28.71 21.04 39.06
CA GLU D 309 29.06 22.44 38.94
C GLU D 309 30.15 22.66 37.90
N VAL D 310 30.33 21.71 36.97
CA VAL D 310 31.36 21.85 35.96
C VAL D 310 30.79 21.51 34.60
N ILE D 311 31.18 22.32 33.63
CA ILE D 311 31.06 21.97 32.22
C ILE D 311 32.46 21.87 31.65
N ILE D 312 32.78 20.71 31.08
CA ILE D 312 34.03 20.55 30.37
C ILE D 312 33.75 20.69 28.88
N ILE D 313 34.54 21.51 28.19
CA ILE D 313 34.35 21.68 26.75
C ILE D 313 35.47 20.95 26.00
N ALA D 314 35.09 20.03 25.12
CA ALA D 314 36.02 19.36 24.23
C ALA D 314 35.96 19.99 22.83
N THR D 315 37.07 20.65 22.44
CA THR D 315 37.13 21.31 21.14
C THR D 315 38.13 20.63 20.22
N GLY D 316 38.03 20.98 18.92
CA GLY D 316 38.93 20.55 17.86
C GLY D 316 38.54 21.23 16.55
N MET D 317 39.02 20.68 15.43
CA MET D 317 38.90 21.34 14.13
C MET D 317 38.39 20.38 13.06
N GLN D 318 39.13 19.28 12.78
CA GLN D 318 38.67 18.31 11.79
C GLN D 318 37.40 17.60 12.26
N GLY D 319 37.39 17.21 13.53
CA GLY D 319 36.59 16.09 14.01
C GLY D 319 37.24 15.36 15.20
N GLU D 320 38.33 15.92 15.73
CA GLU D 320 38.90 15.52 17.02
C GLU D 320 37.86 15.61 18.14
N PRO D 321 36.99 16.66 18.18
CA PRO D 321 35.98 16.78 19.23
C PRO D 321 35.35 15.43 19.56
N VAL D 322 35.08 14.62 18.52
CA VAL D 322 34.56 13.27 18.67
C VAL D 322 35.67 12.35 19.14
N GLU D 323 36.88 12.49 18.58
CA GLU D 323 38.03 11.65 18.91
C GLU D 323 38.37 11.75 20.40
N ALA D 324 38.26 12.97 20.96
CA ALA D 324 38.61 13.22 22.35
C ALA D 324 37.69 12.44 23.28
N LEU D 325 36.40 12.36 22.93
CA LEU D 325 35.41 11.64 23.72
C LEU D 325 35.61 10.13 23.57
N SER D 326 36.13 9.67 22.42
CA SER D 326 36.46 8.26 22.23
C SER D 326 37.57 7.86 23.20
N GLN D 327 38.50 8.79 23.42
CA GLN D 327 39.66 8.55 24.25
C GLN D 327 39.34 8.61 25.74
N MET D 328 38.34 9.38 26.19
CA MET D 328 38.04 9.47 27.63
C MET D 328 37.44 8.17 28.13
N ALA D 329 36.40 7.68 27.44
CA ALA D 329 35.77 6.43 27.78
C ALA D 329 36.86 5.39 27.98
N ARG D 330 37.61 5.10 26.91
CA ARG D 330 38.90 4.45 27.10
C ARG D 330 39.53 5.24 28.24
N LYS D 331 39.95 4.58 29.32
CA LYS D 331 40.48 5.31 30.46
C LYS D 331 41.96 5.59 30.20
N LYS D 332 42.20 6.38 29.13
CA LYS D 332 43.50 6.51 28.46
C LYS D 332 43.85 7.98 28.25
N HIS D 333 42.86 8.87 28.19
CA HIS D 333 43.13 10.29 28.03
C HIS D 333 44.10 10.74 29.13
N LYS D 334 45.04 11.61 28.75
CA LYS D 334 46.16 12.02 29.58
C LYS D 334 45.80 13.20 30.51
N ILE D 335 44.50 13.56 30.59
CA ILE D 335 44.03 14.62 31.46
C ILE D 335 42.70 14.20 32.10
N MET D 336 41.76 13.67 31.31
CA MET D 336 40.38 13.55 31.76
C MET D 336 39.72 12.30 31.17
N ASN D 337 39.06 11.50 32.01
CA ASN D 337 38.44 10.26 31.57
C ASN D 337 37.01 10.21 32.11
N ILE D 338 36.07 9.74 31.29
CA ILE D 338 34.67 9.75 31.69
C ILE D 338 34.45 8.82 32.88
N GLU D 339 33.63 9.27 33.82
CA GLU D 339 33.17 8.47 34.95
C GLU D 339 31.68 8.20 34.81
N GLU D 340 31.19 7.17 35.50
CA GLU D 340 29.81 6.75 35.39
C GLU D 340 28.89 7.85 35.88
N GLY D 341 27.79 8.07 35.13
CA GLY D 341 26.82 9.13 35.41
C GLY D 341 27.14 10.47 34.72
N ASP D 342 28.15 10.49 33.82
CA ASP D 342 28.51 11.71 33.12
C ASP D 342 27.52 11.95 31.98
N SER D 343 27.28 13.22 31.62
CA SER D 343 26.43 13.58 30.49
C SER D 343 27.27 14.11 29.33
N ILE D 344 26.91 13.72 28.10
CA ILE D 344 27.59 14.17 26.89
C ILE D 344 26.62 14.93 25.98
N PHE D 345 27.06 16.08 25.44
CA PHE D 345 26.31 16.79 24.41
C PHE D 345 27.22 17.15 23.24
N LEU D 346 26.73 16.86 22.03
CA LEU D 346 27.44 17.12 20.79
C LEU D 346 26.91 18.41 20.18
N ALA D 347 27.60 19.51 20.46
CA ALA D 347 27.25 20.83 19.94
C ALA D 347 27.96 21.04 18.60
N ILE D 348 27.78 20.08 17.68
CA ILE D 348 28.39 20.16 16.36
C ILE D 348 27.34 19.93 15.28
N THR D 349 27.75 20.15 14.01
CA THR D 349 26.93 19.81 12.85
C THR D 349 27.72 18.77 12.05
N ALA D 350 27.19 17.54 12.05
CA ALA D 350 27.95 16.35 11.70
C ALA D 350 27.83 16.07 10.21
N SER D 351 28.98 15.95 9.54
CA SER D 351 29.05 15.59 8.14
C SER D 351 28.78 14.09 7.97
N ALA D 352 28.15 13.73 6.85
CA ALA D 352 27.91 12.34 6.48
C ALA D 352 29.22 11.53 6.52
N ASN D 353 30.36 12.22 6.32
CA ASN D 353 31.69 11.61 6.40
C ASN D 353 32.02 11.17 7.82
N MET D 354 31.32 11.70 8.83
CA MET D 354 31.69 11.51 10.21
C MET D 354 30.62 10.72 10.97
N GLU D 355 29.64 10.16 10.23
CA GLU D 355 28.57 9.36 10.82
C GLU D 355 29.11 8.13 11.55
N VAL D 356 30.23 7.56 11.05
CA VAL D 356 30.77 6.28 11.52
C VAL D 356 31.41 6.43 12.90
N ILE D 357 32.34 7.40 13.04
CA ILE D 357 33.14 7.51 14.25
C ILE D 357 32.29 8.03 15.40
N ILE D 358 31.19 8.73 15.08
CA ILE D 358 30.25 9.19 16.10
C ILE D 358 29.53 7.98 16.69
N ALA D 359 29.08 7.05 15.83
CA ALA D 359 28.33 5.87 16.25
C ALA D 359 29.20 4.95 17.13
N ASP D 360 30.49 4.80 16.78
CA ASP D 360 31.43 4.03 17.57
C ASP D 360 31.66 4.67 18.93
N THR D 361 31.91 5.98 18.93
CA THR D 361 32.19 6.75 20.14
C THR D 361 31.02 6.69 21.11
N LEU D 362 29.80 6.85 20.59
CA LEU D 362 28.60 6.83 21.41
C LEU D 362 28.49 5.47 22.13
N ASN D 363 28.78 4.37 21.42
CA ASN D 363 28.77 3.03 21.98
C ASN D 363 29.71 2.98 23.19
N GLU D 364 30.95 3.44 22.98
CA GLU D 364 31.98 3.42 24.00
C GLU D 364 31.55 4.31 25.18
N LEU D 365 30.88 5.43 24.85
CA LEU D 365 30.37 6.34 25.87
C LEU D 365 29.36 5.64 26.76
N VAL D 366 28.47 4.85 26.13
CA VAL D 366 27.41 4.17 26.86
C VAL D 366 27.99 3.01 27.67
N ARG D 367 29.04 2.34 27.16
CA ARG D 367 29.73 1.29 27.89
C ARG D 367 30.43 1.83 29.15
N ALA D 368 31.01 3.03 29.05
CA ALA D 368 31.62 3.70 30.19
C ALA D 368 30.52 4.17 31.14
N GLY D 369 29.28 4.15 30.66
CA GLY D 369 28.10 4.48 31.45
C GLY D 369 27.90 5.99 31.53
N ALA D 370 27.76 6.64 30.37
CA ALA D 370 27.51 8.07 30.27
C ALA D 370 26.15 8.33 29.65
N HIS D 371 25.48 9.41 30.09
CA HIS D 371 24.20 9.83 29.52
C HIS D 371 24.42 10.66 28.27
N ILE D 372 23.78 10.28 27.16
CA ILE D 372 23.87 11.07 25.94
C ILE D 372 22.67 12.01 25.85
N ILE D 373 22.94 13.32 25.87
CA ILE D 373 21.89 14.30 25.65
C ILE D 373 21.53 14.29 24.17
N PRO D 374 20.25 14.00 23.82
CA PRO D 374 19.83 13.85 22.42
C PRO D 374 19.79 15.16 21.62
N ASN D 375 20.15 15.11 20.33
CA ASN D 375 20.08 16.29 19.48
C ASN D 375 18.64 16.52 19.02
N ASN D 376 18.17 17.78 19.16
CA ASN D 376 16.80 18.14 18.82
C ASN D 376 16.60 18.08 17.31
N LYS D 377 15.65 17.24 16.91
CA LYS D 377 15.35 16.89 15.54
C LYS D 377 14.71 18.06 14.78
N LYS D 378 14.03 18.95 15.52
CA LYS D 378 13.35 20.09 14.93
C LYS D 378 14.34 21.20 14.56
N ILE D 379 15.56 21.14 15.11
CA ILE D 379 16.51 22.24 14.99
C ILE D 379 17.43 22.07 13.79
N HIS D 380 17.61 23.14 13.02
CA HIS D 380 18.58 23.18 11.93
C HIS D 380 19.67 24.22 12.23
N ALA D 381 20.88 23.73 12.58
CA ALA D 381 22.01 24.58 12.91
C ALA D 381 23.06 24.59 11.78
N SER D 382 23.24 25.79 11.19
CA SER D 382 24.24 26.04 10.16
C SER D 382 24.83 27.44 10.29
N SER D 383 26.05 27.61 9.74
CA SER D 383 26.67 28.91 9.58
C SER D 383 26.24 29.57 8.27
N HIS D 384 25.59 28.81 7.38
CA HIS D 384 25.26 29.30 6.05
C HIS D 384 23.74 29.44 5.87
N GLY D 385 23.36 30.44 5.08
CA GLY D 385 21.96 30.74 4.83
C GLY D 385 21.29 29.62 4.05
N CYS D 386 20.03 29.32 4.42
CA CYS D 386 19.15 28.40 3.72
C CYS D 386 18.46 29.15 2.59
N MET D 387 17.53 28.48 1.90
CA MET D 387 16.94 29.02 0.67
C MET D 387 16.51 30.48 0.83
N GLU D 388 15.71 30.76 1.86
CA GLU D 388 15.09 32.07 1.99
C GLU D 388 16.16 33.14 2.30
N GLU D 389 17.17 32.75 3.08
CA GLU D 389 18.26 33.63 3.43
C GLU D 389 19.10 33.96 2.21
N LEU D 390 19.26 32.98 1.31
CA LEU D 390 20.04 33.20 0.10
C LEU D 390 19.26 34.12 -0.86
N LYS D 391 17.94 33.94 -0.92
CA LYS D 391 17.07 34.78 -1.74
C LYS D 391 17.03 36.20 -1.18
N MET D 392 17.17 36.34 0.14
CA MET D 392 17.26 37.65 0.77
C MET D 392 18.45 38.43 0.18
N MET D 393 19.62 37.77 0.11
CA MET D 393 20.84 38.35 -0.44
C MET D 393 20.67 38.67 -1.93
N LEU D 394 19.97 37.80 -2.66
CA LEU D 394 19.70 38.00 -4.09
C LEU D 394 18.75 39.16 -4.35
N ASN D 395 17.71 39.29 -3.51
CA ASN D 395 16.72 40.34 -3.65
C ASN D 395 17.38 41.69 -3.36
N ILE D 396 18.34 41.71 -2.42
CA ILE D 396 18.97 42.96 -2.02
C ILE D 396 19.93 43.39 -3.13
N MET D 397 20.69 42.43 -3.66
CA MET D 397 21.80 42.75 -4.54
C MET D 397 21.31 42.98 -5.97
N LYS D 398 20.30 42.19 -6.37
CA LYS D 398 19.71 42.24 -7.70
C LYS D 398 20.83 42.20 -8.75
N PRO D 399 21.66 41.13 -8.80
CA PRO D 399 22.79 41.09 -9.73
C PRO D 399 22.33 40.83 -11.17
N GLU D 400 23.10 41.33 -12.13
CA GLU D 400 22.85 41.01 -13.52
C GLU D 400 23.29 39.56 -13.76
N TYR D 401 24.54 39.26 -13.37
CA TYR D 401 25.12 37.93 -13.52
C TYR D 401 25.32 37.30 -12.14
N PHE D 402 25.17 35.97 -12.09
CA PHE D 402 25.25 35.28 -10.83
C PHE D 402 26.20 34.10 -10.98
N VAL D 403 27.10 33.95 -10.01
CA VAL D 403 28.02 32.82 -9.96
C VAL D 403 27.90 32.16 -8.58
N PRO D 404 27.07 31.10 -8.45
CA PRO D 404 26.98 30.36 -7.19
C PRO D 404 28.27 29.57 -6.96
N VAL D 405 28.80 29.73 -5.74
CA VAL D 405 30.04 29.08 -5.32
C VAL D 405 29.82 28.42 -3.95
N GLN D 406 30.90 27.87 -3.39
CA GLN D 406 30.95 27.26 -2.06
C GLN D 406 29.93 26.13 -1.96
N GLY D 407 30.02 25.16 -2.88
CA GLY D 407 29.16 24.00 -2.83
C GLY D 407 29.44 23.05 -3.98
N GLU D 408 28.89 21.83 -3.87
CA GLU D 408 28.93 20.87 -4.96
C GLU D 408 27.93 21.29 -6.03
N PHE D 409 27.93 20.55 -7.14
CA PHE D 409 27.10 20.87 -8.28
C PHE D 409 25.64 21.00 -7.90
N LYS D 410 25.16 20.09 -7.06
CA LYS D 410 23.74 20.05 -6.74
C LYS D 410 23.35 21.28 -5.93
N MET D 411 24.30 21.77 -5.14
CA MET D 411 24.14 22.95 -4.28
C MET D 411 24.13 24.20 -5.16
N GLN D 412 25.04 24.24 -6.15
CA GLN D 412 25.15 25.33 -7.11
C GLN D 412 23.86 25.47 -7.92
N ILE D 413 23.27 24.35 -8.36
CA ILE D 413 22.01 24.36 -9.10
C ILE D 413 20.89 24.89 -8.21
N ALA D 414 20.86 24.40 -6.96
CA ALA D 414 19.84 24.84 -6.03
C ALA D 414 19.87 26.36 -5.88
N HIS D 415 21.08 26.92 -5.83
CA HIS D 415 21.29 28.35 -5.65
C HIS D 415 20.88 29.10 -6.92
N ALA D 416 21.15 28.47 -8.08
CA ALA D 416 20.77 29.03 -9.35
C ALA D 416 19.26 29.13 -9.46
N LYS D 417 18.54 28.12 -8.94
CA LYS D 417 17.10 28.09 -9.04
C LYS D 417 16.50 29.20 -8.19
N LEU D 418 17.14 29.49 -7.06
CA LEU D 418 16.74 30.59 -6.19
C LEU D 418 16.94 31.91 -6.93
N ALA D 419 18.07 32.04 -7.65
CA ALA D 419 18.40 33.26 -8.35
C ALA D 419 17.40 33.52 -9.47
N ALA D 420 17.07 32.46 -10.22
CA ALA D 420 16.10 32.58 -11.29
C ALA D 420 14.75 33.01 -10.71
N GLU D 421 14.38 32.49 -9.52
CA GLU D 421 13.13 32.85 -8.87
C GLU D 421 13.10 34.34 -8.56
N THR D 422 14.26 34.94 -8.20
CA THR D 422 14.30 36.33 -7.78
C THR D 422 14.26 37.25 -9.00
N GLY D 423 14.51 36.69 -10.18
CA GLY D 423 14.38 37.44 -11.41
C GLY D 423 15.70 37.56 -12.17
N VAL D 424 16.76 36.92 -11.69
CA VAL D 424 18.03 36.90 -12.41
C VAL D 424 17.82 36.06 -13.68
N ALA D 425 18.27 36.59 -14.83
CA ALA D 425 18.09 35.93 -16.11
C ALA D 425 18.85 34.60 -16.13
N PRO D 426 18.19 33.51 -16.55
CA PRO D 426 18.80 32.18 -16.57
C PRO D 426 20.05 32.09 -17.45
N GLU D 427 20.04 32.81 -18.58
CA GLU D 427 21.19 32.91 -19.46
C GLU D 427 22.40 33.49 -18.74
N LYS D 428 22.16 34.27 -17.68
CA LYS D 428 23.24 34.99 -17.02
C LYS D 428 23.68 34.31 -15.73
N ILE D 429 23.20 33.08 -15.47
CA ILE D 429 23.61 32.31 -14.31
C ILE D 429 24.65 31.29 -14.75
N PHE D 430 25.84 31.32 -14.13
CA PHE D 430 26.97 30.49 -14.54
C PHE D 430 27.34 29.47 -13.47
N LEU D 431 27.20 28.19 -13.81
CA LEU D 431 27.68 27.10 -12.97
C LEU D 431 29.01 26.62 -13.53
N VAL D 432 30.06 26.69 -12.71
CA VAL D 432 31.42 26.52 -13.20
C VAL D 432 32.12 25.40 -12.41
N GLU D 433 33.18 24.85 -13.00
CA GLU D 433 34.08 23.93 -12.32
C GLU D 433 35.40 24.67 -12.07
N LYS D 434 36.29 24.08 -11.27
CA LYS D 434 37.59 24.70 -11.00
C LYS D 434 38.31 24.93 -12.32
N GLY D 435 38.91 26.12 -12.47
CA GLY D 435 39.75 26.41 -13.62
C GLY D 435 38.97 27.07 -14.76
N ASP D 436 37.64 27.04 -14.66
CA ASP D 436 36.80 27.72 -15.62
C ASP D 436 37.12 29.21 -15.61
N VAL D 437 36.97 29.85 -16.77
CA VAL D 437 37.22 31.28 -16.89
C VAL D 437 35.98 31.96 -17.44
N ILE D 438 35.45 32.91 -16.66
CA ILE D 438 34.34 33.74 -17.10
C ILE D 438 34.92 35.10 -17.51
N SER D 439 34.70 35.46 -18.78
CA SER D 439 35.27 36.66 -19.35
C SER D 439 34.18 37.59 -19.83
N TYR D 440 34.49 38.89 -19.86
CA TYR D 440 33.58 39.92 -20.37
C TYR D 440 34.35 40.91 -21.24
N ASN D 441 34.32 40.66 -22.56
CA ASN D 441 34.98 41.47 -23.57
C ASN D 441 34.42 42.89 -23.56
N GLY D 442 33.30 43.07 -22.84
CA GLY D 442 32.55 44.32 -22.82
C GLY D 442 31.26 44.21 -23.60
N LYS D 443 31.03 43.04 -24.23
CA LYS D 443 29.84 42.85 -25.07
C LYS D 443 29.35 41.40 -24.98
N ASP D 444 29.96 40.56 -24.14
CA ASP D 444 29.62 39.15 -24.13
C ASP D 444 30.24 38.42 -22.95
N MET D 445 29.41 37.94 -22.02
CA MET D 445 29.97 37.16 -20.93
C MET D 445 30.10 35.72 -21.41
N ILE D 446 31.34 35.25 -21.54
CA ILE D 446 31.61 33.95 -22.15
C ILE D 446 32.43 33.06 -21.23
N LEU D 447 32.11 31.76 -21.26
CA LEU D 447 32.94 30.72 -20.67
C LEU D 447 33.61 29.95 -21.79
N ASN D 448 34.76 30.43 -22.27
CA ASN D 448 35.39 29.85 -23.44
C ASN D 448 36.84 29.46 -23.18
N GLU D 449 37.39 29.84 -22.01
CA GLU D 449 38.79 29.58 -21.67
C GLU D 449 38.82 28.69 -20.41
N LYS D 450 39.93 27.96 -20.20
CA LYS D 450 40.11 27.12 -19.02
C LYS D 450 41.58 27.06 -18.64
N VAL D 451 41.89 27.34 -17.37
CA VAL D 451 43.27 27.44 -16.92
C VAL D 451 43.54 26.30 -15.94
N GLN D 452 44.80 26.22 -15.51
CA GLN D 452 45.26 25.16 -14.63
C GLN D 452 44.60 25.31 -13.25
N SER D 453 44.02 24.20 -12.78
CA SER D 453 43.44 24.12 -11.45
C SER D 453 43.69 22.74 -10.85
N GLY D 454 43.63 22.62 -9.53
CA GLY D 454 43.87 21.32 -8.92
C GLY D 454 44.06 21.38 -7.42
N ASN D 455 44.42 20.21 -6.87
CA ASN D 455 44.56 20.02 -5.43
C ASN D 455 46.02 19.70 -5.14
N ILE D 456 46.60 20.42 -4.16
CA ILE D 456 47.94 20.14 -3.68
C ILE D 456 47.83 19.58 -2.26
N LEU D 457 48.20 18.31 -2.08
CA LEU D 457 48.12 17.65 -0.79
C LEU D 457 49.41 17.90 0.00
N ILE D 458 49.28 18.05 1.32
CA ILE D 458 50.39 18.44 2.18
C ILE D 458 50.42 17.50 3.39
MN MN E . -5.41 -2.07 19.11
MN MN F . -35.73 -18.89 -0.95
MN MN G . 8.33 -10.37 -27.02
MN MN H . 33.06 29.68 7.77
#